data_3BWQ
#
_entry.id   3BWQ
#
_cell.length_a   154.040
_cell.length_b   93.660
_cell.length_c   120.810
_cell.angle_alpha   90.00
_cell.angle_beta   105.54
_cell.angle_gamma   90.00
#
_symmetry.space_group_name_H-M   'C 1 2 1'
#
loop_
_entity.id
_entity.type
_entity.pdbx_description
1 polymer 'Capsid protein VP1'
2 water water
#
_entity_poly.entity_id   1
_entity_poly.type   'polypeptide(L)'
_entity_poly.pdbx_seq_one_letter_code
;GSHMGGIEVLGVKTGVDSFTEVECFLNPQMGNPDEHQKGLSKSLAAEKQFTDDSPDKEQLPCYSVARIPLPNINEDLTCG
NILMWEAVTVKTEVIGVTAMLNLHSGTQKTHENGAGKPIQGSNFHFFAVGGEPLELQGVLANYRTKYPAQTVTPKNATVD
SQQMNTDHKAVLDKDNAYPVECWVPDPSKNENTRYFGTYTGGENVPPVLHITNTATTVLLDEQGVGPLCKADSLYVSAVD
ICGLFTNTSGTQQWKGLPRYFKITLRKRSVKN
;
_entity_poly.pdbx_strand_id   A,B,C,D,E
#
# COMPACT_ATOMS: atom_id res chain seq x y z
N GLY A 6 8.45 -37.37 -10.04
CA GLY A 6 8.41 -36.31 -11.09
C GLY A 6 8.99 -36.77 -12.41
N ILE A 7 9.02 -35.87 -13.39
CA ILE A 7 9.56 -36.18 -14.70
C ILE A 7 11.02 -35.74 -14.81
N GLU A 8 11.87 -36.62 -15.32
CA GLU A 8 13.27 -36.26 -15.54
C GLU A 8 13.42 -35.48 -16.86
N VAL A 9 13.94 -34.27 -16.76
CA VAL A 9 14.16 -33.42 -17.92
C VAL A 9 15.63 -33.31 -18.24
N LEU A 10 15.95 -33.00 -19.50
CA LEU A 10 17.32 -32.66 -19.86
C LEU A 10 17.42 -31.22 -20.37
N GLY A 11 18.65 -30.75 -20.57
CA GLY A 11 18.92 -29.37 -20.97
C GLY A 11 18.03 -28.82 -22.06
N VAL A 12 18.09 -27.50 -22.22
CA VAL A 12 17.29 -26.78 -23.21
C VAL A 12 18.01 -26.68 -24.56
N LYS A 13 17.26 -26.91 -25.64
CA LYS A 13 17.78 -26.73 -27.01
C LYS A 13 16.68 -26.27 -27.97
N THR A 14 16.58 -24.96 -28.16
CA THR A 14 15.57 -24.36 -29.03
C THR A 14 16.12 -24.12 -30.44
N GLY A 15 15.26 -24.32 -31.43
CA GLY A 15 15.59 -24.01 -32.80
C GLY A 15 14.43 -23.31 -33.47
N VAL A 16 14.31 -23.49 -34.78
CA VAL A 16 13.15 -22.97 -35.50
C VAL A 16 11.98 -23.95 -35.38
N ASP A 17 10.76 -23.43 -35.44
CA ASP A 17 9.58 -24.27 -35.34
C ASP A 17 9.49 -24.94 -33.98
N SER A 18 10.05 -24.28 -32.97
CA SER A 18 10.16 -24.87 -31.64
C SER A 18 9.20 -24.21 -30.63
N PHE A 19 8.43 -23.22 -31.10
CA PHE A 19 7.56 -22.44 -30.23
C PHE A 19 6.09 -22.45 -30.66
N THR A 20 5.22 -21.85 -29.85
CA THR A 20 3.80 -21.74 -30.18
C THR A 20 3.06 -20.93 -29.11
N GLU A 21 1.94 -20.32 -29.50
CA GLU A 21 1.09 -19.58 -28.57
C GLU A 21 -0.34 -20.08 -28.60
N VAL A 22 -0.99 -20.10 -27.44
CA VAL A 22 -2.41 -20.42 -27.35
C VAL A 22 -3.10 -19.38 -26.47
N GLU A 23 -4.36 -19.07 -26.78
CA GLU A 23 -5.12 -18.09 -26.00
C GLU A 23 -6.50 -18.64 -25.63
N CYS A 24 -7.15 -18.00 -24.67
CA CYS A 24 -8.37 -18.54 -24.09
C CYS A 24 -9.12 -17.49 -23.28
N PHE A 25 -10.42 -17.39 -23.53
CA PHE A 25 -11.32 -16.63 -22.68
C PHE A 25 -12.12 -17.58 -21.80
N LEU A 26 -12.00 -17.43 -20.48
CA LEU A 26 -12.74 -18.26 -19.53
C LEU A 26 -13.88 -17.50 -18.85
N ASN A 27 -15.12 -17.93 -19.09
CA ASN A 27 -16.26 -17.36 -18.39
C ASN A 27 -16.23 -17.66 -16.90
N PRO A 28 -16.80 -16.74 -16.09
CA PRO A 28 -16.93 -16.96 -14.66
C PRO A 28 -18.06 -17.92 -14.36
N GLN A 29 -18.01 -18.57 -13.20
CA GLN A 29 -19.06 -19.49 -12.78
C GLN A 29 -19.58 -19.13 -11.40
N MET A 30 -20.35 -18.05 -11.33
CA MET A 30 -20.83 -17.51 -10.05
C MET A 30 -22.09 -18.23 -9.55
N GLY A 31 -22.83 -18.83 -10.48
CA GLY A 31 -24.06 -19.55 -10.14
C GLY A 31 -25.10 -19.48 -11.24
N ASN A 32 -25.28 -18.29 -11.80
CA ASN A 32 -26.21 -18.04 -12.90
C ASN A 32 -27.64 -18.49 -12.58
N PRO A 33 -28.35 -17.69 -11.76
CA PRO A 33 -29.67 -18.04 -11.23
C PRO A 33 -30.70 -18.26 -12.34
N ASP A 34 -30.60 -17.50 -13.42
CA ASP A 34 -31.37 -17.78 -14.63
C ASP A 34 -30.60 -17.30 -15.87
N GLU A 35 -31.28 -17.31 -17.01
CA GLU A 35 -30.64 -16.90 -18.27
C GLU A 35 -30.21 -15.43 -18.23
N HIS A 36 -31.01 -14.59 -17.60
CA HIS A 36 -30.78 -13.14 -17.63
C HIS A 36 -29.73 -12.66 -16.62
N GLN A 37 -29.16 -13.59 -15.87
CA GLN A 37 -28.28 -13.23 -14.76
C GLN A 37 -26.95 -14.01 -14.81
N LYS A 38 -26.38 -14.12 -16.00
CA LYS A 38 -25.06 -14.71 -16.18
C LYS A 38 -24.00 -13.78 -15.59
N GLY A 39 -23.07 -14.35 -14.83
CA GLY A 39 -22.03 -13.56 -14.18
C GLY A 39 -22.42 -13.15 -12.76
N LEU A 40 -23.63 -13.49 -12.37
CA LEU A 40 -24.09 -13.27 -11.01
C LEU A 40 -24.46 -14.60 -10.35
N SER A 41 -24.57 -14.57 -9.02
CA SER A 41 -25.08 -15.73 -8.30
C SER A 41 -26.54 -15.50 -7.95
N LYS A 42 -27.14 -16.52 -7.36
CA LYS A 42 -28.45 -16.37 -6.76
C LYS A 42 -28.33 -15.54 -5.49
N SER A 43 -29.37 -14.79 -5.17
CA SER A 43 -29.42 -14.03 -3.93
C SER A 43 -28.89 -14.88 -2.78
N LEU A 44 -28.04 -14.29 -1.97
CA LEU A 44 -27.36 -15.01 -0.89
C LEU A 44 -28.16 -15.02 0.42
N ALA A 45 -28.10 -16.14 1.14
CA ALA A 45 -28.76 -16.26 2.43
C ALA A 45 -27.79 -15.94 3.57
N ALA A 46 -28.34 -15.64 4.74
CA ALA A 46 -27.56 -15.33 5.91
C ALA A 46 -28.22 -15.85 7.17
N GLU A 47 -27.46 -15.93 8.26
CA GLU A 47 -28.00 -16.28 9.56
C GLU A 47 -28.60 -17.68 9.57
N LYS A 48 -28.12 -18.53 8.67
CA LYS A 48 -28.54 -19.93 8.62
C LYS A 48 -27.94 -20.72 9.78
N GLN A 49 -28.69 -21.70 10.28
CA GLN A 49 -28.23 -22.48 11.42
C GLN A 49 -27.14 -23.46 11.01
N PHE A 50 -26.15 -23.63 11.89
CA PHE A 50 -25.00 -24.49 11.57
C PHE A 50 -25.42 -25.91 11.16
N THR A 51 -26.48 -26.43 11.80
CA THR A 51 -26.90 -27.83 11.65
C THR A 51 -27.94 -28.03 10.54
N ASP A 52 -28.48 -26.95 10.03
CA ASP A 52 -29.45 -27.04 8.93
C ASP A 52 -29.16 -25.98 7.86
N ASP A 53 -28.06 -26.18 7.15
CA ASP A 53 -27.62 -25.24 6.12
C ASP A 53 -27.45 -25.95 4.79
N SER A 54 -28.46 -25.81 3.93
CA SER A 54 -28.45 -26.43 2.60
C SER A 54 -28.48 -25.37 1.51
N PRO A 55 -27.30 -24.89 1.09
CA PRO A 55 -27.25 -23.86 0.06
C PRO A 55 -27.58 -24.43 -1.31
N ASP A 56 -28.16 -23.58 -2.17
CA ASP A 56 -28.43 -23.94 -3.55
C ASP A 56 -27.16 -23.87 -4.38
N LYS A 57 -27.05 -24.69 -5.43
CA LYS A 57 -25.86 -24.67 -6.26
C LYS A 57 -25.65 -23.28 -6.86
N GLU A 58 -26.76 -22.60 -7.16
CA GLU A 58 -26.70 -21.31 -7.84
C GLU A 58 -26.23 -20.22 -6.87
N GLN A 59 -26.16 -20.56 -5.60
CA GLN A 59 -25.69 -19.63 -4.57
C GLN A 59 -24.19 -19.77 -4.36
N LEU A 60 -23.60 -20.80 -4.94
CA LEU A 60 -22.19 -21.13 -4.73
C LEU A 60 -21.34 -20.97 -5.98
N PRO A 61 -20.50 -19.92 -6.03
CA PRO A 61 -19.51 -19.76 -7.10
C PRO A 61 -18.54 -20.95 -7.13
N CYS A 62 -18.17 -21.39 -8.33
CA CYS A 62 -17.27 -22.52 -8.49
C CYS A 62 -16.03 -22.13 -9.29
N TYR A 63 -14.97 -22.94 -9.15
CA TYR A 63 -13.76 -22.79 -9.96
C TYR A 63 -14.06 -22.94 -11.44
N SER A 64 -13.37 -22.14 -12.26
CA SER A 64 -13.44 -22.28 -13.70
C SER A 64 -12.22 -23.07 -14.19
N VAL A 65 -12.44 -23.94 -15.19
CA VAL A 65 -11.37 -24.76 -15.75
C VAL A 65 -11.60 -25.09 -17.23
N ALA A 66 -10.50 -25.13 -17.98
CA ALA A 66 -10.54 -25.53 -19.39
C ALA A 66 -9.28 -26.30 -19.75
N ARG A 67 -9.47 -27.45 -20.39
CA ARG A 67 -8.37 -28.18 -20.99
C ARG A 67 -8.13 -27.64 -22.40
N ILE A 68 -6.89 -27.25 -22.67
CA ILE A 68 -6.54 -26.66 -23.97
C ILE A 68 -5.63 -27.58 -24.78
N PRO A 69 -6.12 -28.00 -25.95
CA PRO A 69 -5.36 -28.87 -26.84
C PRO A 69 -4.16 -28.15 -27.45
N LEU A 70 -3.03 -28.86 -27.51
CA LEU A 70 -1.83 -28.36 -28.14
C LEU A 70 -1.52 -29.14 -29.40
N PRO A 71 -0.77 -28.53 -30.35
CA PRO A 71 -0.31 -29.22 -31.55
C PRO A 71 0.38 -30.54 -31.21
N ASN A 72 -0.05 -31.62 -31.86
CA ASN A 72 0.54 -32.93 -31.63
C ASN A 72 1.97 -32.96 -32.11
N ILE A 73 2.91 -33.28 -31.21
CA ILE A 73 4.31 -33.37 -31.60
C ILE A 73 4.61 -34.80 -32.08
N ASN A 74 3.56 -35.63 -32.09
CA ASN A 74 3.58 -36.97 -32.68
C ASN A 74 4.68 -37.90 -32.15
N GLU A 75 4.97 -37.82 -30.87
CA GLU A 75 6.01 -38.65 -30.25
C GLU A 75 5.49 -40.06 -29.96
N ASP A 76 6.29 -41.07 -30.31
CA ASP A 76 5.96 -42.45 -29.94
C ASP A 76 6.58 -42.76 -28.59
N LEU A 77 5.72 -42.97 -27.59
CA LEU A 77 6.13 -43.08 -26.19
C LEU A 77 6.70 -44.46 -25.85
N THR A 78 7.25 -45.13 -26.84
CA THR A 78 7.88 -46.43 -26.62
C THR A 78 9.38 -46.28 -26.33
N CYS A 79 9.92 -45.13 -26.74
CA CYS A 79 11.35 -44.85 -26.59
C CYS A 79 11.61 -43.97 -25.36
N GLY A 80 12.82 -44.10 -24.80
CA GLY A 80 13.16 -43.40 -23.56
C GLY A 80 13.34 -41.90 -23.66
N ASN A 81 13.34 -41.36 -24.88
CA ASN A 81 13.52 -39.92 -25.09
C ASN A 81 12.44 -39.33 -26.00
N ILE A 82 11.66 -38.38 -25.47
CA ILE A 82 10.55 -37.76 -26.21
C ILE A 82 10.52 -36.21 -26.09
N LEU A 83 9.64 -35.55 -26.86
CA LEU A 83 9.40 -34.10 -26.73
C LEU A 83 8.05 -33.79 -26.08
N MET A 84 8.04 -32.80 -25.19
CA MET A 84 6.79 -32.30 -24.59
C MET A 84 6.72 -30.79 -24.73
N TRP A 85 5.50 -30.27 -24.74
CA TRP A 85 5.32 -28.82 -24.69
C TRP A 85 5.62 -28.31 -23.28
N GLU A 86 6.38 -27.23 -23.21
CA GLU A 86 6.75 -26.62 -21.94
C GLU A 86 6.26 -25.17 -21.85
N ALA A 87 5.34 -24.91 -20.91
CA ALA A 87 4.79 -23.58 -20.74
C ALA A 87 5.82 -22.63 -20.13
N VAL A 88 6.07 -21.52 -20.82
CA VAL A 88 7.19 -20.63 -20.47
C VAL A 88 6.73 -19.30 -19.87
N THR A 89 5.70 -18.71 -20.46
CA THR A 89 5.17 -17.44 -19.99
C THR A 89 3.66 -17.36 -20.15
N VAL A 90 3.03 -16.50 -19.37
CA VAL A 90 1.60 -16.22 -19.52
C VAL A 90 1.29 -14.74 -19.35
N LYS A 91 0.43 -14.22 -20.21
CA LYS A 91 -0.24 -12.95 -19.99
C LYS A 91 -1.68 -13.24 -19.62
N THR A 92 -2.18 -12.60 -18.57
CA THR A 92 -3.55 -12.85 -18.12
C THR A 92 -4.24 -11.55 -17.75
N GLU A 93 -5.56 -11.50 -17.97
CA GLU A 93 -6.31 -10.27 -17.89
C GLU A 93 -7.74 -10.52 -17.44
N VAL A 94 -8.26 -9.63 -16.61
CA VAL A 94 -9.67 -9.66 -16.20
C VAL A 94 -10.52 -8.82 -17.17
N ILE A 95 -11.57 -9.42 -17.72
CA ILE A 95 -12.32 -8.82 -18.84
C ILE A 95 -13.63 -8.15 -18.40
N GLY A 96 -13.74 -6.85 -18.67
CA GLY A 96 -14.98 -6.11 -18.46
C GLY A 96 -15.08 -5.33 -17.17
N VAL A 97 -13.94 -4.80 -16.70
CA VAL A 97 -13.90 -4.12 -15.41
C VAL A 97 -14.69 -2.82 -15.40
N THR A 98 -14.78 -2.17 -16.56
CA THR A 98 -15.51 -0.91 -16.68
C THR A 98 -17.03 -1.11 -16.64
N ALA A 99 -17.48 -2.36 -16.79
CA ALA A 99 -18.91 -2.67 -16.73
C ALA A 99 -19.52 -2.23 -15.41
N MET A 100 -18.70 -2.16 -14.37
CA MET A 100 -19.16 -1.86 -13.03
C MET A 100 -19.36 -0.36 -12.83
N LEU A 101 -19.08 0.40 -13.88
CA LEU A 101 -19.37 1.85 -13.88
C LEU A 101 -20.85 2.11 -14.21
N ASN A 102 -21.59 1.05 -14.46
CA ASN A 102 -23.03 1.12 -14.56
C ASN A 102 -23.64 1.12 -13.16
N LEU A 103 -24.12 2.28 -12.75
CA LEU A 103 -24.71 2.45 -11.41
C LEU A 103 -26.20 2.74 -11.49
N HIS A 104 -26.82 2.45 -12.63
CA HIS A 104 -28.23 2.79 -12.84
C HIS A 104 -29.13 1.56 -13.05
N SER A 105 -28.55 0.45 -13.51
CA SER A 105 -29.32 -0.77 -13.77
C SER A 105 -29.57 -1.60 -12.51
N GLY A 106 -30.80 -1.54 -11.99
CA GLY A 106 -31.22 -2.38 -10.87
C GLY A 106 -30.49 -2.16 -9.56
N THR A 107 -29.89 -0.97 -9.41
CA THR A 107 -29.07 -0.66 -8.24
C THR A 107 -29.89 -0.14 -7.06
N GLN A 108 -29.22 -0.05 -5.90
CA GLN A 108 -29.79 0.59 -4.74
C GLN A 108 -29.07 1.91 -4.50
N LYS A 109 -29.82 3.01 -4.40
CA LYS A 109 -29.19 4.31 -4.21
C LYS A 109 -28.51 4.38 -2.84
N THR A 110 -27.49 5.24 -2.74
CA THR A 110 -26.71 5.37 -1.51
C THR A 110 -27.37 6.35 -0.55
N HIS A 111 -28.03 7.36 -1.12
CA HIS A 111 -28.74 8.36 -0.35
C HIS A 111 -29.77 9.08 -1.24
N GLU A 112 -30.65 9.86 -0.60
CA GLU A 112 -31.64 10.64 -1.33
C GLU A 112 -31.04 11.43 -2.48
N ASN A 113 -31.49 11.14 -3.69
CA ASN A 113 -30.98 11.78 -4.93
C ASN A 113 -29.57 11.32 -5.32
N GLY A 114 -29.10 10.26 -4.66
CA GLY A 114 -27.75 9.74 -4.89
C GLY A 114 -27.71 8.70 -5.98
N ALA A 115 -26.51 8.38 -6.45
CA ALA A 115 -26.33 7.35 -7.48
C ALA A 115 -26.40 5.95 -6.86
N GLY A 116 -26.44 4.94 -7.71
CA GLY A 116 -26.46 3.55 -7.25
C GLY A 116 -25.19 3.11 -6.55
N LYS A 117 -25.33 2.17 -5.63
CA LYS A 117 -24.20 1.62 -4.87
C LYS A 117 -23.36 0.65 -5.70
N PRO A 118 -22.06 0.94 -5.84
CA PRO A 118 -21.14 0.14 -6.66
C PRO A 118 -20.93 -1.26 -6.07
N ILE A 119 -20.55 -2.20 -6.94
CA ILE A 119 -20.19 -3.53 -6.48
C ILE A 119 -18.95 -3.45 -5.59
N GLN A 120 -19.01 -4.14 -4.45
CA GLN A 120 -17.95 -4.08 -3.44
C GLN A 120 -18.10 -5.22 -2.45
N GLY A 121 -17.15 -5.35 -1.52
CA GLY A 121 -17.18 -6.40 -0.52
C GLY A 121 -16.09 -7.44 -0.71
N SER A 122 -16.25 -8.60 -0.09
CA SER A 122 -15.29 -9.68 -0.22
C SER A 122 -15.04 -10.04 -1.69
N ASN A 123 -13.78 -10.32 -2.01
CA ASN A 123 -13.40 -10.71 -3.37
C ASN A 123 -12.30 -11.78 -3.36
N PHE A 124 -12.13 -12.44 -4.50
CA PHE A 124 -11.09 -13.45 -4.68
C PHE A 124 -10.71 -13.55 -6.14
N HIS A 125 -9.46 -13.19 -6.45
CA HIS A 125 -8.95 -13.26 -7.82
C HIS A 125 -7.77 -14.22 -7.91
N PHE A 126 -7.88 -15.16 -8.84
CA PHE A 126 -7.02 -16.33 -8.86
C PHE A 126 -6.86 -16.91 -10.25
N PHE A 127 -5.65 -17.34 -10.60
CA PHE A 127 -5.42 -18.05 -11.87
C PHE A 127 -4.29 -19.07 -11.72
N ALA A 128 -4.31 -20.09 -12.57
CA ALA A 128 -3.28 -21.11 -12.59
C ALA A 128 -3.02 -21.60 -14.02
N VAL A 129 -1.77 -21.99 -14.28
CA VAL A 129 -1.39 -22.64 -15.52
C VAL A 129 -0.60 -23.90 -15.21
N GLY A 130 -0.99 -25.02 -15.80
CA GLY A 130 -0.31 -26.30 -15.56
C GLY A 130 -0.42 -27.30 -16.71
N GLY A 131 0.43 -28.33 -16.68
CA GLY A 131 0.39 -29.38 -17.69
C GLY A 131 -0.52 -30.53 -17.30
N GLU A 132 -1.36 -30.27 -16.29
CA GLU A 132 -2.31 -31.24 -15.77
C GLU A 132 -3.29 -30.49 -14.88
N PRO A 133 -4.39 -31.17 -14.48
CA PRO A 133 -5.39 -30.51 -13.63
C PRO A 133 -4.81 -30.00 -12.32
N LEU A 134 -5.33 -28.86 -11.84
CA LEU A 134 -4.90 -28.27 -10.58
C LEU A 134 -5.31 -29.16 -9.40
N GLU A 135 -4.36 -29.45 -8.53
CA GLU A 135 -4.63 -30.29 -7.36
C GLU A 135 -5.12 -29.46 -6.19
N LEU A 136 -6.17 -29.95 -5.52
CA LEU A 136 -6.90 -29.20 -4.51
C LEU A 136 -6.87 -29.84 -3.13
N GLN A 137 -7.00 -29.00 -2.10
CA GLN A 137 -7.17 -29.43 -0.73
C GLN A 137 -8.45 -28.83 -0.16
N GLY A 138 -9.25 -29.66 0.51
CA GLY A 138 -10.52 -29.22 1.07
C GLY A 138 -10.41 -28.60 2.44
N VAL A 139 -11.07 -27.46 2.63
CA VAL A 139 -11.22 -26.82 3.93
C VAL A 139 -12.61 -26.20 4.02
N LEU A 140 -13.29 -26.44 5.14
CA LEU A 140 -14.67 -25.94 5.29
C LEU A 140 -14.83 -24.96 6.46
N ALA A 141 -15.65 -23.94 6.25
CA ALA A 141 -16.02 -23.02 7.32
C ALA A 141 -16.97 -23.72 8.29
N ASN A 142 -17.91 -24.48 7.75
CA ASN A 142 -18.85 -25.28 8.54
C ASN A 142 -18.89 -26.70 8.01
N TYR A 143 -18.34 -27.64 8.77
CA TYR A 143 -18.19 -29.02 8.28
C TYR A 143 -19.54 -29.75 8.17
N ARG A 144 -20.59 -29.14 8.73
CA ARG A 144 -21.91 -29.76 8.73
C ARG A 144 -22.81 -29.19 7.64
N THR A 145 -22.25 -28.36 6.77
CA THR A 145 -22.99 -27.82 5.63
C THR A 145 -23.47 -28.95 4.72
N LYS A 146 -24.71 -28.85 4.28
CA LYS A 146 -25.29 -29.86 3.39
C LYS A 146 -25.24 -29.37 1.95
N TYR A 147 -24.20 -29.79 1.23
CA TYR A 147 -23.98 -29.28 -0.13
C TYR A 147 -24.87 -29.98 -1.15
N PRO A 148 -25.32 -29.24 -2.18
CA PRO A 148 -26.23 -29.73 -3.21
C PRO A 148 -25.57 -30.81 -4.07
N ALA A 149 -26.36 -31.71 -4.65
CA ALA A 149 -25.82 -32.89 -5.32
C ALA A 149 -24.91 -32.58 -6.51
N GLN A 150 -25.15 -31.43 -7.14
CA GLN A 150 -24.47 -31.02 -8.38
C GLN A 150 -23.12 -30.35 -8.14
N THR A 151 -22.48 -30.68 -7.03
CA THR A 151 -21.17 -30.11 -6.71
C THR A 151 -20.24 -31.17 -6.16
N VAL A 152 -18.95 -31.02 -6.45
CA VAL A 152 -17.95 -31.88 -5.85
C VAL A 152 -17.43 -31.19 -4.60
N THR A 153 -17.73 -31.76 -3.44
CA THR A 153 -17.25 -31.21 -2.18
C THR A 153 -16.56 -32.29 -1.37
N PRO A 154 -15.86 -31.90 -0.30
CA PRO A 154 -15.12 -32.86 0.53
C PRO A 154 -16.00 -34.00 1.04
N LYS A 155 -15.55 -35.23 0.82
CA LYS A 155 -16.26 -36.43 1.25
C LYS A 155 -16.03 -36.76 2.71
N ASN A 156 -17.06 -37.25 3.37
CA ASN A 156 -16.98 -37.64 4.78
C ASN A 156 -16.40 -36.53 5.64
N ALA A 157 -16.92 -35.32 5.45
CA ALA A 157 -16.47 -34.16 6.22
C ALA A 157 -16.58 -34.43 7.72
N THR A 158 -15.53 -34.09 8.46
CA THR A 158 -15.51 -34.34 9.89
C THR A 158 -15.19 -33.07 10.67
N VAL A 159 -15.00 -33.24 11.97
CA VAL A 159 -14.64 -32.15 12.87
C VAL A 159 -13.41 -31.39 12.36
N ASP A 160 -12.48 -32.12 11.77
CA ASP A 160 -11.18 -31.56 11.40
C ASP A 160 -11.20 -30.90 10.01
N SER A 161 -12.33 -30.98 9.33
CA SER A 161 -12.45 -30.40 7.99
C SER A 161 -12.46 -28.87 8.06
N GLN A 162 -12.58 -28.33 9.27
CA GLN A 162 -12.53 -26.87 9.47
C GLN A 162 -11.08 -26.43 9.71
N GLN A 163 -10.20 -27.41 9.93
CA GLN A 163 -8.76 -27.18 9.91
C GLN A 163 -8.12 -28.15 8.92
N MET A 164 -7.11 -28.90 9.36
CA MET A 164 -6.46 -29.86 8.46
C MET A 164 -7.14 -31.24 8.45
N ASN A 165 -7.65 -31.63 7.29
CA ASN A 165 -8.09 -33.00 7.06
C ASN A 165 -7.50 -33.52 5.75
N THR A 166 -6.38 -34.22 5.85
CA THR A 166 -5.59 -34.61 4.67
C THR A 166 -6.32 -35.59 3.74
N ASP A 167 -7.51 -36.03 4.12
CA ASP A 167 -8.30 -36.92 3.28
C ASP A 167 -8.93 -36.17 2.12
N HIS A 168 -9.17 -34.87 2.31
CA HIS A 168 -9.84 -34.05 1.29
C HIS A 168 -8.87 -33.61 0.20
N LYS A 169 -8.49 -34.55 -0.66
CA LYS A 169 -7.70 -34.25 -1.85
C LYS A 169 -8.57 -34.38 -3.09
N ALA A 170 -8.32 -33.54 -4.08
CA ALA A 170 -9.08 -33.59 -5.34
C ALA A 170 -8.30 -32.90 -6.45
N VAL A 171 -8.85 -32.95 -7.66
CA VAL A 171 -8.27 -32.24 -8.80
C VAL A 171 -9.36 -31.45 -9.51
N LEU A 172 -8.99 -30.31 -10.07
CA LEU A 172 -9.93 -29.48 -10.81
C LEU A 172 -10.07 -30.01 -12.24
N ASP A 173 -10.96 -30.98 -12.41
CA ASP A 173 -11.16 -31.64 -13.71
C ASP A 173 -12.53 -31.32 -14.32
N LYS A 174 -13.40 -30.68 -13.54
CA LYS A 174 -14.72 -30.30 -14.02
C LYS A 174 -14.99 -28.81 -13.80
N ASP A 175 -15.54 -28.15 -14.81
CA ASP A 175 -15.87 -26.74 -14.71
C ASP A 175 -17.25 -26.54 -14.07
N ASN A 176 -17.33 -25.60 -13.14
CA ASN A 176 -18.59 -25.27 -12.47
C ASN A 176 -19.07 -26.39 -11.52
N ALA A 177 -18.13 -27.19 -11.05
CA ALA A 177 -18.46 -28.31 -10.16
C ALA A 177 -17.87 -28.13 -8.76
N TYR A 178 -16.70 -27.49 -8.68
CA TYR A 178 -15.99 -27.36 -7.41
C TYR A 178 -16.20 -25.99 -6.78
N PRO A 179 -17.03 -25.92 -5.72
CA PRO A 179 -17.33 -24.65 -5.06
C PRO A 179 -16.08 -23.99 -4.49
N VAL A 180 -15.90 -22.71 -4.78
CA VAL A 180 -14.72 -21.99 -4.32
C VAL A 180 -14.56 -22.09 -2.79
N GLU A 181 -15.68 -22.03 -2.07
CA GLU A 181 -15.65 -21.97 -0.60
C GLU A 181 -15.25 -23.32 0.03
N CYS A 182 -15.04 -24.34 -0.80
CA CYS A 182 -14.73 -25.68 -0.29
C CYS A 182 -13.27 -26.07 -0.51
N TRP A 183 -12.65 -25.50 -1.55
CA TRP A 183 -11.35 -25.96 -2.02
C TRP A 183 -10.30 -24.86 -2.16
N VAL A 184 -9.06 -25.21 -1.86
CA VAL A 184 -7.92 -24.37 -2.20
C VAL A 184 -6.87 -25.19 -2.92
N PRO A 185 -6.00 -24.55 -3.70
CA PRO A 185 -4.90 -25.28 -4.29
C PRO A 185 -4.00 -25.90 -3.22
N ASP A 186 -3.56 -27.12 -3.45
CA ASP A 186 -2.75 -27.87 -2.51
C ASP A 186 -1.26 -27.58 -2.69
N PRO A 187 -0.65 -26.91 -1.70
CA PRO A 187 0.77 -26.55 -1.76
C PRO A 187 1.72 -27.74 -1.58
N SER A 188 1.20 -28.87 -1.11
CA SER A 188 2.02 -30.08 -0.93
C SER A 188 2.13 -30.88 -2.24
N LYS A 189 1.41 -30.43 -3.27
CA LYS A 189 1.51 -31.03 -4.59
C LYS A 189 1.73 -29.93 -5.63
N ASN A 190 1.13 -30.07 -6.80
CA ASN A 190 1.17 -29.03 -7.83
C ASN A 190 2.57 -28.72 -8.34
N GLU A 191 3.38 -29.76 -8.43
CA GLU A 191 4.74 -29.66 -8.95
C GLU A 191 4.75 -29.24 -10.41
N ASN A 192 3.65 -29.52 -11.12
CA ASN A 192 3.57 -29.28 -12.55
C ASN A 192 2.57 -28.16 -12.89
N THR A 193 2.27 -27.33 -11.89
CA THR A 193 1.36 -26.19 -12.04
C THR A 193 1.89 -24.97 -11.29
N ARG A 194 1.64 -23.79 -11.85
CA ARG A 194 1.90 -22.52 -11.17
C ARG A 194 0.60 -21.79 -10.88
N TYR A 195 0.38 -21.37 -9.63
CA TYR A 195 -0.87 -20.68 -9.27
C TYR A 195 -0.63 -19.41 -8.44
N PHE A 196 -1.61 -18.50 -8.52
CA PHE A 196 -1.53 -17.21 -7.86
C PHE A 196 -2.92 -16.73 -7.47
N GLY A 197 -3.09 -16.36 -6.20
CA GLY A 197 -4.39 -15.87 -5.74
C GLY A 197 -4.35 -14.90 -4.58
N THR A 198 -5.35 -14.03 -4.52
CA THR A 198 -5.50 -13.08 -3.41
C THR A 198 -6.95 -13.03 -2.91
N TYR A 199 -7.13 -13.26 -1.60
CA TYR A 199 -8.43 -13.11 -0.94
C TYR A 199 -8.52 -11.80 -0.14
N THR A 200 -9.61 -11.07 -0.30
CA THR A 200 -9.88 -9.90 0.53
C THR A 200 -11.27 -10.01 1.18
N GLY A 201 -11.33 -9.88 2.51
CA GLY A 201 -12.58 -10.02 3.23
C GLY A 201 -13.09 -8.71 3.84
N GLY A 202 -14.40 -8.54 3.85
CA GLY A 202 -15.02 -7.33 4.38
C GLY A 202 -16.09 -6.79 3.43
N GLU A 203 -17.27 -6.49 3.97
CA GLU A 203 -18.44 -6.18 3.13
C GLU A 203 -18.31 -4.83 2.40
N ASN A 204 -17.40 -3.98 2.86
CA ASN A 204 -17.22 -2.66 2.24
C ASN A 204 -15.91 -2.51 1.48
N VAL A 205 -15.22 -3.63 1.25
CA VAL A 205 -13.93 -3.63 0.54
C VAL A 205 -14.06 -3.16 -0.91
N PRO A 206 -13.31 -2.11 -1.27
CA PRO A 206 -13.28 -1.60 -2.63
C PRO A 206 -12.46 -2.48 -3.57
N PRO A 207 -13.08 -2.94 -4.68
CA PRO A 207 -12.33 -3.62 -5.72
C PRO A 207 -11.24 -2.71 -6.31
N VAL A 208 -10.06 -3.28 -6.52
CA VAL A 208 -8.97 -2.62 -7.22
C VAL A 208 -8.46 -3.54 -8.33
N LEU A 209 -8.67 -3.13 -9.58
CA LEU A 209 -8.38 -4.00 -10.72
C LEU A 209 -7.56 -3.29 -11.80
N HIS A 210 -6.39 -3.83 -12.10
CA HIS A 210 -5.49 -3.27 -13.11
C HIS A 210 -5.60 -4.01 -14.45
N ILE A 211 -5.50 -3.28 -15.55
CA ILE A 211 -5.45 -3.88 -16.88
C ILE A 211 -4.28 -3.33 -17.70
N THR A 212 -3.67 -4.21 -18.50
CA THR A 212 -2.55 -3.86 -19.36
C THR A 212 -2.21 -5.03 -20.27
N ASN A 213 -1.52 -4.74 -21.38
CA ASN A 213 -1.05 -5.81 -22.27
C ASN A 213 0.47 -5.91 -22.25
N THR A 214 1.07 -5.33 -21.21
CA THR A 214 2.54 -5.26 -21.10
C THR A 214 3.08 -6.09 -19.94
N ALA A 215 2.20 -6.75 -19.20
CA ALA A 215 2.62 -7.56 -18.04
C ALA A 215 2.70 -9.05 -18.37
N THR A 216 3.87 -9.64 -18.12
CA THR A 216 4.10 -11.06 -18.37
C THR A 216 4.55 -11.80 -17.10
N THR A 217 4.01 -12.99 -16.89
CA THR A 217 4.45 -13.85 -15.79
C THR A 217 5.26 -15.03 -16.32
N VAL A 218 6.44 -15.25 -15.74
CA VAL A 218 7.30 -16.34 -16.16
C VAL A 218 6.96 -17.60 -15.35
N LEU A 219 6.86 -18.73 -16.04
CA LEU A 219 6.34 -19.95 -15.43
C LEU A 219 7.43 -20.99 -15.10
N LEU A 220 8.68 -20.64 -15.35
CA LEU A 220 9.80 -21.53 -15.04
C LEU A 220 10.02 -21.60 -13.52
N ASP A 221 10.38 -22.79 -13.03
CA ASP A 221 10.64 -22.98 -11.60
C ASP A 221 12.11 -22.71 -11.26
N GLU A 222 12.51 -22.99 -10.02
CA GLU A 222 13.89 -22.67 -9.60
C GLU A 222 14.92 -23.40 -10.46
N GLN A 223 14.49 -24.43 -11.18
CA GLN A 223 15.39 -25.21 -12.00
C GLN A 223 15.41 -24.73 -13.45
N GLY A 224 14.53 -23.79 -13.76
CA GLY A 224 14.41 -23.26 -15.12
C GLY A 224 13.52 -24.12 -16.00
N VAL A 225 12.58 -24.82 -15.36
CA VAL A 225 11.63 -25.68 -16.07
C VAL A 225 10.20 -25.21 -15.83
N GLY A 226 9.47 -24.99 -16.92
CA GLY A 226 8.05 -24.64 -16.85
C GLY A 226 7.20 -25.90 -16.83
N PRO A 227 5.88 -25.75 -16.61
CA PRO A 227 4.96 -26.89 -16.61
C PRO A 227 5.08 -27.72 -17.90
N LEU A 228 5.20 -29.05 -17.72
CA LEU A 228 5.30 -30.01 -18.81
C LEU A 228 3.93 -30.60 -19.16
N CYS A 229 3.49 -30.37 -20.40
CA CYS A 229 2.10 -30.62 -20.81
C CYS A 229 1.82 -32.07 -21.25
N LYS A 230 1.18 -32.83 -20.37
CA LYS A 230 0.91 -34.25 -20.62
C LYS A 230 -0.15 -34.44 -21.72
N ALA A 231 0.08 -35.44 -22.57
CA ALA A 231 -0.81 -35.76 -23.70
C ALA A 231 -1.04 -34.54 -24.59
N ASP A 232 -0.02 -33.72 -24.73
CA ASP A 232 -0.12 -32.49 -25.51
C ASP A 232 -1.36 -31.69 -25.13
N SER A 233 -1.58 -31.56 -23.82
CA SER A 233 -2.72 -30.82 -23.26
C SER A 233 -2.29 -29.85 -22.18
N LEU A 234 -2.99 -28.72 -22.12
CA LEU A 234 -2.71 -27.67 -21.16
C LEU A 234 -3.93 -27.40 -20.27
N TYR A 235 -3.71 -26.92 -19.05
CA TYR A 235 -4.84 -26.58 -18.16
C TYR A 235 -4.77 -25.16 -17.64
N VAL A 236 -5.88 -24.44 -17.77
CA VAL A 236 -6.01 -23.11 -17.20
C VAL A 236 -7.19 -23.07 -16.24
N SER A 237 -6.98 -22.48 -15.06
CA SER A 237 -8.00 -22.41 -14.02
C SER A 237 -8.12 -20.98 -13.51
N ALA A 238 -9.29 -20.61 -12.98
CA ALA A 238 -9.52 -19.23 -12.56
C ALA A 238 -10.73 -19.05 -11.65
N VAL A 239 -10.61 -18.07 -10.75
CA VAL A 239 -11.72 -17.52 -10.00
C VAL A 239 -11.59 -16.00 -9.97
N ASP A 240 -12.67 -15.29 -10.24
CA ASP A 240 -12.63 -13.83 -10.20
C ASP A 240 -13.92 -13.25 -9.61
N ILE A 241 -14.11 -13.51 -8.32
CA ILE A 241 -15.18 -12.90 -7.55
C ILE A 241 -14.84 -11.46 -7.24
N CYS A 242 -15.53 -10.52 -7.91
CA CYS A 242 -15.23 -9.10 -7.81
C CYS A 242 -15.80 -8.45 -6.55
N GLY A 243 -16.86 -9.05 -6.02
CA GLY A 243 -17.56 -8.51 -4.85
C GLY A 243 -19.05 -8.83 -4.88
N LEU A 244 -19.82 -8.02 -4.17
CA LEU A 244 -21.27 -8.22 -4.10
C LEU A 244 -22.03 -7.15 -4.87
N PHE A 245 -23.03 -7.59 -5.63
CA PHE A 245 -23.97 -6.65 -6.25
C PHE A 245 -25.17 -6.50 -5.33
N THR A 246 -25.55 -5.24 -5.07
CA THR A 246 -26.68 -4.94 -4.20
C THR A 246 -27.89 -4.51 -5.01
N ASN A 247 -28.98 -5.27 -4.90
CA ASN A 247 -30.23 -4.93 -5.56
C ASN A 247 -30.95 -3.77 -4.89
N THR A 248 -31.90 -3.17 -5.60
CA THR A 248 -32.72 -2.09 -5.06
C THR A 248 -33.35 -2.47 -3.72
N SER A 249 -33.62 -3.76 -3.55
CA SER A 249 -34.30 -4.27 -2.36
C SER A 249 -33.35 -4.47 -1.18
N GLY A 250 -32.09 -4.72 -1.48
CA GLY A 250 -31.11 -4.99 -0.43
C GLY A 250 -30.53 -6.40 -0.48
N THR A 251 -31.09 -7.24 -1.34
CA THR A 251 -30.54 -8.57 -1.56
C THR A 251 -29.24 -8.47 -2.36
N GLN A 252 -28.33 -9.40 -2.14
CA GLN A 252 -27.00 -9.31 -2.74
C GLN A 252 -26.62 -10.58 -3.47
N GLN A 253 -25.87 -10.44 -4.55
CA GLN A 253 -25.38 -11.60 -5.31
C GLN A 253 -23.91 -11.39 -5.72
N TRP A 254 -23.10 -12.44 -5.64
CA TRP A 254 -21.71 -12.36 -6.09
C TRP A 254 -21.63 -11.92 -7.55
N LYS A 255 -20.63 -11.10 -7.86
CA LYS A 255 -20.33 -10.75 -9.25
C LYS A 255 -18.99 -11.35 -9.68
N GLY A 256 -18.96 -11.88 -10.90
CA GLY A 256 -17.73 -12.39 -11.48
C GLY A 256 -17.50 -11.81 -12.86
N LEU A 257 -16.25 -11.88 -13.33
CA LEU A 257 -15.90 -11.44 -14.68
C LEU A 257 -15.04 -12.50 -15.37
N PRO A 258 -15.08 -12.54 -16.72
CA PRO A 258 -14.27 -13.51 -17.47
C PRO A 258 -12.77 -13.23 -17.32
N ARG A 259 -11.95 -14.21 -17.70
CA ARG A 259 -10.51 -14.07 -17.62
C ARG A 259 -9.85 -14.56 -18.92
N TYR A 260 -8.86 -13.81 -19.38
CA TYR A 260 -8.14 -14.13 -20.61
C TYR A 260 -6.75 -14.70 -20.33
N PHE A 261 -6.35 -15.68 -21.14
CA PHE A 261 -5.03 -16.27 -21.03
C PHE A 261 -4.30 -16.21 -22.36
N LYS A 262 -2.99 -16.03 -22.31
CA LYS A 262 -2.15 -16.13 -23.49
C LYS A 262 -0.82 -16.76 -23.09
N ILE A 263 -0.65 -18.04 -23.45
CA ILE A 263 0.50 -18.81 -23.00
C ILE A 263 1.47 -19.11 -24.15
N THR A 264 2.76 -18.94 -23.88
CA THR A 264 3.81 -19.27 -24.82
C THR A 264 4.51 -20.54 -24.37
N LEU A 265 4.69 -21.48 -25.30
CA LEU A 265 5.31 -22.77 -24.98
C LEU A 265 6.48 -23.09 -25.91
N ARG A 266 7.40 -23.92 -25.41
CA ARG A 266 8.51 -24.40 -26.21
C ARG A 266 8.62 -25.91 -26.13
N LYS A 267 9.28 -26.52 -27.10
CA LYS A 267 9.47 -27.97 -27.12
C LYS A 267 10.67 -28.36 -26.26
N ARG A 268 10.50 -29.36 -25.40
CA ARG A 268 11.58 -29.75 -24.48
C ARG A 268 11.82 -31.26 -24.46
N SER A 269 13.10 -31.64 -24.36
CA SER A 269 13.50 -33.03 -24.20
C SER A 269 13.28 -33.53 -22.77
N VAL A 270 12.59 -34.67 -22.64
CA VAL A 270 12.37 -35.30 -21.33
C VAL A 270 12.73 -36.79 -21.38
N LYS A 271 12.96 -37.37 -20.20
CA LYS A 271 13.30 -38.78 -20.05
C LYS A 271 12.04 -39.62 -19.85
N ASN A 272 11.75 -40.46 -20.83
CA ASN A 272 10.53 -41.27 -20.83
C ASN A 272 10.74 -42.67 -20.25
N SER B 18 16.28 11.59 -37.27
CA SER B 18 15.80 10.21 -36.94
C SER B 18 14.82 10.20 -35.75
N PHE B 19 14.73 11.32 -35.04
CA PHE B 19 13.88 11.40 -33.85
C PHE B 19 12.90 12.58 -33.93
N THR B 20 11.86 12.53 -33.09
CA THR B 20 10.87 13.60 -33.05
C THR B 20 9.97 13.46 -31.83
N GLU B 21 9.38 14.56 -31.38
CA GLU B 21 8.45 14.55 -30.26
C GLU B 21 7.13 15.20 -30.64
N VAL B 22 6.03 14.63 -30.12
CA VAL B 22 4.71 15.22 -30.26
C VAL B 22 4.03 15.27 -28.89
N GLU B 23 3.21 16.29 -28.67
CA GLU B 23 2.47 16.43 -27.41
C GLU B 23 0.99 16.70 -27.66
N CYS B 24 0.19 16.53 -26.62
CA CYS B 24 -1.26 16.57 -26.77
C CYS B 24 -1.97 16.71 -25.43
N PHE B 25 -2.93 17.64 -25.35
CA PHE B 25 -3.85 17.71 -24.24
C PHE B 25 -5.20 17.16 -24.68
N LEU B 26 -5.67 16.11 -23.98
CA LEU B 26 -6.97 15.52 -24.26
C LEU B 26 -8.02 15.86 -23.22
N ASN B 27 -9.07 16.55 -23.63
CA ASN B 27 -10.19 16.84 -22.74
C ASN B 27 -10.94 15.58 -22.35
N PRO B 28 -11.53 15.57 -21.14
CA PRO B 28 -12.36 14.46 -20.71
C PRO B 28 -13.73 14.51 -21.38
N GLN B 29 -14.42 13.37 -21.42
CA GLN B 29 -15.74 13.31 -22.02
C GLN B 29 -16.73 12.64 -21.06
N MET B 30 -17.10 13.38 -20.01
CA MET B 30 -17.95 12.84 -18.95
C MET B 30 -19.44 12.90 -19.32
N GLY B 31 -19.80 13.82 -20.20
CA GLY B 31 -21.18 13.98 -20.61
C GLY B 31 -21.52 15.41 -21.01
N ASN B 32 -21.07 16.36 -20.20
CA ASN B 32 -21.26 17.78 -20.49
C ASN B 32 -22.73 18.17 -20.73
N PRO B 33 -23.54 18.18 -19.65
CA PRO B 33 -24.99 18.42 -19.74
C PRO B 33 -25.33 19.81 -20.28
N ASP B 34 -24.47 20.80 -19.99
CA ASP B 34 -24.61 22.13 -20.58
C ASP B 34 -23.27 22.86 -20.54
N GLU B 35 -23.19 23.99 -21.23
CA GLU B 35 -21.95 24.74 -21.38
C GLU B 35 -21.32 25.15 -20.04
N HIS B 36 -22.11 25.20 -18.98
CA HIS B 36 -21.57 25.64 -17.69
C HIS B 36 -21.02 24.47 -16.88
N GLN B 37 -21.26 23.25 -17.34
CA GLN B 37 -20.82 22.07 -16.60
C GLN B 37 -19.91 21.16 -17.43
N LYS B 38 -18.88 21.72 -18.04
CA LYS B 38 -17.89 20.91 -18.75
C LYS B 38 -16.95 20.25 -17.75
N GLY B 39 -16.72 18.96 -17.94
CA GLY B 39 -15.92 18.16 -17.01
C GLY B 39 -16.80 17.28 -16.15
N LEU B 40 -18.10 17.57 -16.13
CA LEU B 40 -19.06 16.80 -15.36
C LEU B 40 -19.96 15.98 -16.28
N SER B 41 -20.64 14.99 -15.70
CA SER B 41 -21.68 14.26 -16.39
C SER B 41 -23.02 14.90 -16.07
N LYS B 42 -24.08 14.41 -16.69
CA LYS B 42 -25.41 14.77 -16.23
C LYS B 42 -25.64 14.09 -14.89
N SER B 43 -26.68 14.50 -14.17
CA SER B 43 -27.06 13.88 -12.91
C SER B 43 -27.34 12.39 -13.11
N LEU B 44 -26.73 11.57 -12.26
CA LEU B 44 -26.83 10.12 -12.39
C LEU B 44 -28.13 9.58 -11.81
N ALA B 45 -28.69 8.58 -12.46
CA ALA B 45 -29.92 7.94 -12.00
C ALA B 45 -29.63 6.64 -11.26
N ALA B 46 -30.54 6.24 -10.38
CA ALA B 46 -30.39 4.99 -9.64
C ALA B 46 -31.70 4.21 -9.63
N GLU B 47 -31.61 2.94 -9.27
CA GLU B 47 -32.78 2.08 -9.02
C GLU B 47 -33.69 1.96 -10.25
N LYS B 48 -33.10 1.94 -11.43
CA LYS B 48 -33.90 1.75 -12.64
C LYS B 48 -34.08 0.27 -12.92
N GLN B 49 -35.22 -0.09 -13.47
CA GLN B 49 -35.56 -1.50 -13.70
C GLN B 49 -34.77 -2.08 -14.86
N PHE B 50 -34.28 -3.31 -14.70
CA PHE B 50 -33.44 -3.96 -15.71
C PHE B 50 -34.09 -3.91 -17.10
N THR B 51 -35.42 -3.99 -17.14
CA THR B 51 -36.14 -4.08 -18.40
C THR B 51 -36.57 -2.70 -18.94
N ASP B 52 -36.21 -1.64 -18.22
CA ASP B 52 -36.58 -0.28 -18.63
C ASP B 52 -35.55 0.75 -18.18
N ASP B 53 -34.31 0.59 -18.65
CA ASP B 53 -33.21 1.48 -18.30
C ASP B 53 -32.68 2.21 -19.53
N SER B 54 -33.13 3.44 -19.72
CA SER B 54 -32.75 4.22 -20.90
C SER B 54 -31.95 5.47 -20.53
N PRO B 55 -30.63 5.33 -20.39
CA PRO B 55 -29.77 6.42 -19.95
C PRO B 55 -29.61 7.49 -21.03
N ASP B 56 -29.52 8.74 -20.60
CA ASP B 56 -29.19 9.82 -21.51
C ASP B 56 -27.72 9.73 -21.85
N LYS B 57 -27.36 10.24 -23.02
CA LYS B 57 -25.95 10.21 -23.40
C LYS B 57 -25.10 11.03 -22.44
N GLU B 58 -25.69 12.10 -21.92
CA GLU B 58 -24.97 13.02 -21.05
C GLU B 58 -24.72 12.40 -19.67
N GLN B 59 -25.35 11.25 -19.42
CA GLN B 59 -25.17 10.53 -18.17
C GLN B 59 -24.04 9.49 -18.28
N LEU B 60 -23.54 9.30 -19.49
CA LEU B 60 -22.57 8.25 -19.77
C LEU B 60 -21.23 8.81 -20.24
N PRO B 61 -20.22 8.74 -19.38
CA PRO B 61 -18.85 9.08 -19.77
C PRO B 61 -18.35 8.18 -20.90
N CYS B 62 -17.62 8.76 -21.83
CA CYS B 62 -17.10 8.01 -22.98
C CYS B 62 -15.58 8.08 -23.07
N TYR B 63 -14.99 7.14 -23.80
CA TYR B 63 -13.56 7.16 -24.08
C TYR B 63 -13.17 8.42 -24.83
N SER B 64 -11.99 8.94 -24.53
CA SER B 64 -11.39 10.04 -25.28
C SER B 64 -10.37 9.49 -26.25
N VAL B 65 -10.27 10.11 -27.42
CA VAL B 65 -9.29 9.68 -28.43
C VAL B 65 -8.90 10.84 -29.35
N ALA B 66 -7.64 10.85 -29.76
CA ALA B 66 -7.13 11.83 -30.71
C ALA B 66 -6.12 11.16 -31.61
N ARG B 67 -6.26 11.38 -32.91
CA ARG B 67 -5.28 10.90 -33.88
C ARG B 67 -4.32 12.03 -34.18
N ILE B 68 -3.04 11.75 -34.03
CA ILE B 68 -1.99 12.76 -34.23
C ILE B 68 -1.23 12.49 -35.52
N PRO B 69 -1.31 13.43 -36.48
CA PRO B 69 -0.62 13.30 -37.75
C PRO B 69 0.88 13.53 -37.61
N LEU B 70 1.68 12.65 -38.21
CA LEU B 70 3.13 12.76 -38.15
C LEU B 70 3.71 13.10 -39.53
N PRO B 71 4.94 13.61 -39.56
CA PRO B 71 5.64 13.95 -40.80
C PRO B 71 5.75 12.74 -41.72
N ASN B 72 5.49 12.96 -43.01
CA ASN B 72 5.64 11.89 -43.99
C ASN B 72 7.11 11.57 -44.23
N ILE B 73 7.41 10.28 -44.35
CA ILE B 73 8.80 9.83 -44.43
C ILE B 73 9.07 8.95 -45.65
N ASN B 74 8.03 8.57 -46.38
CA ASN B 74 8.23 7.75 -47.58
C ASN B 74 7.74 8.46 -48.84
N GLU B 75 7.95 7.81 -49.97
CA GLU B 75 7.79 8.47 -51.26
C GLU B 75 7.24 7.56 -52.35
N ASP B 76 7.55 6.27 -52.24
CA ASP B 76 6.94 5.27 -53.10
C ASP B 76 6.66 4.03 -52.26
N LEU B 77 5.38 3.84 -51.95
CA LEU B 77 4.98 2.76 -51.07
C LEU B 77 4.88 1.43 -51.82
N THR B 78 5.40 1.41 -53.05
CA THR B 78 5.48 0.17 -53.80
C THR B 78 6.85 -0.49 -53.61
N CYS B 79 7.71 0.16 -52.83
CA CYS B 79 9.03 -0.38 -52.53
C CYS B 79 8.96 -1.45 -51.45
N GLY B 80 9.91 -2.39 -51.49
CA GLY B 80 9.93 -3.49 -50.55
C GLY B 80 10.33 -3.05 -49.15
N ASN B 81 11.09 -1.97 -49.06
CA ASN B 81 11.57 -1.47 -47.77
C ASN B 81 11.24 0.00 -47.56
N ILE B 82 10.54 0.29 -46.47
CA ILE B 82 10.12 1.66 -46.16
C ILE B 82 10.42 2.02 -44.70
N LEU B 83 10.27 3.30 -44.37
CA LEU B 83 10.43 3.77 -42.99
C LEU B 83 9.09 4.08 -42.34
N MET B 84 8.95 3.72 -41.07
CA MET B 84 7.78 4.10 -40.28
C MET B 84 8.20 4.76 -38.97
N TRP B 85 7.34 5.62 -38.43
CA TRP B 85 7.58 6.17 -37.11
C TRP B 85 7.30 5.11 -36.05
N GLU B 86 8.21 4.99 -35.09
CA GLU B 86 8.12 4.00 -34.02
C GLU B 86 8.09 4.68 -32.66
N ALA B 87 6.97 4.53 -31.95
CA ALA B 87 6.79 5.15 -30.64
C ALA B 87 7.65 4.46 -29.58
N VAL B 88 8.50 5.23 -28.90
CA VAL B 88 9.52 4.66 -28.03
C VAL B 88 9.23 4.90 -26.55
N THR B 89 8.82 6.12 -26.22
CA THR B 89 8.51 6.48 -24.84
C THR B 89 7.34 7.43 -24.75
N VAL B 90 6.68 7.45 -23.58
CA VAL B 90 5.63 8.43 -23.31
C VAL B 90 5.72 8.97 -21.88
N LYS B 91 5.53 10.29 -21.75
CA LYS B 91 5.24 10.91 -20.47
C LYS B 91 3.78 11.30 -20.49
N THR B 92 3.05 10.98 -19.42
CA THR B 92 1.63 11.29 -19.37
C THR B 92 1.24 11.81 -18.00
N GLU B 93 0.26 12.71 -17.97
CA GLU B 93 -0.06 13.49 -16.78
C GLU B 93 -1.55 13.85 -16.74
N VAL B 94 -2.12 13.78 -15.53
CA VAL B 94 -3.50 14.21 -15.28
C VAL B 94 -3.51 15.68 -14.91
N ILE B 95 -4.32 16.48 -15.62
CA ILE B 95 -4.25 17.95 -15.53
C ILE B 95 -5.37 18.55 -14.67
N GLY B 96 -4.97 19.25 -13.60
CA GLY B 96 -5.92 20.00 -12.78
C GLY B 96 -6.36 19.33 -11.49
N VAL B 97 -5.49 18.52 -10.91
CA VAL B 97 -5.85 17.75 -9.72
C VAL B 97 -6.14 18.63 -8.49
N THR B 98 -5.50 19.78 -8.41
CA THR B 98 -5.71 20.69 -7.28
C THR B 98 -7.07 21.41 -7.33
N ALA B 99 -7.72 21.35 -8.50
CA ALA B 99 -9.04 21.98 -8.68
C ALA B 99 -10.04 21.43 -7.67
N MET B 100 -9.80 20.20 -7.22
CA MET B 100 -10.72 19.51 -6.32
C MET B 100 -10.56 19.98 -4.87
N LEU B 101 -9.62 20.89 -4.65
CA LEU B 101 -9.45 21.54 -3.34
C LEU B 101 -10.46 22.68 -3.16
N ASN B 102 -11.27 22.92 -4.19
CA ASN B 102 -12.42 23.80 -4.08
C ASN B 102 -13.57 23.06 -3.42
N LEU B 103 -13.84 23.40 -2.16
CA LEU B 103 -14.90 22.73 -1.41
C LEU B 103 -16.04 23.68 -1.09
N HIS B 104 -16.10 24.81 -1.79
CA HIS B 104 -17.11 25.85 -1.50
C HIS B 104 -18.12 26.05 -2.63
N SER B 105 -17.73 25.72 -3.87
CA SER B 105 -18.61 25.94 -5.03
C SER B 105 -19.63 24.82 -5.22
N GLY B 106 -20.88 25.11 -4.87
CA GLY B 106 -21.99 24.19 -5.12
C GLY B 106 -21.91 22.87 -4.38
N THR B 107 -21.17 22.83 -3.27
CA THR B 107 -20.92 21.60 -2.55
C THR B 107 -22.00 21.30 -1.50
N GLN B 108 -21.95 20.08 -0.96
CA GLN B 108 -22.79 19.70 0.17
C GLN B 108 -21.92 19.56 1.42
N LYS B 109 -22.31 20.23 2.50
CA LYS B 109 -21.56 20.20 3.76
C LYS B 109 -21.56 18.82 4.39
N THR B 110 -20.40 18.39 4.86
CA THR B 110 -20.27 17.12 5.57
C THR B 110 -21.08 17.11 6.89
N HIS B 111 -21.10 18.26 7.56
CA HIS B 111 -21.85 18.41 8.80
C HIS B 111 -22.17 19.88 9.04
N GLU B 112 -23.04 20.14 10.01
CA GLU B 112 -23.36 21.51 10.40
C GLU B 112 -22.11 22.31 10.72
N ASN B 113 -21.87 23.39 9.96
CA ASN B 113 -20.70 24.25 10.17
C ASN B 113 -19.45 23.76 9.46
N GLY B 114 -19.54 22.62 8.79
CA GLY B 114 -18.37 21.99 8.17
C GLY B 114 -18.15 22.38 6.71
N ALA B 115 -16.95 22.11 6.22
CA ALA B 115 -16.63 22.33 4.81
C ALA B 115 -17.40 21.37 3.89
N GLY B 116 -17.33 21.61 2.59
CA GLY B 116 -18.03 20.76 1.62
C GLY B 116 -17.39 19.40 1.46
N LYS B 117 -18.19 18.44 0.99
CA LYS B 117 -17.74 17.07 0.73
C LYS B 117 -16.95 16.95 -0.57
N PRO B 118 -15.69 16.49 -0.47
CA PRO B 118 -14.79 16.36 -1.62
C PRO B 118 -15.26 15.32 -2.62
N ILE B 119 -14.79 15.44 -3.85
CA ILE B 119 -15.08 14.45 -4.88
C ILE B 119 -14.44 13.13 -4.49
N GLN B 120 -15.20 12.05 -4.63
CA GLN B 120 -14.78 10.72 -4.19
C GLN B 120 -15.69 9.66 -4.78
N GLY B 121 -15.35 8.39 -4.54
CA GLY B 121 -16.16 7.28 -5.05
C GLY B 121 -15.44 6.49 -6.14
N SER B 122 -16.20 5.71 -6.90
CA SER B 122 -15.65 4.91 -7.99
C SER B 122 -14.86 5.78 -8.96
N ASN B 123 -13.73 5.26 -9.44
CA ASN B 123 -12.89 5.96 -10.40
C ASN B 123 -12.26 5.02 -11.43
N PHE B 124 -11.78 5.59 -12.52
CA PHE B 124 -11.10 4.81 -13.55
C PHE B 124 -10.14 5.70 -14.32
N HIS B 125 -8.85 5.38 -14.22
CA HIS B 125 -7.80 6.13 -14.89
C HIS B 125 -7.04 5.24 -15.87
N PHE B 126 -6.96 5.69 -17.12
CA PHE B 126 -6.57 4.84 -18.23
C PHE B 126 -5.97 5.65 -19.37
N PHE B 127 -4.91 5.12 -19.97
CA PHE B 127 -4.33 5.72 -21.17
C PHE B 127 -3.74 4.66 -22.09
N ALA B 128 -3.65 4.99 -23.37
CA ALA B 128 -3.07 4.10 -24.37
C ALA B 128 -2.33 4.87 -25.45
N VAL B 129 -1.28 4.26 -26.00
CA VAL B 129 -0.55 4.80 -27.14
C VAL B 129 -0.39 3.71 -28.19
N GLY B 130 -0.72 4.03 -29.44
CA GLY B 130 -0.64 3.03 -30.51
C GLY B 130 -0.51 3.63 -31.91
N GLY B 131 -0.10 2.79 -32.86
CA GLY B 131 0.04 3.21 -34.26
C GLY B 131 -1.25 3.02 -35.06
N GLU B 132 -2.34 2.80 -34.34
CA GLU B 132 -3.66 2.58 -34.91
C GLU B 132 -4.68 2.67 -33.79
N PRO B 133 -5.98 2.73 -34.14
CA PRO B 133 -7.02 2.85 -33.13
C PRO B 133 -7.01 1.69 -32.13
N LEU B 134 -7.33 2.00 -30.88
CA LEU B 134 -7.41 0.99 -29.83
C LEU B 134 -8.53 0.01 -30.07
N GLU B 135 -8.23 -1.29 -29.99
CA GLU B 135 -9.23 -2.31 -30.23
C GLU B 135 -9.97 -2.67 -28.95
N LEU B 136 -11.29 -2.77 -29.04
CA LEU B 136 -12.15 -2.91 -27.86
C LEU B 136 -12.96 -4.20 -27.85
N GLN B 137 -13.32 -4.62 -26.64
CA GLN B 137 -14.21 -5.75 -26.43
C GLN B 137 -15.38 -5.31 -25.57
N GLY B 138 -16.59 -5.66 -25.98
CA GLY B 138 -17.78 -5.25 -25.25
C GLY B 138 -18.15 -6.17 -24.09
N VAL B 139 -18.43 -5.56 -22.94
CA VAL B 139 -19.00 -6.28 -21.80
C VAL B 139 -20.04 -5.39 -21.11
N LEU B 140 -21.18 -5.97 -20.77
CA LEU B 140 -22.30 -5.21 -20.22
C LEU B 140 -22.70 -5.66 -18.81
N ALA B 141 -23.01 -4.70 -17.94
CA ALA B 141 -23.54 -5.01 -16.62
C ALA B 141 -24.98 -5.47 -16.73
N ASN B 142 -25.74 -4.80 -17.60
CA ASN B 142 -27.11 -5.17 -17.91
C ASN B 142 -27.31 -5.23 -19.42
N TYR B 143 -27.47 -6.43 -19.97
CA TYR B 143 -27.51 -6.61 -21.42
C TYR B 143 -28.79 -6.02 -22.04
N ARG B 144 -29.77 -5.71 -21.20
CA ARG B 144 -31.05 -5.19 -21.66
C ARG B 144 -31.14 -3.66 -21.58
N THR B 145 -30.02 -3.03 -21.25
CA THR B 145 -29.95 -1.57 -21.22
C THR B 145 -30.26 -0.99 -22.61
N LYS B 146 -31.09 0.06 -22.63
CA LYS B 146 -31.44 0.72 -23.89
C LYS B 146 -30.58 1.97 -24.07
N TYR B 147 -29.49 1.82 -24.83
CA TYR B 147 -28.53 2.91 -24.97
C TYR B 147 -29.00 3.94 -26.01
N PRO B 148 -28.70 5.22 -25.75
CA PRO B 148 -29.15 6.35 -26.56
C PRO B 148 -28.46 6.42 -27.92
N ALA B 149 -29.02 7.25 -28.80
CA ALA B 149 -28.39 7.54 -30.07
C ALA B 149 -27.26 8.53 -29.89
N GLN B 150 -26.25 8.44 -30.74
CA GLN B 150 -25.06 9.27 -30.63
C GLN B 150 -23.96 8.54 -29.86
N THR B 151 -24.16 7.24 -29.66
CA THR B 151 -23.18 6.38 -29.01
C THR B 151 -23.02 5.07 -29.77
N VAL B 152 -21.83 4.48 -29.67
CA VAL B 152 -21.57 3.18 -30.27
C VAL B 152 -21.42 2.11 -29.20
N THR B 153 -22.47 1.29 -29.05
CA THR B 153 -22.48 0.23 -28.04
C THR B 153 -22.58 -1.14 -28.71
N PRO B 154 -22.39 -2.22 -27.92
CA PRO B 154 -22.42 -3.59 -28.45
C PRO B 154 -23.73 -3.90 -29.20
N LYS B 155 -23.59 -4.39 -30.43
CA LYS B 155 -24.73 -4.74 -31.28
C LYS B 155 -25.30 -6.10 -30.94
N ASN B 156 -26.63 -6.21 -31.01
CA ASN B 156 -27.31 -7.47 -30.76
C ASN B 156 -26.90 -8.08 -29.42
N ALA B 157 -26.90 -7.25 -28.38
CA ALA B 157 -26.56 -7.69 -27.04
C ALA B 157 -27.42 -8.87 -26.63
N THR B 158 -26.80 -9.90 -26.08
CA THR B 158 -27.51 -11.10 -25.67
C THR B 158 -27.24 -11.43 -24.21
N VAL B 159 -27.74 -12.59 -23.80
CA VAL B 159 -27.54 -13.12 -22.46
C VAL B 159 -26.07 -13.15 -22.07
N ASP B 160 -25.20 -13.44 -23.03
CA ASP B 160 -23.79 -13.65 -22.77
C ASP B 160 -22.98 -12.36 -22.78
N SER B 161 -23.62 -11.25 -23.12
CA SER B 161 -22.94 -9.96 -23.15
C SER B 161 -22.54 -9.50 -21.75
N GLN B 162 -23.05 -10.17 -20.72
CA GLN B 162 -22.70 -9.87 -19.33
C GLN B 162 -21.47 -10.68 -18.90
N GLN B 163 -21.10 -11.65 -19.74
CA GLN B 163 -19.83 -12.34 -19.64
C GLN B 163 -19.11 -12.26 -20.99
N MET B 164 -18.67 -13.39 -21.53
CA MET B 164 -17.97 -13.37 -22.83
C MET B 164 -18.93 -13.47 -24.04
N ASN B 165 -18.94 -12.44 -24.86
CA ASN B 165 -19.59 -12.48 -26.16
C ASN B 165 -18.64 -11.95 -27.23
N THR B 166 -17.94 -12.88 -27.90
CA THR B 166 -16.83 -12.52 -28.81
C THR B 166 -17.30 -11.75 -30.05
N ASP B 167 -18.60 -11.54 -30.18
CA ASP B 167 -19.13 -10.76 -31.30
C ASP B 167 -18.92 -9.27 -31.09
N HIS B 168 -18.83 -8.85 -29.83
CA HIS B 168 -18.69 -7.44 -29.50
C HIS B 168 -17.23 -6.96 -29.66
N LYS B 169 -16.79 -6.82 -30.90
CA LYS B 169 -15.49 -6.24 -31.19
C LYS B 169 -15.69 -4.86 -31.81
N ALA B 170 -14.77 -3.95 -31.52
CA ALA B 170 -14.83 -2.59 -32.04
C ALA B 170 -13.48 -1.91 -31.96
N VAL B 171 -13.39 -0.71 -32.50
CA VAL B 171 -12.18 0.10 -32.40
C VAL B 171 -12.53 1.51 -31.93
N LEU B 172 -11.63 2.13 -31.18
CA LEU B 172 -11.85 3.48 -30.70
C LEU B 172 -11.47 4.48 -31.79
N ASP B 173 -12.41 4.77 -32.68
CA ASP B 173 -12.14 5.65 -33.82
C ASP B 173 -12.89 6.98 -33.72
N LYS B 174 -13.71 7.13 -32.69
CA LYS B 174 -14.53 8.33 -32.52
C LYS B 174 -14.50 8.83 -31.08
N ASP B 175 -14.25 10.13 -30.92
CA ASP B 175 -14.21 10.76 -29.60
C ASP B 175 -15.63 11.01 -29.07
N ASN B 176 -15.80 10.85 -27.76
CA ASN B 176 -17.09 11.08 -27.11
C ASN B 176 -18.22 10.28 -27.75
N ALA B 177 -17.96 9.00 -28.00
CA ALA B 177 -18.96 8.14 -28.65
C ALA B 177 -19.07 6.75 -28.00
N TYR B 178 -17.94 6.21 -27.55
CA TYR B 178 -17.90 4.87 -26.95
C TYR B 178 -18.00 4.95 -25.42
N PRO B 179 -19.16 4.60 -24.85
CA PRO B 179 -19.35 4.69 -23.40
C PRO B 179 -18.38 3.79 -22.64
N VAL B 180 -17.75 4.35 -21.61
CA VAL B 180 -16.76 3.59 -20.84
C VAL B 180 -17.37 2.30 -20.27
N GLU B 181 -18.62 2.38 -19.81
CA GLU B 181 -19.25 1.23 -19.15
C GLU B 181 -19.59 0.09 -20.11
N CYS B 182 -19.35 0.29 -21.40
CA CYS B 182 -19.68 -0.74 -22.40
C CYS B 182 -18.46 -1.49 -22.93
N TRP B 183 -17.31 -0.83 -22.92
CA TRP B 183 -16.13 -1.35 -23.62
C TRP B 183 -14.87 -1.42 -22.75
N VAL B 184 -14.05 -2.44 -23.00
CA VAL B 184 -12.70 -2.52 -22.47
C VAL B 184 -11.72 -2.80 -23.60
N PRO B 185 -10.45 -2.46 -23.41
CA PRO B 185 -9.45 -2.83 -24.40
C PRO B 185 -9.37 -4.36 -24.53
N ASP B 186 -9.24 -4.84 -25.76
CA ASP B 186 -9.21 -6.27 -26.06
C ASP B 186 -7.80 -6.83 -25.99
N PRO B 187 -7.55 -7.69 -24.99
CA PRO B 187 -6.23 -8.29 -24.77
C PRO B 187 -5.86 -9.33 -25.83
N SER B 188 -6.84 -9.81 -26.60
CA SER B 188 -6.58 -10.80 -27.65
C SER B 188 -6.11 -10.13 -28.94
N LYS B 189 -6.11 -8.79 -28.95
CA LYS B 189 -5.58 -8.01 -30.06
C LYS B 189 -4.60 -6.97 -29.54
N ASN B 190 -4.60 -5.79 -30.15
CA ASN B 190 -3.79 -4.65 -29.68
C ASN B 190 -2.28 -4.91 -29.72
N GLU B 191 -1.85 -5.65 -30.73
CA GLU B 191 -0.45 -5.96 -30.95
C GLU B 191 0.36 -4.69 -31.22
N ASN B 192 -0.31 -3.66 -31.72
CA ASN B 192 0.35 -2.42 -32.11
C ASN B 192 0.00 -1.24 -31.19
N THR B 193 -0.50 -1.56 -29.99
CA THR B 193 -0.87 -0.58 -28.99
C THR B 193 -0.41 -1.00 -27.60
N ARG B 194 -0.04 -0.03 -26.76
CA ARG B 194 0.23 -0.28 -25.35
C ARG B 194 -0.80 0.45 -24.49
N TYR B 195 -1.44 -0.27 -23.56
CA TYR B 195 -2.45 0.37 -22.69
C TYR B 195 -2.31 0.02 -21.22
N PHE B 196 -2.81 0.91 -20.37
CA PHE B 196 -2.68 0.80 -18.92
C PHE B 196 -3.88 1.40 -18.22
N GLY B 197 -4.52 0.64 -17.34
CA GLY B 197 -5.69 1.15 -16.62
C GLY B 197 -5.93 0.58 -15.23
N THR B 198 -6.56 1.38 -14.37
CA THR B 198 -6.92 0.92 -13.03
C THR B 198 -8.35 1.33 -12.67
N TYR B 199 -9.17 0.35 -12.28
CA TYR B 199 -10.51 0.60 -11.79
C TYR B 199 -10.58 0.46 -10.26
N THR B 200 -11.21 1.42 -9.60
CA THR B 200 -11.51 1.34 -8.17
C THR B 200 -12.99 1.56 -7.91
N GLY B 201 -13.64 0.60 -7.24
CA GLY B 201 -15.06 0.68 -6.94
C GLY B 201 -15.39 0.91 -5.48
N GLY B 202 -16.45 1.68 -5.22
CA GLY B 202 -16.87 2.01 -3.86
C GLY B 202 -17.18 3.49 -3.74
N GLU B 203 -18.33 3.83 -3.15
CA GLU B 203 -18.82 5.22 -3.17
C GLU B 203 -18.01 6.17 -2.29
N ASN B 204 -17.22 5.62 -1.37
CA ASN B 204 -16.41 6.44 -0.47
C ASN B 204 -14.91 6.37 -0.76
N VAL B 205 -14.55 5.80 -1.91
CA VAL B 205 -13.14 5.64 -2.29
C VAL B 205 -12.44 6.98 -2.49
N PRO B 206 -11.34 7.21 -1.76
CA PRO B 206 -10.53 8.42 -1.91
C PRO B 206 -9.67 8.40 -3.15
N PRO B 207 -9.80 9.43 -4.00
CA PRO B 207 -8.87 9.60 -5.13
C PRO B 207 -7.43 9.78 -4.65
N VAL B 208 -6.50 9.11 -5.34
CA VAL B 208 -5.07 9.27 -5.10
C VAL B 208 -4.38 9.53 -6.43
N LEU B 209 -3.87 10.75 -6.59
CA LEU B 209 -3.35 11.19 -7.89
C LEU B 209 -1.96 11.81 -7.76
N HIS B 210 -1.00 11.25 -8.48
CA HIS B 210 0.38 11.72 -8.46
C HIS B 210 0.71 12.54 -9.71
N ILE B 211 1.52 13.58 -9.52
CA ILE B 211 2.00 14.38 -10.65
C ILE B 211 3.53 14.56 -10.59
N THR B 212 4.15 14.53 -11.77
CA THR B 212 5.59 14.73 -11.91
C THR B 212 5.96 14.86 -13.37
N ASN B 213 7.12 15.45 -13.65
CA ASN B 213 7.64 15.51 -15.02
C ASN B 213 8.88 14.63 -15.19
N THR B 214 9.08 13.71 -14.23
CA THR B 214 10.27 12.85 -14.22
C THR B 214 9.94 11.38 -14.51
N ALA B 215 8.67 11.06 -14.72
CA ALA B 215 8.27 9.68 -14.96
C ALA B 215 8.07 9.39 -16.46
N THR B 216 8.76 8.37 -16.94
CA THR B 216 8.67 7.95 -18.35
C THR B 216 8.27 6.48 -18.47
N THR B 217 7.37 6.19 -19.41
CA THR B 217 6.98 4.81 -19.73
C THR B 217 7.57 4.40 -21.07
N VAL B 218 8.22 3.24 -21.10
CA VAL B 218 8.83 2.71 -22.31
C VAL B 218 7.81 1.85 -23.08
N LEU B 219 7.74 2.04 -24.39
CA LEU B 219 6.67 1.45 -25.19
C LEU B 219 7.13 0.26 -26.04
N LEU B 220 8.40 -0.09 -25.92
CA LEU B 220 8.95 -1.25 -26.65
C LEU B 220 8.42 -2.55 -26.06
N ASP B 221 8.16 -3.53 -26.92
CA ASP B 221 7.65 -4.83 -26.50
C ASP B 221 8.78 -5.80 -26.19
N GLU B 222 8.47 -7.05 -25.90
CA GLU B 222 9.54 -7.99 -25.50
C GLU B 222 10.56 -8.21 -26.63
N GLN B 223 10.25 -7.76 -27.83
CA GLN B 223 11.18 -7.86 -28.95
C GLN B 223 11.99 -6.59 -29.16
N GLY B 224 11.68 -5.55 -28.39
CA GLY B 224 12.37 -4.27 -28.54
C GLY B 224 11.76 -3.40 -29.63
N VAL B 225 10.48 -3.63 -29.92
CA VAL B 225 9.77 -2.85 -30.93
C VAL B 225 8.61 -2.09 -30.30
N GLY B 226 8.55 -0.78 -30.54
CA GLY B 226 7.43 0.04 -30.10
C GLY B 226 6.34 0.07 -31.16
N PRO B 227 5.17 0.66 -30.84
CA PRO B 227 4.09 0.78 -31.80
C PRO B 227 4.54 1.43 -33.11
N LEU B 228 4.18 0.81 -34.23
CA LEU B 228 4.51 1.33 -35.55
C LEU B 228 3.30 2.07 -36.12
N CYS B 229 3.50 3.33 -36.47
CA CYS B 229 2.40 4.22 -36.83
C CYS B 229 1.98 4.06 -38.29
N LYS B 230 0.85 3.38 -38.49
CA LYS B 230 0.30 3.16 -39.83
C LYS B 230 -0.30 4.42 -40.41
N ALA B 231 -0.09 4.63 -41.70
CA ALA B 231 -0.61 5.83 -42.37
C ALA B 231 -0.10 7.12 -41.70
N ASP B 232 1.08 7.04 -41.12
CA ASP B 232 1.69 8.20 -40.45
C ASP B 232 0.77 8.81 -39.39
N SER B 233 0.08 7.95 -38.64
CA SER B 233 -0.86 8.39 -37.61
C SER B 233 -0.52 7.78 -36.25
N LEU B 234 -0.57 8.62 -35.22
CA LEU B 234 -0.37 8.19 -33.85
C LEU B 234 -1.65 8.36 -33.06
N TYR B 235 -2.10 7.30 -32.40
CA TYR B 235 -3.34 7.36 -31.63
C TYR B 235 -3.11 7.42 -30.13
N VAL B 236 -3.79 8.36 -29.47
CA VAL B 236 -3.78 8.44 -28.02
C VAL B 236 -5.20 8.35 -27.46
N SER B 237 -5.40 7.49 -26.47
CA SER B 237 -6.71 7.29 -25.88
C SER B 237 -6.64 7.45 -24.36
N ALA B 238 -7.76 7.82 -23.73
CA ALA B 238 -7.77 8.08 -22.28
C ALA B 238 -9.16 8.08 -21.66
N VAL B 239 -9.21 7.64 -20.40
CA VAL B 239 -10.33 7.86 -19.52
C VAL B 239 -9.80 8.28 -18.15
N ASP B 240 -10.38 9.32 -17.56
CA ASP B 240 -9.95 9.76 -16.22
C ASP B 240 -11.13 10.19 -15.35
N ILE B 241 -11.96 9.21 -14.99
CA ILE B 241 -13.05 9.41 -14.06
C ILE B 241 -12.49 9.47 -12.64
N CYS B 242 -12.51 10.66 -12.06
CA CYS B 242 -11.90 10.91 -10.75
C CYS B 242 -12.78 10.47 -9.59
N GLY B 243 -14.09 10.43 -9.84
CA GLY B 243 -15.05 10.09 -8.80
C GLY B 243 -16.36 10.82 -9.00
N LEU B 244 -17.12 10.98 -7.92
CA LEU B 244 -18.43 11.63 -7.98
C LEU B 244 -18.42 12.99 -7.30
N PHE B 245 -19.01 13.98 -7.97
CA PHE B 245 -19.25 15.27 -7.36
C PHE B 245 -20.65 15.28 -6.73
N THR B 246 -20.72 15.68 -5.47
CA THR B 246 -22.00 15.72 -4.77
C THR B 246 -22.52 17.17 -4.67
N ASN B 247 -23.68 17.40 -5.28
CA ASN B 247 -24.33 18.69 -5.21
C ASN B 247 -24.96 18.92 -3.85
N THR B 248 -25.24 20.19 -3.54
CA THR B 248 -25.88 20.52 -2.27
C THR B 248 -27.16 19.69 -2.05
N SER B 249 -27.90 19.43 -3.12
CA SER B 249 -29.17 18.72 -3.01
C SER B 249 -28.98 17.24 -2.75
N GLY B 250 -27.74 16.77 -2.95
CA GLY B 250 -27.44 15.35 -2.77
C GLY B 250 -27.27 14.60 -4.08
N THR B 251 -27.67 15.21 -5.19
CA THR B 251 -27.51 14.59 -6.51
C THR B 251 -26.05 14.60 -6.94
N GLN B 252 -25.64 13.59 -7.70
CA GLN B 252 -24.24 13.41 -8.03
C GLN B 252 -24.00 13.29 -9.53
N GLN B 253 -22.78 13.61 -9.93
CA GLN B 253 -22.36 13.50 -11.32
C GLN B 253 -20.86 13.18 -11.38
N TRP B 254 -20.47 12.36 -12.36
CA TRP B 254 -19.06 12.02 -12.54
C TRP B 254 -18.21 13.25 -12.79
N LYS B 255 -16.98 13.21 -12.28
CA LYS B 255 -15.97 14.24 -12.57
C LYS B 255 -14.83 13.65 -13.37
N GLY B 256 -14.38 14.39 -14.39
CA GLY B 256 -13.23 14.00 -15.19
C GLY B 256 -12.21 15.13 -15.27
N LEU B 257 -10.98 14.79 -15.64
CA LEU B 257 -9.94 15.80 -15.85
C LEU B 257 -9.20 15.50 -17.16
N PRO B 258 -8.62 16.54 -17.78
CA PRO B 258 -7.86 16.35 -19.00
C PRO B 258 -6.59 15.53 -18.77
N ARG B 259 -6.01 15.04 -19.87
CA ARG B 259 -4.79 14.25 -19.81
C ARG B 259 -3.78 14.73 -20.84
N TYR B 260 -2.52 14.83 -20.43
CA TYR B 260 -1.44 15.26 -21.31
C TYR B 260 -0.58 14.09 -21.79
N PHE B 261 -0.13 14.16 -23.05
CA PHE B 261 0.76 13.16 -23.61
C PHE B 261 1.98 13.80 -24.21
N LYS B 262 3.12 13.13 -24.09
CA LYS B 262 4.35 13.54 -24.74
C LYS B 262 5.09 12.32 -25.20
N ILE B 263 5.04 12.06 -26.51
CA ILE B 263 5.59 10.84 -27.09
C ILE B 263 6.85 11.10 -27.91
N THR B 264 7.86 10.25 -27.74
CA THR B 264 9.07 10.31 -28.51
C THR B 264 9.10 9.15 -29.50
N LEU B 265 9.42 9.45 -30.76
CA LEU B 265 9.41 8.43 -31.80
C LEU B 265 10.72 8.40 -32.57
N ARG B 266 11.04 7.25 -33.15
CA ARG B 266 12.21 7.12 -34.00
C ARG B 266 11.82 6.48 -35.33
N LYS B 267 12.67 6.66 -36.34
CA LYS B 267 12.42 6.07 -37.66
C LYS B 267 12.90 4.62 -37.72
N ARG B 268 12.00 3.71 -38.11
CA ARG B 268 12.32 2.28 -38.24
C ARG B 268 12.11 1.74 -39.65
N SER B 269 12.92 0.75 -40.01
CA SER B 269 12.84 0.11 -41.31
C SER B 269 11.97 -1.14 -41.26
N VAL B 270 11.00 -1.21 -42.16
CA VAL B 270 10.11 -2.37 -42.20
C VAL B 270 9.94 -2.96 -43.60
N LYS B 271 9.52 -4.22 -43.62
CA LYS B 271 9.17 -4.91 -44.85
C LYS B 271 7.93 -4.31 -45.48
N ASN B 272 7.77 -4.57 -46.77
CA ASN B 272 6.59 -4.13 -47.49
C ASN B 272 6.30 -5.04 -48.69
N GLY C 6 17.79 26.47 -26.40
CA GLY C 6 17.98 27.59 -25.41
C GLY C 6 19.42 27.72 -24.96
N ILE C 7 19.90 26.73 -24.21
CA ILE C 7 21.25 26.76 -23.68
C ILE C 7 22.10 25.57 -24.16
N GLU C 8 23.29 25.86 -24.66
CA GLU C 8 24.25 24.81 -24.98
C GLU C 8 25.03 24.45 -23.72
N VAL C 9 24.85 23.21 -23.28
CA VAL C 9 25.46 22.73 -22.03
C VAL C 9 26.82 22.08 -22.31
N LEU C 10 27.81 22.47 -21.51
CA LEU C 10 29.19 21.99 -21.66
C LEU C 10 29.62 21.09 -20.50
N GLY C 11 30.91 21.14 -20.16
CA GLY C 11 31.49 20.24 -19.16
C GLY C 11 31.27 20.67 -17.73
N VAL C 12 31.19 19.68 -16.83
CA VAL C 12 30.99 19.95 -15.41
C VAL C 12 32.34 20.14 -14.73
N LYS C 13 32.46 21.21 -13.94
CA LYS C 13 33.68 21.46 -13.18
C LYS C 13 33.74 20.52 -11.98
N THR C 14 34.87 19.82 -11.83
CA THR C 14 35.00 18.78 -10.82
C THR C 14 36.07 19.10 -9.78
N GLY C 15 36.11 18.33 -8.70
CA GLY C 15 37.14 18.49 -7.68
C GLY C 15 36.77 19.46 -6.57
N VAL C 16 37.77 20.21 -6.12
CA VAL C 16 37.58 21.17 -5.02
C VAL C 16 36.98 22.48 -5.52
N ASP C 17 36.34 23.21 -4.60
CA ASP C 17 35.66 24.47 -4.92
C ASP C 17 34.79 24.31 -6.17
N SER C 18 34.11 23.17 -6.24
CA SER C 18 33.27 22.85 -7.39
C SER C 18 31.82 22.65 -6.93
N PHE C 19 31.66 22.38 -5.64
CA PHE C 19 30.36 22.12 -5.04
C PHE C 19 29.93 23.22 -4.09
N THR C 20 28.66 23.20 -3.73
CA THR C 20 28.11 24.08 -2.71
C THR C 20 26.75 23.57 -2.25
N GLU C 21 26.36 23.91 -1.03
CA GLU C 21 25.06 23.55 -0.50
C GLU C 21 24.28 24.76 0.00
N VAL C 22 22.97 24.75 -0.23
CA VAL C 22 22.09 25.78 0.32
C VAL C 22 20.89 25.10 0.99
N GLU C 23 20.36 25.73 2.03
CA GLU C 23 19.20 25.20 2.74
C GLU C 23 18.15 26.29 2.94
N CYS C 24 16.94 25.86 3.29
CA CYS C 24 15.80 26.76 3.36
C CYS C 24 14.62 26.14 4.10
N PHE C 25 14.06 26.90 5.04
CA PHE C 25 12.78 26.58 5.64
C PHE C 25 11.69 27.45 5.03
N LEU C 26 10.69 26.82 4.41
CA LEU C 26 9.56 27.53 3.81
C LEU C 26 8.28 27.40 4.64
N ASN C 27 7.77 28.52 5.13
CA ASN C 27 6.50 28.55 5.85
C ASN C 27 5.34 28.21 4.92
N PRO C 28 4.29 27.59 5.47
CA PRO C 28 3.08 27.33 4.70
C PRO C 28 2.25 28.60 4.54
N GLN C 29 1.39 28.64 3.53
CA GLN C 29 0.53 29.79 3.29
C GLN C 29 -0.93 29.36 3.17
N MET C 30 -1.53 29.00 4.31
CA MET C 30 -2.88 28.44 4.32
C MET C 30 -3.95 29.52 4.29
N GLY C 31 -3.59 30.72 4.76
CA GLY C 31 -4.52 31.84 4.80
C GLY C 31 -4.23 32.80 5.94
N ASN C 32 -3.97 32.22 7.13
CA ASN C 32 -3.67 32.98 8.35
C ASN C 32 -4.72 34.04 8.70
N PRO C 33 -5.92 33.60 9.14
CA PRO C 33 -7.03 34.54 9.38
C PRO C 33 -6.65 35.72 10.28
N ASP C 34 -5.89 35.45 11.35
CA ASP C 34 -5.38 36.54 12.20
C ASP C 34 -3.96 36.21 12.71
N GLU C 35 -3.51 36.93 13.72
CA GLU C 35 -2.12 36.78 14.20
C GLU C 35 -1.93 35.53 15.05
N HIS C 36 -3.01 35.03 15.65
CA HIS C 36 -2.93 33.85 16.52
C HIS C 36 -3.15 32.53 15.77
N GLN C 37 -3.43 32.61 14.47
CA GLN C 37 -3.81 31.44 13.69
C GLN C 37 -2.93 31.24 12.45
N LYS C 38 -1.62 31.40 12.61
CA LYS C 38 -0.69 31.11 11.53
C LYS C 38 -0.56 29.62 11.36
N GLY C 39 -0.59 29.17 10.10
CA GLY C 39 -0.58 27.74 9.80
C GLY C 39 -1.96 27.19 9.49
N LEU C 40 -2.99 28.00 9.73
CA LEU C 40 -4.37 27.63 9.42
C LEU C 40 -4.98 28.58 8.41
N SER C 41 -6.12 28.19 7.86
CA SER C 41 -6.90 29.08 7.01
C SER C 41 -8.03 29.70 7.82
N LYS C 42 -8.84 30.51 7.16
CA LYS C 42 -10.06 31.01 7.76
C LYS C 42 -11.14 29.94 7.67
N SER C 43 -11.97 29.84 8.71
CA SER C 43 -13.10 28.92 8.67
C SER C 43 -13.65 28.85 7.25
N LEU C 44 -13.92 27.63 6.79
CA LEU C 44 -14.29 27.41 5.39
C LEU C 44 -15.81 27.44 5.18
N ALA C 45 -16.21 27.92 4.01
CA ALA C 45 -17.63 28.01 3.66
C ALA C 45 -18.04 26.88 2.72
N ALA C 46 -19.24 26.36 2.92
CA ALA C 46 -19.77 25.31 2.07
C ALA C 46 -21.08 25.74 1.40
N GLU C 47 -21.50 24.96 0.40
CA GLU C 47 -22.82 25.11 -0.24
C GLU C 47 -23.06 26.49 -0.89
N LYS C 48 -22.01 27.15 -1.34
CA LYS C 48 -22.17 28.43 -2.04
C LYS C 48 -22.66 28.19 -3.47
N GLN C 49 -23.62 28.99 -3.92
CA GLN C 49 -24.14 28.83 -5.27
C GLN C 49 -23.07 29.17 -6.30
N PHE C 50 -23.09 28.43 -7.42
CA PHE C 50 -22.09 28.61 -8.49
C PHE C 50 -21.98 30.05 -8.96
N THR C 51 -23.12 30.72 -9.10
CA THR C 51 -23.17 32.08 -9.63
C THR C 51 -23.04 33.17 -8.56
N ASP C 52 -22.72 32.77 -7.33
CA ASP C 52 -22.52 33.73 -6.26
C ASP C 52 -21.53 33.20 -5.22
N ASP C 53 -20.33 32.84 -5.69
CA ASP C 53 -19.28 32.36 -4.79
C ASP C 53 -18.10 33.33 -4.78
N SER C 54 -17.98 34.09 -3.70
CA SER C 54 -16.94 35.08 -3.53
C SER C 54 -16.11 34.81 -2.29
N PRO C 55 -15.13 33.88 -2.39
CA PRO C 55 -14.28 33.44 -1.27
C PRO C 55 -13.30 34.51 -0.81
N ASP C 56 -13.10 34.59 0.51
CA ASP C 56 -12.06 35.45 1.08
C ASP C 56 -10.68 34.91 0.75
N LYS C 57 -9.66 35.76 0.78
CA LYS C 57 -8.30 35.30 0.48
C LYS C 57 -7.80 34.38 1.59
N GLU C 58 -8.24 34.64 2.82
CA GLU C 58 -7.79 33.89 3.98
C GLU C 58 -8.39 32.48 4.00
N GLN C 59 -9.35 32.24 3.11
CA GLN C 59 -9.97 30.93 2.98
C GLN C 59 -9.27 30.08 1.94
N LEU C 60 -8.33 30.69 1.21
CA LEU C 60 -7.67 30.01 0.10
C LEU C 60 -6.17 29.84 0.32
N PRO C 61 -5.73 28.61 0.60
CA PRO C 61 -4.31 28.29 0.64
C PRO C 61 -3.62 28.60 -0.68
N CYS C 62 -2.39 29.11 -0.60
CA CYS C 62 -1.63 29.45 -1.81
C CYS C 62 -0.30 28.72 -1.86
N TYR C 63 0.27 28.65 -3.06
CA TYR C 63 1.61 28.10 -3.25
C TYR C 63 2.65 28.89 -2.47
N SER C 64 3.64 28.20 -1.94
CA SER C 64 4.79 28.83 -1.31
C SER C 64 5.96 28.84 -2.26
N VAL C 65 6.74 29.90 -2.22
CA VAL C 65 7.89 29.99 -3.10
C VAL C 65 8.95 30.87 -2.45
N ALA C 66 10.20 30.49 -2.65
CA ALA C 66 11.33 31.29 -2.20
C ALA C 66 12.42 31.22 -3.24
N ARG C 67 12.97 32.38 -3.57
CA ARG C 67 14.12 32.46 -4.45
C ARG C 67 15.37 32.51 -3.59
N ILE C 68 16.31 31.61 -3.85
CA ILE C 68 17.54 31.53 -3.07
C ILE C 68 18.73 32.03 -3.89
N PRO C 69 19.36 33.13 -3.43
CA PRO C 69 20.52 33.71 -4.11
C PRO C 69 21.77 32.86 -3.91
N LEU C 70 22.50 32.64 -5.00
CA LEU C 70 23.72 31.84 -4.96
C LEU C 70 24.94 32.69 -5.24
N PRO C 71 26.13 32.20 -4.84
CA PRO C 71 27.38 32.90 -5.09
C PRO C 71 27.59 33.18 -6.57
N ASN C 72 28.03 34.39 -6.90
CA ASN C 72 28.38 34.73 -8.28
C ASN C 72 29.64 33.98 -8.68
N ILE C 73 29.59 33.28 -9.80
CA ILE C 73 30.71 32.42 -10.19
C ILE C 73 31.46 32.98 -11.40
N ASN C 74 31.02 34.14 -11.89
CA ASN C 74 31.60 34.76 -13.08
C ASN C 74 32.19 36.15 -12.80
N GLU C 75 33.52 36.23 -12.87
CA GLU C 75 34.21 37.50 -12.75
C GLU C 75 33.96 38.39 -13.98
N ASP C 76 33.82 37.74 -15.13
CA ASP C 76 33.60 38.45 -16.38
C ASP C 76 32.36 37.90 -17.09
N LEU C 77 31.32 38.73 -17.18
CA LEU C 77 30.05 38.32 -17.79
C LEU C 77 29.99 38.68 -19.29
N THR C 78 31.16 38.84 -19.90
CA THR C 78 31.24 39.19 -21.31
C THR C 78 31.93 38.09 -22.11
N CYS C 79 32.04 36.91 -21.51
CA CYS C 79 32.81 35.80 -22.08
C CYS C 79 31.95 34.87 -22.95
N GLY C 80 32.61 34.09 -23.80
CA GLY C 80 31.94 33.10 -24.63
C GLY C 80 31.40 31.98 -23.77
N ASN C 81 32.31 31.28 -23.10
CA ASN C 81 31.94 30.27 -22.11
C ASN C 81 31.84 30.85 -20.73
N ILE C 82 30.68 30.70 -20.11
CA ILE C 82 30.59 30.91 -18.67
C ILE C 82 30.13 29.64 -17.98
N LEU C 83 30.05 29.76 -16.66
CA LEU C 83 29.66 28.70 -15.78
C LEU C 83 28.32 29.01 -15.13
N MET C 84 27.51 27.97 -14.92
CA MET C 84 26.27 28.12 -14.18
C MET C 84 26.21 27.12 -13.04
N TRP C 85 25.46 27.44 -12.00
CA TRP C 85 25.19 26.48 -10.95
C TRP C 85 24.18 25.46 -11.44
N GLU C 86 24.47 24.18 -11.19
CA GLU C 86 23.62 23.07 -11.60
C GLU C 86 23.14 22.27 -10.39
N ALA C 87 21.83 22.29 -10.14
CA ALA C 87 21.24 21.56 -9.02
C ALA C 87 21.29 20.05 -9.25
N VAL C 88 21.89 19.33 -8.30
CA VAL C 88 22.19 17.90 -8.50
C VAL C 88 21.31 17.00 -7.64
N THR C 89 21.15 17.37 -6.37
CA THR C 89 20.35 16.59 -5.44
C THR C 89 19.58 17.48 -4.47
N VAL C 90 18.51 16.95 -3.90
CA VAL C 90 17.77 17.63 -2.85
C VAL C 90 17.33 16.66 -1.74
N LYS C 91 17.48 17.10 -0.49
CA LYS C 91 16.79 16.49 0.62
C LYS C 91 15.67 17.41 1.04
N THR C 92 14.48 16.86 1.26
CA THR C 92 13.35 17.69 1.63
C THR C 92 12.51 17.00 2.72
N GLU C 93 11.94 17.81 3.60
CA GLU C 93 11.32 17.34 4.84
C GLU C 93 10.14 18.21 5.23
N VAL C 94 9.08 17.58 5.75
CA VAL C 94 7.94 18.29 6.31
C VAL C 94 8.18 18.50 7.81
N ILE C 95 8.06 19.76 8.26
CA ILE C 95 8.45 20.14 9.63
C ILE C 95 7.27 20.27 10.61
N GLY C 96 7.32 19.50 11.69
CA GLY C 96 6.34 19.60 12.78
C GLY C 96 5.19 18.63 12.75
N VAL C 97 5.42 17.43 12.22
CA VAL C 97 4.34 16.44 12.04
C VAL C 97 3.77 15.96 13.37
N THR C 98 4.61 15.94 14.41
CA THR C 98 4.16 15.48 15.74
C THR C 98 3.25 16.51 16.44
N ALA C 99 3.22 17.73 15.92
CA ALA C 99 2.37 18.78 16.49
C ALA C 99 0.89 18.37 16.48
N MET C 100 0.55 17.47 15.57
CA MET C 100 -0.84 17.05 15.38
C MET C 100 -1.24 16.00 16.41
N LEU C 101 -0.30 15.62 17.27
CA LEU C 101 -0.59 14.74 18.41
C LEU C 101 -1.21 15.52 19.57
N ASN C 102 -1.34 16.84 19.40
CA ASN C 102 -2.12 17.66 20.32
C ASN C 102 -3.60 17.53 19.98
N LEU C 103 -4.33 16.82 20.84
CA LEU C 103 -5.76 16.58 20.63
C LEU C 103 -6.60 17.28 21.69
N HIS C 104 -6.02 18.25 22.40
CA HIS C 104 -6.71 18.89 23.51
C HIS C 104 -6.95 20.39 23.29
N SER C 105 -6.15 21.02 22.44
CA SER C 105 -6.29 22.46 22.17
C SER C 105 -7.38 22.78 21.14
N GLY C 106 -8.51 23.28 21.62
CA GLY C 106 -9.59 23.75 20.76
C GLY C 106 -10.24 22.69 19.86
N THR C 107 -10.13 21.44 20.27
CA THR C 107 -10.59 20.31 19.46
C THR C 107 -12.06 20.00 19.70
N GLN C 108 -12.63 19.16 18.83
CA GLN C 108 -13.96 18.60 19.03
C GLN C 108 -13.82 17.14 19.40
N LYS C 109 -14.40 16.78 20.54
CA LYS C 109 -14.36 15.38 20.99
C LYS C 109 -14.99 14.45 19.94
N THR C 110 -14.43 13.25 19.82
CA THR C 110 -14.96 12.27 18.89
C THR C 110 -16.17 11.58 19.50
N HIS C 111 -16.29 11.67 20.83
CA HIS C 111 -17.39 11.08 21.59
C HIS C 111 -17.32 11.52 23.05
N GLU C 112 -18.24 11.03 23.87
CA GLU C 112 -18.28 11.43 25.28
C GLU C 112 -17.12 10.86 26.08
N ASN C 113 -16.38 11.74 26.75
CA ASN C 113 -15.19 11.37 27.51
C ASN C 113 -14.01 11.05 26.60
N GLY C 114 -14.19 11.26 25.30
CA GLY C 114 -13.17 10.91 24.31
C GLY C 114 -12.20 12.03 23.99
N ALA C 115 -11.08 11.66 23.37
CA ALA C 115 -10.07 12.62 22.94
C ALA C 115 -10.56 13.45 21.76
N GLY C 116 -9.81 14.51 21.43
CA GLY C 116 -10.17 15.38 20.32
C GLY C 116 -9.94 14.75 18.96
N LYS C 117 -10.73 15.19 17.98
CA LYS C 117 -10.64 14.68 16.62
C LYS C 117 -9.34 15.14 15.98
N PRO C 118 -8.54 14.19 15.49
CA PRO C 118 -7.28 14.53 14.82
C PRO C 118 -7.53 15.22 13.47
N ILE C 119 -6.53 15.96 13.02
CA ILE C 119 -6.56 16.58 11.70
C ILE C 119 -6.57 15.49 10.62
N GLN C 120 -7.45 15.64 9.65
CA GLN C 120 -7.66 14.62 8.63
C GLN C 120 -8.46 15.20 7.46
N GLY C 121 -8.62 14.42 6.40
CA GLY C 121 -9.37 14.87 5.23
C GLY C 121 -8.48 15.06 4.01
N SER C 122 -8.97 15.81 3.04
CA SER C 122 -8.22 16.06 1.80
C SER C 122 -6.86 16.67 2.12
N ASN C 123 -5.85 16.26 1.36
CA ASN C 123 -4.50 16.78 1.54
C ASN C 123 -3.76 16.91 0.21
N PHE C 124 -2.69 17.68 0.21
CA PHE C 124 -1.85 17.87 -0.96
C PHE C 124 -0.44 18.24 -0.52
N HIS C 125 0.51 17.37 -0.87
CA HIS C 125 1.91 17.59 -0.53
C HIS C 125 2.74 17.63 -1.80
N PHE C 126 3.52 18.70 -1.94
CA PHE C 126 4.13 19.06 -3.21
C PHE C 126 5.40 19.87 -3.01
N PHE C 127 6.42 19.61 -3.83
CA PHE C 127 7.64 20.43 -3.81
C PHE C 127 8.26 20.44 -5.21
N ALA C 128 9.04 21.50 -5.47
CA ALA C 128 9.73 21.65 -6.74
C ALA C 128 11.07 22.35 -6.54
N VAL C 129 12.04 21.99 -7.38
CA VAL C 129 13.33 22.67 -7.43
C VAL C 129 13.64 23.04 -8.88
N GLY C 130 14.02 24.30 -9.11
CA GLY C 130 14.36 24.75 -10.48
C GLY C 130 15.28 25.97 -10.55
N GLY C 131 15.86 26.19 -11.72
CA GLY C 131 16.72 27.34 -11.95
C GLY C 131 15.96 28.58 -12.39
N GLU C 132 14.64 28.53 -12.23
CA GLU C 132 13.73 29.61 -12.60
C GLU C 132 12.38 29.33 -11.97
N PRO C 133 11.47 30.32 -11.99
CA PRO C 133 10.15 30.14 -11.40
C PRO C 133 9.38 28.97 -12.02
N LEU C 134 8.61 28.27 -11.19
CA LEU C 134 7.78 27.16 -11.63
C LEU C 134 6.66 27.63 -12.56
N GLU C 135 6.53 26.96 -13.70
CA GLU C 135 5.51 27.33 -14.69
C GLU C 135 4.18 26.62 -14.41
N LEU C 136 3.09 27.38 -14.45
CA LEU C 136 1.79 26.90 -14.02
C LEU C 136 0.75 26.87 -15.14
N GLN C 137 -0.23 25.98 -14.99
CA GLN C 137 -1.39 25.91 -15.85
C GLN C 137 -2.65 26.03 -15.02
N GLY C 138 -3.58 26.89 -15.43
CA GLY C 138 -4.82 27.11 -14.68
C GLY C 138 -5.91 26.10 -15.00
N VAL C 139 -6.53 25.58 -13.94
CA VAL C 139 -7.73 24.74 -14.05
C VAL C 139 -8.67 25.08 -12.89
N LEU C 140 -9.95 25.24 -13.20
CA LEU C 140 -10.94 25.68 -12.21
C LEU C 140 -12.06 24.65 -11.99
N ALA C 141 -12.46 24.47 -10.74
CA ALA C 141 -13.61 23.63 -10.42
C ALA C 141 -14.89 24.34 -10.82
N ASN C 142 -14.93 25.64 -10.54
CA ASN C 142 -16.04 26.49 -10.95
C ASN C 142 -15.53 27.75 -11.62
N TYR C 143 -15.74 27.85 -12.93
CA TYR C 143 -15.13 28.93 -13.71
C TYR C 143 -15.78 30.29 -13.39
N ARG C 144 -16.90 30.26 -12.67
CA ARG C 144 -17.63 31.50 -12.34
C ARG C 144 -17.31 31.99 -10.93
N THR C 145 -16.35 31.35 -10.27
CA THR C 145 -15.91 31.80 -8.94
C THR C 145 -15.35 33.21 -9.00
N LYS C 146 -15.74 34.04 -8.04
CA LYS C 146 -15.28 35.42 -7.96
C LYS C 146 -14.13 35.53 -6.97
N TYR C 147 -12.90 35.47 -7.48
CA TYR C 147 -11.72 35.43 -6.62
C TYR C 147 -11.36 36.83 -6.11
N PRO C 148 -10.86 36.90 -4.87
CA PRO C 148 -10.57 38.14 -4.18
C PRO C 148 -9.35 38.86 -4.76
N ALA C 149 -9.21 40.13 -4.40
CA ALA C 149 -8.02 40.88 -4.75
C ALA C 149 -6.84 40.40 -3.90
N GLN C 150 -5.64 40.49 -4.46
CA GLN C 150 -4.45 40.05 -3.75
C GLN C 150 -4.18 38.57 -4.05
N THR C 151 -4.85 38.05 -5.08
CA THR C 151 -4.57 36.72 -5.56
C THR C 151 -4.47 36.74 -7.07
N VAL C 152 -3.49 36.01 -7.60
CA VAL C 152 -3.35 35.85 -9.04
C VAL C 152 -4.08 34.58 -9.45
N THR C 153 -5.18 34.74 -10.19
CA THR C 153 -5.95 33.63 -10.71
C THR C 153 -6.10 33.75 -12.21
N PRO C 154 -6.61 32.69 -12.86
CA PRO C 154 -6.77 32.64 -14.32
C PRO C 154 -7.60 33.82 -14.85
N LYS C 155 -7.04 34.53 -15.83
CA LYS C 155 -7.70 35.68 -16.43
C LYS C 155 -8.72 35.27 -17.49
N ASN C 156 -9.83 36.01 -17.55
CA ASN C 156 -10.88 35.74 -18.53
C ASN C 156 -11.31 34.29 -18.52
N ALA C 157 -11.58 33.77 -17.33
CA ALA C 157 -12.03 32.40 -17.16
C ALA C 157 -13.27 32.15 -18.00
N THR C 158 -13.29 31.03 -18.72
CA THR C 158 -14.41 30.70 -19.59
C THR C 158 -14.97 29.32 -19.26
N VAL C 159 -15.89 28.88 -20.12
CA VAL C 159 -16.49 27.55 -20.01
C VAL C 159 -15.44 26.45 -19.95
N ASP C 160 -14.34 26.64 -20.68
CA ASP C 160 -13.32 25.60 -20.84
C ASP C 160 -12.28 25.61 -19.73
N SER C 161 -12.37 26.59 -18.84
CA SER C 161 -11.43 26.68 -17.72
C SER C 161 -11.63 25.54 -16.71
N GLN C 162 -12.72 24.80 -16.86
CA GLN C 162 -12.97 23.64 -16.01
C GLN C 162 -12.36 22.38 -16.63
N GLN C 163 -11.94 22.51 -17.89
CA GLN C 163 -11.11 21.50 -18.55
C GLN C 163 -9.85 22.19 -19.08
N MET C 164 -9.53 21.98 -20.36
CA MET C 164 -8.33 22.61 -20.94
C MET C 164 -8.62 24.02 -21.49
N ASN C 165 -7.96 25.01 -20.91
CA ASN C 165 -7.90 26.35 -21.48
C ASN C 165 -6.46 26.84 -21.52
N THR C 166 -5.83 26.68 -22.69
CA THR C 166 -4.38 26.90 -22.82
C THR C 166 -3.97 28.37 -22.63
N ASP C 167 -4.95 29.25 -22.41
CA ASP C 167 -4.64 30.65 -22.18
C ASP C 167 -4.15 30.88 -20.76
N HIS C 168 -4.55 30.01 -19.85
CA HIS C 168 -4.19 30.15 -18.44
C HIS C 168 -2.77 29.63 -18.17
N LYS C 169 -1.78 30.39 -18.60
CA LYS C 169 -0.39 30.13 -18.27
C LYS C 169 0.11 31.16 -17.27
N ALA C 170 1.00 30.74 -16.37
CA ALA C 170 1.57 31.66 -15.40
C ALA C 170 2.85 31.09 -14.82
N VAL C 171 3.52 31.88 -13.98
CA VAL C 171 4.71 31.42 -13.27
C VAL C 171 4.59 31.74 -11.79
N LEU C 172 5.16 30.88 -10.95
CA LEU C 172 5.12 31.08 -9.51
C LEU C 172 6.23 32.04 -9.10
N ASP C 173 5.92 33.34 -9.17
CA ASP C 173 6.91 34.38 -8.88
C ASP C 173 6.60 35.15 -7.60
N LYS C 174 5.49 34.83 -6.95
CA LYS C 174 5.05 35.54 -5.75
C LYS C 174 4.52 34.57 -4.69
N ASP C 175 4.98 34.74 -3.45
CA ASP C 175 4.55 33.90 -2.35
C ASP C 175 3.19 34.32 -1.82
N ASN C 176 2.39 33.35 -1.40
CA ASN C 176 1.06 33.61 -0.86
C ASN C 176 0.19 34.46 -1.79
N ALA C 177 0.18 34.12 -3.07
CA ALA C 177 -0.58 34.88 -4.07
C ALA C 177 -1.33 33.97 -5.04
N TYR C 178 -0.72 32.84 -5.37
CA TYR C 178 -1.33 31.89 -6.31
C TYR C 178 -2.10 30.78 -5.58
N PRO C 179 -3.44 30.84 -5.59
CA PRO C 179 -4.25 29.87 -4.86
C PRO C 179 -4.03 28.45 -5.39
N VAL C 180 -3.82 27.51 -4.48
CA VAL C 180 -3.56 26.13 -4.87
C VAL C 180 -4.68 25.58 -5.76
N GLU C 181 -5.93 25.91 -5.42
CA GLU C 181 -7.10 25.38 -6.13
C GLU C 181 -7.25 25.90 -7.56
N CYS C 182 -6.38 26.83 -7.97
CA CYS C 182 -6.49 27.43 -9.30
C CYS C 182 -5.42 26.94 -10.27
N TRP C 183 -4.27 26.54 -9.74
CA TRP C 183 -3.09 26.28 -10.57
C TRP C 183 -2.46 24.91 -10.32
N VAL C 184 -1.95 24.31 -11.39
CA VAL C 184 -1.08 23.14 -11.31
C VAL C 184 0.17 23.39 -12.13
N PRO C 185 1.26 22.67 -11.81
CA PRO C 185 2.46 22.77 -12.63
C PRO C 185 2.18 22.32 -14.06
N ASP C 186 2.74 23.04 -15.02
CA ASP C 186 2.49 22.78 -16.44
C ASP C 186 3.49 21.77 -16.98
N PRO C 187 3.00 20.57 -17.35
CA PRO C 187 3.85 19.49 -17.86
C PRO C 187 4.37 19.76 -19.28
N SER C 188 3.76 20.73 -19.98
CA SER C 188 4.20 21.06 -21.34
C SER C 188 5.39 22.03 -21.32
N LYS C 189 5.74 22.48 -20.13
CA LYS C 189 6.92 23.33 -19.94
C LYS C 189 7.78 22.75 -18.82
N ASN C 190 8.41 23.62 -18.03
CA ASN C 190 9.18 23.21 -16.86
C ASN C 190 10.39 22.33 -17.20
N GLU C 191 11.03 22.64 -18.32
CA GLU C 191 12.22 21.95 -18.76
C GLU C 191 13.38 22.15 -17.79
N ASN C 192 13.33 23.24 -17.03
CA ASN C 192 14.41 23.61 -16.11
C ASN C 192 14.01 23.47 -14.64
N THR C 193 12.95 22.71 -14.40
CA THR C 193 12.44 22.47 -13.04
C THR C 193 12.06 21.00 -12.86
N ARG C 194 12.24 20.48 -11.65
CA ARG C 194 11.75 19.16 -11.27
C ARG C 194 10.69 19.30 -10.20
N TYR C 195 9.53 18.67 -10.39
CA TYR C 195 8.44 18.79 -9.39
C TYR C 195 7.79 17.43 -9.05
N PHE C 196 7.24 17.36 -7.85
CA PHE C 196 6.63 16.14 -7.34
C PHE C 196 5.45 16.46 -6.43
N GLY C 197 4.30 15.85 -6.71
CA GLY C 197 3.12 16.08 -5.88
C GLY C 197 2.13 14.94 -5.77
N THR C 198 1.40 14.88 -4.66
CA THR C 198 0.34 13.90 -4.47
C THR C 198 -0.91 14.54 -3.88
N TYR C 199 -2.05 14.34 -4.53
CA TYR C 199 -3.35 14.77 -4.02
C TYR C 199 -4.15 13.58 -3.48
N THR C 200 -4.73 13.74 -2.29
CA THR C 200 -5.66 12.76 -1.74
C THR C 200 -6.98 13.43 -1.34
N GLY C 201 -8.09 12.94 -1.87
CA GLY C 201 -9.40 13.51 -1.58
C GLY C 201 -10.30 12.63 -0.73
N GLY C 202 -11.08 13.26 0.15
CA GLY C 202 -11.98 12.56 1.06
C GLY C 202 -11.90 13.14 2.46
N GLU C 203 -13.05 13.40 3.08
CA GLU C 203 -13.07 14.16 4.34
C GLU C 203 -12.53 13.35 5.52
N ASN C 204 -12.43 12.03 5.37
CA ASN C 204 -11.95 11.17 6.45
C ASN C 204 -10.57 10.56 6.18
N VAL C 205 -9.89 11.06 5.16
CA VAL C 205 -8.58 10.55 4.77
C VAL C 205 -7.51 10.79 5.86
N PRO C 206 -6.87 9.71 6.31
CA PRO C 206 -5.79 9.78 7.29
C PRO C 206 -4.48 10.28 6.69
N PRO C 207 -3.92 11.34 7.27
CA PRO C 207 -2.58 11.78 6.88
C PRO C 207 -1.53 10.70 7.17
N VAL C 208 -0.62 10.51 6.22
CA VAL C 208 0.51 9.61 6.38
C VAL C 208 1.79 10.35 6.00
N LEU C 209 2.64 10.61 6.98
CA LEU C 209 3.81 11.48 6.79
C LEU C 209 5.09 10.86 7.34
N HIS C 210 6.07 10.68 6.46
CA HIS C 210 7.35 10.09 6.83
C HIS C 210 8.43 11.15 7.00
N ILE C 211 9.32 10.93 7.95
CA ILE C 211 10.47 11.81 8.16
C ILE C 211 11.77 11.01 8.26
N THR C 212 12.84 11.58 7.69
CA THR C 212 14.16 10.97 7.73
C THR C 212 15.20 11.96 7.20
N ASN C 213 16.47 11.73 7.54
CA ASN C 213 17.55 12.53 6.97
C ASN C 213 18.43 11.70 6.04
N THR C 214 17.90 10.56 5.60
CA THR C 214 18.65 9.61 4.78
C THR C 214 18.12 9.50 3.35
N ALA C 215 17.04 10.23 3.04
CA ALA C 215 16.43 10.18 1.71
C ALA C 215 16.87 11.33 0.81
N THR C 216 17.40 10.99 -0.35
CA THR C 216 17.86 11.99 -1.33
C THR C 216 17.17 11.82 -2.68
N THR C 217 16.77 12.93 -3.29
CA THR C 217 16.22 12.92 -4.64
C THR C 217 17.24 13.48 -5.62
N VAL C 218 17.47 12.77 -6.71
CA VAL C 218 18.41 13.20 -7.74
C VAL C 218 17.67 14.04 -8.79
N LEU C 219 18.27 15.17 -9.19
CA LEU C 219 17.57 16.16 -10.01
C LEU C 219 18.04 16.18 -11.46
N LEU C 220 18.95 15.26 -11.81
CA LEU C 220 19.43 15.15 -13.18
C LEU C 220 18.36 14.53 -14.09
N ASP C 221 18.27 15.02 -15.33
CA ASP C 221 17.29 14.52 -16.29
C ASP C 221 17.84 13.36 -17.10
N GLU C 222 17.09 12.88 -18.09
CA GLU C 222 17.52 11.69 -18.84
C GLU C 222 18.88 11.92 -19.51
N GLN C 223 19.29 13.18 -19.60
CA GLN C 223 20.56 13.53 -20.26
C GLN C 223 21.70 13.67 -19.24
N GLY C 224 21.38 13.58 -17.97
CA GLY C 224 22.37 13.76 -16.91
C GLY C 224 22.60 15.22 -16.58
N VAL C 225 21.61 16.06 -16.84
CA VAL C 225 21.69 17.48 -16.52
C VAL C 225 20.63 17.87 -15.50
N GLY C 226 21.05 18.53 -14.43
CA GLY C 226 20.12 19.09 -13.44
C GLY C 226 19.72 20.50 -13.80
N PRO C 227 18.75 21.07 -13.07
CA PRO C 227 18.33 22.46 -13.31
C PRO C 227 19.51 23.45 -13.30
N LEU C 228 19.56 24.34 -14.28
CA LEU C 228 20.61 25.37 -14.36
C LEU C 228 20.07 26.71 -13.86
N CYS C 229 20.76 27.28 -12.87
CA CYS C 229 20.23 28.44 -12.15
C CYS C 229 20.52 29.76 -12.84
N LYS C 230 19.50 30.32 -13.48
CA LYS C 230 19.60 31.56 -14.23
C LYS C 230 19.69 32.76 -13.28
N ALA C 231 20.56 33.71 -13.63
CA ALA C 231 20.74 34.89 -12.79
C ALA C 231 21.19 34.51 -11.37
N ASP C 232 21.88 33.38 -11.26
CA ASP C 232 22.40 32.90 -9.98
C ASP C 232 21.29 32.79 -8.94
N SER C 233 20.12 32.30 -9.38
CA SER C 233 18.95 32.15 -8.50
C SER C 233 18.44 30.72 -8.50
N LEU C 234 18.13 30.21 -7.31
CA LEU C 234 17.54 28.89 -7.16
C LEU C 234 16.13 29.02 -6.62
N TYR C 235 15.18 28.42 -7.32
CA TYR C 235 13.77 28.52 -6.90
C TYR C 235 13.29 27.24 -6.21
N VAL C 236 12.67 27.42 -5.05
CA VAL C 236 12.03 26.31 -4.36
C VAL C 236 10.56 26.63 -4.11
N SER C 237 9.69 25.68 -4.43
CA SER C 237 8.24 25.86 -4.31
C SER C 237 7.64 24.71 -3.51
N ALA C 238 6.50 24.95 -2.86
CA ALA C 238 5.91 23.92 -1.99
C ALA C 238 4.45 24.18 -1.63
N VAL C 239 3.71 23.09 -1.46
CA VAL C 239 2.40 23.08 -0.83
C VAL C 239 2.34 21.88 0.10
N ASP C 240 1.86 22.08 1.32
CA ASP C 240 1.72 20.97 2.28
C ASP C 240 0.44 21.10 3.10
N ILE C 241 -0.69 20.93 2.42
CA ILE C 241 -1.99 20.86 3.06
C ILE C 241 -2.15 19.49 3.72
N CYS C 242 -2.12 19.46 5.04
CA CYS C 242 -2.14 18.21 5.79
C CYS C 242 -3.53 17.64 5.94
N GLY C 243 -4.54 18.52 5.89
CA GLY C 243 -5.92 18.12 6.07
C GLY C 243 -6.75 19.24 6.69
N LEU C 244 -7.83 18.86 7.36
CA LEU C 244 -8.72 19.83 8.01
C LEU C 244 -8.65 19.76 9.52
N PHE C 245 -8.56 20.92 10.16
CA PHE C 245 -8.71 21.02 11.60
C PHE C 245 -10.17 21.30 11.95
N THR C 246 -10.71 20.50 12.87
CA THR C 246 -12.10 20.64 13.30
C THR C 246 -12.18 21.33 14.66
N ASN C 247 -12.79 22.50 14.70
CA ASN C 247 -13.00 23.22 15.95
C ASN C 247 -14.09 22.57 16.80
N THR C 248 -14.09 22.89 18.09
CA THR C 248 -15.15 22.43 19.00
C THR C 248 -16.54 22.66 18.41
N SER C 249 -16.70 23.78 17.70
CA SER C 249 -17.99 24.19 17.16
C SER C 249 -18.41 23.40 15.92
N GLY C 250 -17.42 22.82 15.23
CA GLY C 250 -17.68 22.08 14.00
C GLY C 250 -17.15 22.76 12.76
N THR C 251 -16.77 24.04 12.89
CA THR C 251 -16.14 24.77 11.79
C THR C 251 -14.76 24.20 11.53
N GLN C 252 -14.34 24.25 10.26
CA GLN C 252 -13.08 23.63 9.85
C GLN C 252 -12.19 24.61 9.10
N GLN C 253 -10.89 24.38 9.18
CA GLN C 253 -9.92 25.17 8.44
C GLN C 253 -8.72 24.32 8.06
N TRP C 254 -8.20 24.55 6.86
CA TRP C 254 -7.03 23.81 6.39
C TRP C 254 -5.85 23.95 7.35
N LYS C 255 -5.08 22.88 7.49
CA LYS C 255 -3.81 22.92 8.22
C LYS C 255 -2.62 22.73 7.26
N GLY C 256 -1.57 23.51 7.48
CA GLY C 256 -0.34 23.37 6.72
C GLY C 256 0.85 23.29 7.63
N LEU C 257 1.97 22.80 7.11
CA LEU C 257 3.22 22.73 7.86
C LEU C 257 4.37 23.23 7.00
N PRO C 258 5.42 23.75 7.63
CA PRO C 258 6.58 24.23 6.90
C PRO C 258 7.31 23.11 6.18
N ARG C 259 8.20 23.47 5.25
CA ARG C 259 8.97 22.50 4.50
C ARG C 259 10.43 22.91 4.41
N TYR C 260 11.32 21.95 4.60
CA TYR C 260 12.77 22.19 4.55
C TYR C 260 13.38 21.71 3.24
N PHE C 261 14.36 22.45 2.75
CA PHE C 261 15.10 22.08 1.56
C PHE C 261 16.60 22.08 1.81
N LYS C 262 17.30 21.15 1.19
CA LYS C 262 18.75 21.14 1.21
C LYS C 262 19.26 20.70 -0.14
N ILE C 263 19.74 21.65 -0.93
CA ILE C 263 20.14 21.38 -2.31
C ILE C 263 21.66 21.44 -2.50
N THR C 264 22.18 20.47 -3.25
CA THR C 264 23.58 20.41 -3.60
C THR C 264 23.76 20.78 -5.06
N LEU C 265 24.68 21.69 -5.34
CA LEU C 265 24.90 22.16 -6.72
C LEU C 265 26.35 22.04 -7.16
N ARG C 266 26.57 21.91 -8.46
CA ARG C 266 27.91 21.88 -9.02
C ARG C 266 28.03 22.93 -10.13
N LYS C 267 29.26 23.33 -10.45
CA LYS C 267 29.49 24.28 -11.53
C LYS C 267 29.51 23.56 -12.86
N ARG C 268 28.70 24.05 -13.80
CA ARG C 268 28.75 23.54 -15.17
C ARG C 268 29.07 24.66 -16.13
N SER C 269 29.90 24.37 -17.11
CA SER C 269 30.20 25.30 -18.18
C SER C 269 29.06 25.31 -19.20
N VAL C 270 28.69 26.51 -19.65
CA VAL C 270 27.71 26.68 -20.71
C VAL C 270 28.16 27.75 -21.70
N LYS C 271 27.51 27.80 -22.85
CA LYS C 271 27.86 28.78 -23.88
C LYS C 271 27.01 30.05 -23.76
N ASN C 272 27.69 31.19 -23.67
CA ASN C 272 27.03 32.49 -23.56
C ASN C 272 27.01 33.23 -24.90
N GLY D 6 33.41 19.57 10.54
CA GLY D 6 33.22 18.19 11.05
C GLY D 6 34.53 17.42 11.19
N ILE D 7 34.41 16.10 11.33
CA ILE D 7 35.57 15.23 11.54
C ILE D 7 36.10 14.65 10.23
N GLU D 8 37.42 14.72 10.06
CA GLU D 8 38.08 14.10 8.91
C GLU D 8 38.45 12.65 9.22
N VAL D 9 37.87 11.73 8.47
CA VAL D 9 38.04 10.30 8.74
C VAL D 9 39.18 9.69 7.90
N LEU D 10 39.85 8.69 8.48
CA LEU D 10 40.97 8.02 7.80
C LEU D 10 40.58 6.60 7.38
N GLY D 11 41.19 5.59 8.00
CA GLY D 11 40.98 4.20 7.61
C GLY D 11 40.33 3.33 8.68
N VAL D 12 39.77 2.20 8.26
CA VAL D 12 39.02 1.32 9.15
C VAL D 12 39.82 0.10 9.63
N LYS D 13 39.78 -0.17 10.93
CA LYS D 13 40.41 -1.36 11.48
C LYS D 13 39.73 -2.62 10.95
N THR D 14 40.52 -3.69 10.77
CA THR D 14 40.04 -4.91 10.13
C THR D 14 40.32 -6.16 10.96
N GLY D 15 39.60 -7.23 10.67
CA GLY D 15 39.77 -8.50 11.38
C GLY D 15 39.76 -8.34 12.88
N SER D 18 38.28 -5.46 16.19
CA SER D 18 37.92 -4.34 15.32
C SER D 18 36.42 -4.06 15.34
N PHE D 19 35.63 -5.10 15.58
CA PHE D 19 34.18 -4.99 15.65
C PHE D 19 33.65 -5.00 17.09
N THR D 20 32.36 -4.77 17.24
CA THR D 20 31.68 -4.95 18.51
C THR D 20 30.17 -4.73 18.33
N GLU D 21 29.38 -5.35 19.20
CA GLU D 21 27.94 -5.18 19.18
C GLU D 21 27.41 -4.74 20.54
N VAL D 22 26.41 -3.87 20.52
CA VAL D 22 25.71 -3.47 21.72
C VAL D 22 24.21 -3.56 21.50
N GLU D 23 23.46 -3.89 22.55
CA GLU D 23 22.00 -3.99 22.45
C GLU D 23 21.32 -3.22 23.58
N CYS D 24 20.03 -2.99 23.44
CA CYS D 24 19.31 -2.10 24.33
C CYS D 24 17.80 -2.25 24.19
N PHE D 25 17.12 -2.41 25.32
CA PHE D 25 15.66 -2.30 25.38
C PHE D 25 15.26 -0.94 25.96
N LEU D 26 14.53 -0.14 25.18
CA LEU D 26 14.06 1.16 25.63
C LEU D 26 12.57 1.15 25.96
N ASN D 27 12.23 1.43 27.22
CA ASN D 27 10.84 1.57 27.61
C ASN D 27 10.18 2.79 26.98
N PRO D 28 8.87 2.71 26.74
CA PRO D 28 8.13 3.87 26.25
C PRO D 28 7.87 4.87 27.39
N GLN D 29 7.62 6.11 27.03
CA GLN D 29 7.33 7.15 28.01
C GLN D 29 6.03 7.87 27.65
N MET D 30 4.91 7.20 27.87
CA MET D 30 3.61 7.73 27.46
C MET D 30 3.02 8.69 28.49
N GLY D 31 3.45 8.54 29.75
CA GLY D 31 2.96 9.40 30.83
C GLY D 31 2.95 8.69 32.17
N ASN D 32 2.46 7.45 32.18
CA ASN D 32 2.44 6.65 33.41
C ASN D 32 1.75 7.36 34.57
N PRO D 33 0.41 7.49 34.50
CA PRO D 33 -0.39 8.20 35.51
C PRO D 33 -0.23 7.61 36.91
N ASP D 34 -0.09 6.29 37.01
CA ASP D 34 0.30 5.67 38.28
C ASP D 34 1.09 4.38 38.07
N GLU D 35 1.43 3.74 39.19
CA GLU D 35 2.25 2.53 39.20
C GLU D 35 1.63 1.37 38.40
N HIS D 36 0.32 1.40 38.24
CA HIS D 36 -0.42 0.30 37.60
C HIS D 36 -0.61 0.48 36.09
N GLN D 37 -0.31 1.66 35.57
CA GLN D 37 -0.60 1.97 34.17
C GLN D 37 0.63 2.39 33.37
N LYS D 38 1.72 1.65 33.50
CA LYS D 38 2.89 1.91 32.67
C LYS D 38 2.58 1.51 31.23
N GLY D 39 3.02 2.34 30.29
CA GLY D 39 2.73 2.12 28.88
C GLY D 39 1.57 2.95 28.39
N LEU D 40 0.87 3.59 29.32
CA LEU D 40 -0.26 4.46 28.99
C LEU D 40 -0.01 5.88 29.45
N SER D 41 -0.68 6.83 28.80
CA SER D 41 -0.73 8.18 29.27
C SER D 41 -1.82 8.30 30.31
N LYS D 42 -1.98 9.49 30.87
CA LYS D 42 -3.13 9.80 31.69
C LYS D 42 -4.32 10.09 30.77
N SER D 43 -5.53 9.99 31.31
CA SER D 43 -6.74 10.28 30.54
C SER D 43 -6.57 11.58 29.77
N LEU D 44 -6.98 11.57 28.50
CA LEU D 44 -6.77 12.70 27.61
C LEU D 44 -7.96 13.66 27.63
N ALA D 45 -7.66 14.95 27.69
CA ALA D 45 -8.69 15.97 27.67
C ALA D 45 -8.99 16.41 26.23
N ALA D 46 -10.15 17.02 26.03
CA ALA D 46 -10.51 17.55 24.71
C ALA D 46 -11.24 18.88 24.83
N GLU D 47 -11.30 19.61 23.71
CA GLU D 47 -12.09 20.84 23.56
C GLU D 47 -11.69 21.92 24.56
N LYS D 48 -10.40 22.16 24.73
CA LYS D 48 -9.97 23.16 25.69
C LYS D 48 -9.69 24.49 25.00
N GLN D 49 -9.93 25.58 25.71
CA GLN D 49 -9.82 26.91 25.14
C GLN D 49 -8.36 27.21 24.83
N PHE D 50 -8.10 27.74 23.64
CA PHE D 50 -6.75 28.07 23.19
C PHE D 50 -5.95 28.90 24.19
N THR D 51 -6.64 29.79 24.89
CA THR D 51 -5.98 30.72 25.80
C THR D 51 -5.99 30.21 27.24
N ASP D 52 -6.45 28.98 27.45
CA ASP D 52 -6.47 28.40 28.79
C ASP D 52 -6.32 26.88 28.75
N ASP D 53 -5.26 26.42 28.09
CA ASP D 53 -4.98 25.00 27.92
C ASP D 53 -3.73 24.58 28.69
N SER D 54 -3.92 23.89 29.81
CA SER D 54 -2.82 23.52 30.71
C SER D 54 -2.76 22.02 30.97
N PRO D 55 -2.04 21.29 30.10
CA PRO D 55 -1.98 19.83 30.18
C PRO D 55 -1.06 19.34 31.29
N ASP D 56 -1.47 18.27 31.98
CA ASP D 56 -0.60 17.60 32.92
C ASP D 56 0.55 16.96 32.18
N LYS D 57 1.62 16.61 32.89
CA LYS D 57 2.76 15.93 32.27
C LYS D 57 2.40 14.49 31.88
N GLU D 58 1.54 13.88 32.69
CA GLU D 58 1.18 12.47 32.49
C GLU D 58 0.27 12.32 31.28
N GLN D 59 -0.19 13.43 30.75
CA GLN D 59 -1.04 13.42 29.57
C GLN D 59 -0.20 13.53 28.29
N LEU D 60 1.09 13.81 28.46
CA LEU D 60 1.97 14.10 27.34
C LEU D 60 3.08 13.06 27.18
N PRO D 61 2.96 12.21 26.14
CA PRO D 61 4.05 11.29 25.80
C PRO D 61 5.32 12.05 25.44
N CYS D 62 6.46 11.52 25.86
CA CYS D 62 7.76 12.15 25.61
C CYS D 62 8.70 11.23 24.84
N TYR D 63 9.72 11.82 24.21
CA TYR D 63 10.78 11.07 23.56
C TYR D 63 11.52 10.18 24.55
N SER D 64 11.91 8.98 24.11
CA SER D 64 12.77 8.11 24.88
C SER D 64 14.21 8.25 24.41
N VAL D 65 15.16 8.14 25.35
CA VAL D 65 16.59 8.23 25.00
C VAL D 65 17.47 7.52 26.03
N ALA D 66 18.53 6.89 25.52
CA ALA D 66 19.54 6.25 26.36
C ALA D 66 20.92 6.47 25.74
N ARG D 67 21.86 6.88 26.58
CA ARG D 67 23.24 7.00 26.17
C ARG D 67 23.97 5.71 26.54
N ILE D 68 24.62 5.09 25.55
CA ILE D 68 25.33 3.84 25.78
C ILE D 68 26.84 4.06 25.80
N PRO D 69 27.49 3.74 26.92
CA PRO D 69 28.93 3.90 27.05
C PRO D 69 29.69 2.79 26.31
N LEU D 70 30.72 3.18 25.57
CA LEU D 70 31.51 2.22 24.80
C LEU D 70 32.94 2.13 25.36
N PRO D 71 33.63 1.02 25.03
CA PRO D 71 35.01 0.84 25.45
C PRO D 71 35.91 1.98 24.98
N ASN D 72 36.77 2.47 25.87
CA ASN D 72 37.76 3.47 25.49
C ASN D 72 38.82 2.87 24.58
N ILE D 73 39.16 3.57 23.50
CA ILE D 73 40.10 2.99 22.50
C ILE D 73 41.49 3.69 22.49
N ASN D 74 41.55 4.97 22.91
CA ASN D 74 42.79 5.76 22.80
C ASN D 74 43.59 5.90 24.10
N GLU D 75 44.91 6.00 23.98
CA GLU D 75 45.78 6.19 25.13
C GLU D 75 46.25 7.64 25.26
N ASP D 76 46.34 8.34 24.13
CA ASP D 76 46.78 9.73 24.11
C ASP D 76 46.00 10.54 23.08
N LEU D 77 45.20 11.49 23.55
CA LEU D 77 44.33 12.26 22.66
C LEU D 77 45.03 13.48 22.06
N THR D 78 46.36 13.51 22.14
CA THR D 78 47.15 14.55 21.51
C THR D 78 47.71 14.05 20.19
N CYS D 79 47.57 12.76 19.93
CA CYS D 79 48.05 12.15 18.69
C CYS D 79 47.30 12.70 17.47
N GLY D 80 48.01 12.77 16.35
CA GLY D 80 47.43 13.25 15.10
C GLY D 80 46.44 12.28 14.51
N ASN D 81 46.56 11.01 14.88
CA ASN D 81 45.62 9.95 14.49
C ASN D 81 45.01 9.26 15.69
N ILE D 82 43.68 9.25 15.73
CA ILE D 82 42.92 8.71 16.85
C ILE D 82 41.81 7.78 16.35
N LEU D 83 41.38 6.83 17.17
CA LEU D 83 40.32 5.92 16.78
C LEU D 83 38.98 6.25 17.45
N MET D 84 37.90 6.16 16.69
CA MET D 84 36.56 6.30 17.22
C MET D 84 35.69 5.11 16.82
N TRP D 85 34.67 4.83 17.61
CA TRP D 85 33.70 3.83 17.23
C TRP D 85 32.77 4.39 16.17
N GLU D 86 32.54 3.60 15.12
CA GLU D 86 31.70 4.01 13.99
C GLU D 86 30.51 3.05 13.85
N ALA D 87 29.30 3.58 14.04
CA ALA D 87 28.08 2.78 13.92
C ALA D 87 27.80 2.42 12.46
N VAL D 88 27.68 1.12 12.19
CA VAL D 88 27.62 0.63 10.81
C VAL D 88 26.24 0.12 10.42
N THR D 89 25.62 -0.65 11.32
CA THR D 89 24.28 -1.20 11.08
C THR D 89 23.44 -1.23 12.35
N VAL D 90 22.13 -1.27 12.18
CA VAL D 90 21.21 -1.46 13.30
C VAL D 90 20.06 -2.41 12.94
N LYS D 91 19.74 -3.31 13.86
CA LYS D 91 18.47 -4.01 13.84
C LYS D 91 17.59 -3.44 14.94
N THR D 92 16.33 -3.13 14.62
CA THR D 92 15.45 -2.53 15.61
C THR D 92 14.06 -3.18 15.54
N GLU D 93 13.39 -3.25 16.68
CA GLU D 93 12.17 -4.04 16.82
C GLU D 93 11.24 -3.43 17.86
N VAL D 94 9.94 -3.46 17.56
CA VAL D 94 8.92 -3.05 18.54
C VAL D 94 8.50 -4.25 19.38
N ILE D 95 8.53 -4.10 20.70
CA ILE D 95 8.34 -5.25 21.60
C ILE D 95 6.95 -5.32 22.22
N GLY D 96 6.26 -6.44 21.98
CA GLY D 96 4.98 -6.73 22.63
C GLY D 96 3.73 -6.41 21.81
N VAL D 97 3.83 -6.55 20.49
CA VAL D 97 2.73 -6.18 19.58
C VAL D 97 1.50 -7.05 19.76
N THR D 98 1.70 -8.31 20.17
CA THR D 98 0.61 -9.25 20.36
C THR D 98 -0.19 -8.96 21.64
N ALA D 99 0.37 -8.13 22.53
CA ALA D 99 -0.31 -7.76 23.77
C ALA D 99 -1.66 -7.11 23.49
N MET D 100 -1.78 -6.51 22.31
CA MET D 100 -2.99 -5.77 21.92
C MET D 100 -4.12 -6.70 21.46
N LEU D 101 -3.82 -8.01 21.45
CA LEU D 101 -4.83 -9.03 21.18
C LEU D 101 -5.66 -9.34 22.43
N ASN D 102 -5.32 -8.69 23.54
CA ASN D 102 -6.15 -8.68 24.73
C ASN D 102 -7.30 -7.69 24.54
N LEU D 103 -8.50 -8.21 24.33
CA LEU D 103 -9.67 -7.36 24.13
C LEU D 103 -10.67 -7.49 25.27
N HIS D 104 -10.24 -8.03 26.39
CA HIS D 104 -11.15 -8.30 27.51
C HIS D 104 -10.83 -7.46 28.77
N SER D 105 -9.59 -7.02 28.91
CA SER D 105 -9.16 -6.25 30.10
C SER D 105 -9.50 -4.76 30.01
N GLY D 106 -10.54 -4.35 30.74
CA GLY D 106 -10.91 -2.94 30.84
C GLY D 106 -11.36 -2.28 29.55
N THR D 107 -11.80 -3.08 28.59
CA THR D 107 -12.14 -2.58 27.27
C THR D 107 -13.59 -2.08 27.17
N GLN D 108 -13.89 -1.41 26.08
CA GLN D 108 -15.26 -1.02 25.75
C GLN D 108 -15.77 -1.89 24.60
N LYS D 109 -16.89 -2.57 24.81
CA LYS D 109 -17.40 -3.46 23.77
C LYS D 109 -17.81 -2.64 22.55
N THR D 110 -17.63 -3.20 21.36
CA THR D 110 -17.95 -2.47 20.14
C THR D 110 -19.47 -2.44 19.93
N HIS D 111 -20.14 -3.49 20.37
CA HIS D 111 -21.59 -3.63 20.30
C HIS D 111 -22.08 -4.60 21.37
N GLU D 112 -23.39 -4.71 21.52
CA GLU D 112 -23.98 -5.69 22.44
C GLU D 112 -23.51 -7.10 22.12
N ASN D 113 -22.84 -7.73 23.09
CA ASN D 113 -22.33 -9.10 22.93
C ASN D 113 -20.93 -9.16 22.31
N GLY D 114 -20.47 -8.03 21.77
CA GLY D 114 -19.20 -7.97 21.07
C GLY D 114 -17.97 -7.98 21.96
N ALA D 115 -16.80 -8.06 21.33
CA ALA D 115 -15.53 -8.01 22.01
C ALA D 115 -15.09 -6.58 22.23
N GLY D 116 -14.03 -6.39 23.00
CA GLY D 116 -13.53 -5.05 23.29
C GLY D 116 -13.00 -4.34 22.07
N LYS D 117 -12.96 -3.01 22.13
CA LYS D 117 -12.46 -2.22 21.01
C LYS D 117 -10.94 -2.23 21.00
N PRO D 118 -10.33 -2.65 19.89
CA PRO D 118 -8.88 -2.71 19.82
C PRO D 118 -8.26 -1.32 19.87
N ILE D 119 -7.00 -1.25 20.29
CA ILE D 119 -6.26 0.00 20.27
C ILE D 119 -6.07 0.45 18.82
N GLN D 120 -6.34 1.73 18.58
CA GLN D 120 -6.33 2.30 17.25
C GLN D 120 -6.30 3.81 17.30
N GLY D 121 -6.18 4.46 16.15
CA GLY D 121 -6.11 5.91 16.08
C GLY D 121 -4.76 6.45 15.65
N SER D 122 -4.52 7.73 15.89
CA SER D 122 -3.24 8.36 15.56
C SER D 122 -2.08 7.60 16.17
N ASN D 123 -1.00 7.48 15.40
CA ASN D 123 0.20 6.80 15.88
C ASN D 123 1.48 7.47 15.36
N PHE D 124 2.60 7.16 15.99
CA PHE D 124 3.89 7.69 15.59
C PHE D 124 4.98 6.73 16.02
N HIS D 125 5.69 6.18 15.03
CA HIS D 125 6.78 5.23 15.29
C HIS D 125 8.07 5.79 14.72
N PHE D 126 9.10 5.85 15.58
CA PHE D 126 10.30 6.62 15.30
C PHE D 126 11.52 6.06 16.04
N PHE D 127 12.67 6.04 15.37
CA PHE D 127 13.91 5.68 16.04
C PHE D 127 15.09 6.43 15.42
N ALA D 128 16.17 6.58 16.20
CA ALA D 128 17.38 7.22 15.73
C ALA D 128 18.62 6.58 16.35
N VAL D 129 19.72 6.60 15.61
CA VAL D 129 21.03 6.17 16.11
C VAL D 129 22.07 7.23 15.76
N GLY D 130 22.85 7.63 16.76
CA GLY D 130 23.86 8.68 16.57
C GLY D 130 25.00 8.64 17.56
N GLY D 131 26.08 9.34 17.23
CA GLY D 131 27.26 9.42 18.11
C GLY D 131 27.17 10.60 19.06
N GLU D 132 25.97 11.15 19.18
CA GLU D 132 25.69 12.29 20.05
C GLU D 132 24.19 12.45 20.16
N PRO D 133 23.71 13.29 21.10
CA PRO D 133 22.28 13.48 21.27
C PRO D 133 21.59 13.96 19.99
N LEU D 134 20.36 13.50 19.78
CA LEU D 134 19.54 13.91 18.64
C LEU D 134 19.16 15.39 18.74
N GLU D 135 19.40 16.12 17.65
CA GLU D 135 19.09 17.55 17.62
C GLU D 135 17.64 17.79 17.18
N LEU D 136 16.96 18.67 17.91
CA LEU D 136 15.51 18.89 17.74
C LEU D 136 15.15 20.30 17.30
N GLN D 137 14.00 20.40 16.64
CA GLN D 137 13.40 21.68 16.27
C GLN D 137 11.99 21.74 16.82
N GLY D 138 11.64 22.84 17.47
CA GLY D 138 10.31 22.99 18.07
C GLY D 138 9.24 23.51 17.11
N VAL D 139 8.09 22.85 17.14
CA VAL D 139 6.90 23.29 16.42
C VAL D 139 5.67 23.00 17.28
N LEU D 140 4.77 23.99 17.39
CA LEU D 140 3.61 23.87 18.26
C LEU D 140 2.28 23.96 17.50
N ALA D 141 1.31 23.14 17.90
CA ALA D 141 -0.04 23.24 17.37
C ALA D 141 -0.73 24.47 17.92
N ASN D 142 -0.53 24.72 19.21
CA ASN D 142 -1.03 25.91 19.86
C ASN D 142 0.07 26.60 20.66
N TYR D 143 0.52 27.76 20.19
CA TYR D 143 1.70 28.41 20.79
C TYR D 143 1.40 28.97 22.20
N ARG D 144 0.12 29.01 22.56
CA ARG D 144 -0.30 29.55 23.85
C ARG D 144 -0.55 28.47 24.89
N THR D 145 -0.20 27.23 24.54
CA THR D 145 -0.32 26.12 25.49
C THR D 145 0.57 26.36 26.70
N LYS D 146 0.03 26.09 27.88
CA LYS D 146 0.78 26.24 29.11
C LYS D 146 1.32 24.90 29.59
N TYR D 147 2.58 24.61 29.22
CA TYR D 147 3.18 23.30 29.50
C TYR D 147 3.64 23.19 30.94
N PRO D 148 3.50 21.99 31.53
CA PRO D 148 3.79 21.71 32.93
C PRO D 148 5.28 21.77 33.24
N ALA D 149 5.59 21.87 34.53
CA ALA D 149 6.95 21.78 35.01
C ALA D 149 7.43 20.34 34.94
N GLN D 150 8.72 20.15 34.76
CA GLN D 150 9.28 18.81 34.63
C GLN D 150 9.31 18.38 33.18
N THR D 151 9.05 19.33 32.28
CA THR D 151 9.18 19.09 30.85
C THR D 151 9.97 20.20 30.19
N VAL D 152 10.69 19.86 29.13
CA VAL D 152 11.41 20.84 28.34
C VAL D 152 10.66 21.13 27.06
N THR D 153 10.12 22.34 26.94
CA THR D 153 9.39 22.74 25.74
C THR D 153 9.99 24.04 25.18
N PRO D 154 9.56 24.45 23.97
CA PRO D 154 10.08 25.65 23.32
C PRO D 154 9.95 26.91 24.20
N LYS D 155 11.08 27.60 24.38
CA LYS D 155 11.13 28.82 25.17
C LYS D 155 10.65 30.03 24.40
N ASN D 156 9.93 30.92 25.09
CA ASN D 156 9.44 32.17 24.51
C ASN D 156 8.64 31.91 23.24
N ALA D 157 7.73 30.95 23.32
CA ALA D 157 6.88 30.60 22.19
C ALA D 157 6.16 31.83 21.67
N THR D 158 6.17 32.01 20.36
CA THR D 158 5.51 33.17 19.75
C THR D 158 4.51 32.76 18.69
N VAL D 159 4.02 33.75 17.97
CA VAL D 159 3.09 33.54 16.88
C VAL D 159 3.62 32.55 15.85
N ASP D 160 4.93 32.59 15.64
CA ASP D 160 5.56 31.83 14.56
C ASP D 160 5.92 30.41 14.99
N SER D 161 5.73 30.10 16.27
CA SER D 161 6.02 28.76 16.78
C SER D 161 5.07 27.70 16.21
N GLN D 162 4.01 28.15 15.53
CA GLN D 162 3.07 27.24 14.88
C GLN D 162 3.52 26.95 13.44
N GLN D 163 4.48 27.74 12.97
CA GLN D 163 5.21 27.46 11.75
C GLN D 163 6.71 27.42 12.05
N MET D 164 7.51 28.18 11.30
CA MET D 164 8.96 28.21 11.54
C MET D 164 9.37 29.27 12.57
N ASN D 165 9.94 28.80 13.67
CA ASN D 165 10.63 29.66 14.62
C ASN D 165 12.00 29.08 14.93
N THR D 166 13.02 29.58 14.24
CA THR D 166 14.36 29.00 14.29
C THR D 166 15.04 29.12 15.66
N ASP D 167 14.39 29.80 16.60
CA ASP D 167 14.92 29.93 17.95
C ASP D 167 14.75 28.64 18.75
N HIS D 168 13.74 27.86 18.39
CA HIS D 168 13.44 26.62 19.11
C HIS D 168 14.36 25.47 18.67
N LYS D 169 15.61 25.52 19.14
CA LYS D 169 16.55 24.43 18.93
C LYS D 169 16.82 23.75 20.27
N ALA D 170 17.02 22.44 20.23
CA ALA D 170 17.32 21.68 21.43
C ALA D 170 17.98 20.35 21.10
N VAL D 171 18.37 19.61 22.14
CA VAL D 171 18.91 18.27 21.96
C VAL D 171 18.21 17.29 22.89
N LEU D 172 18.06 16.05 22.43
CA LEU D 172 17.44 15.02 23.25
C LEU D 172 18.48 14.45 24.23
N ASP D 173 18.62 15.10 25.38
CA ASP D 173 19.62 14.71 26.36
C ASP D 173 18.98 14.17 27.64
N LYS D 174 17.65 14.23 27.71
CA LYS D 174 16.94 13.81 28.91
C LYS D 174 15.76 12.91 28.56
N ASP D 175 15.69 11.76 29.22
CA ASP D 175 14.59 10.82 29.03
C ASP D 175 13.33 11.30 29.75
N ASN D 176 12.17 11.03 29.14
CA ASN D 176 10.86 11.39 29.70
C ASN D 176 10.78 12.87 30.06
N ALA D 177 11.25 13.74 29.17
CA ALA D 177 11.25 15.18 29.42
C ALA D 177 10.77 16.01 28.23
N TYR D 178 11.13 15.58 27.02
CA TYR D 178 10.77 16.30 25.81
C TYR D 178 9.48 15.76 25.18
N PRO D 179 8.37 16.50 25.33
CA PRO D 179 7.07 16.05 24.81
C PRO D 179 7.10 15.86 23.29
N VAL D 180 6.59 14.73 22.82
CA VAL D 180 6.61 14.42 21.40
C VAL D 180 5.91 15.52 20.59
N GLU D 181 4.82 16.05 21.13
CA GLU D 181 3.99 17.03 20.41
C GLU D 181 4.66 18.40 20.26
N CYS D 182 5.84 18.57 20.85
CA CYS D 182 6.55 19.86 20.83
C CYS D 182 7.74 19.86 19.89
N TRP D 183 8.36 18.70 19.70
CA TRP D 183 9.65 18.62 19.01
C TRP D 183 9.68 17.63 17.85
N VAL D 184 10.45 17.98 16.82
CA VAL D 184 10.80 17.04 15.76
C VAL D 184 12.30 17.08 15.53
N PRO D 185 12.86 16.00 14.98
CA PRO D 185 14.28 16.04 14.63
C PRO D 185 14.57 17.15 13.62
N ASP D 186 15.69 17.84 13.81
CA ASP D 186 16.06 18.96 12.97
C ASP D 186 16.87 18.52 11.74
N PRO D 187 16.27 18.65 10.55
CA PRO D 187 16.91 18.24 9.29
C PRO D 187 18.07 19.15 8.88
N SER D 188 18.17 20.34 9.49
CA SER D 188 19.26 21.27 9.17
C SER D 188 20.53 20.95 9.97
N LYS D 189 20.41 19.99 10.88
CA LYS D 189 21.55 19.49 11.63
C LYS D 189 21.60 17.96 11.55
N ASN D 190 22.00 17.33 12.64
CA ASN D 190 21.98 15.85 12.73
C ASN D 190 22.93 15.17 11.74
N GLU D 191 24.06 15.81 11.48
CA GLU D 191 25.07 15.29 10.58
C GLU D 191 25.65 13.98 11.11
N ASN D 192 25.58 13.78 12.42
CA ASN D 192 26.17 12.62 13.08
C ASN D 192 25.12 11.66 13.65
N THR D 193 23.89 11.78 13.13
CA THR D 193 22.78 10.93 13.52
C THR D 193 21.95 10.48 12.32
N ARG D 194 21.41 9.27 12.37
CA ARG D 194 20.44 8.79 11.38
C ARG D 194 19.10 8.56 12.04
N TYR D 195 18.04 9.15 11.48
CA TYR D 195 16.70 8.99 12.09
C TYR D 195 15.62 8.62 11.05
N PHE D 196 14.56 7.97 11.54
CA PHE D 196 13.48 7.49 10.71
C PHE D 196 12.16 7.52 11.46
N GLY D 197 11.14 8.14 10.89
CA GLY D 197 9.84 8.20 11.55
C GLY D 197 8.64 8.27 10.62
N THR D 198 7.50 7.76 11.10
CA THR D 198 6.24 7.86 10.36
C THR D 198 5.07 8.28 11.28
N TYR D 199 4.36 9.34 10.87
CA TYR D 199 3.16 9.79 11.57
C TYR D 199 1.89 9.42 10.79
N THR D 200 0.90 8.86 11.50
CA THR D 200 -0.40 8.59 10.91
C THR D 200 -1.50 9.22 11.76
N GLY D 201 -2.33 10.07 11.15
CA GLY D 201 -3.40 10.75 11.88
C GLY D 201 -4.81 10.27 11.53
N GLY D 202 -5.69 10.24 12.54
CA GLY D 202 -7.07 9.77 12.35
C GLY D 202 -7.48 8.82 13.46
N GLU D 203 -8.65 9.07 14.06
CA GLU D 203 -9.03 8.35 15.29
C GLU D 203 -9.36 6.87 15.04
N ASN D 204 -9.59 6.49 13.80
CA ASN D 204 -9.92 5.10 13.48
C ASN D 204 -8.81 4.36 12.73
N VAL D 205 -7.61 4.96 12.69
CA VAL D 205 -6.48 4.38 11.97
C VAL D 205 -6.04 3.05 12.58
N PRO D 206 -6.01 1.98 11.76
CA PRO D 206 -5.51 0.68 12.20
C PRO D 206 -3.99 0.63 12.30
N PRO D 207 -3.46 0.25 13.47
CA PRO D 207 -2.04 -0.04 13.61
C PRO D 207 -1.61 -1.19 12.70
N VAL D 208 -0.47 -1.02 12.04
CA VAL D 208 0.16 -2.05 11.24
C VAL D 208 1.61 -2.20 11.67
N LEU D 209 1.95 -3.33 12.27
CA LEU D 209 3.26 -3.51 12.89
C LEU D 209 3.91 -4.82 12.48
N HIS D 210 5.10 -4.72 11.88
CA HIS D 210 5.85 -5.90 11.43
C HIS D 210 6.98 -6.26 12.39
N ILE D 211 7.23 -7.55 12.55
CA ILE D 211 8.35 -8.03 13.37
C ILE D 211 9.17 -9.08 12.61
N THR D 212 10.49 -9.04 12.83
CA THR D 212 11.42 -9.98 12.19
C THR D 212 12.82 -9.79 12.77
N ASN D 213 13.66 -10.81 12.64
CA ASN D 213 15.07 -10.68 13.04
C ASN D 213 15.99 -10.71 11.83
N THR D 214 15.42 -10.48 10.65
CA THR D 214 16.17 -10.56 9.40
C THR D 214 16.35 -9.20 8.72
N ALA D 215 15.79 -8.14 9.30
CA ALA D 215 15.87 -6.80 8.71
C ALA D 215 16.99 -5.97 9.34
N THR D 216 17.87 -5.44 8.49
CA THR D 216 19.00 -4.60 8.92
C THR D 216 18.99 -3.25 8.22
N THR D 217 19.24 -2.18 8.98
CA THR D 217 19.39 -0.85 8.41
C THR D 217 20.86 -0.43 8.42
N VAL D 218 21.35 0.04 7.28
CA VAL D 218 22.74 0.48 7.15
C VAL D 218 22.84 1.96 7.51
N LEU D 219 23.83 2.32 8.31
CA LEU D 219 23.92 3.66 8.88
C LEU D 219 24.99 4.54 8.22
N LEU D 220 25.65 4.02 7.20
CA LEU D 220 26.65 4.79 6.46
C LEU D 220 25.99 5.86 5.59
N ASP D 221 26.62 7.02 5.48
CA ASP D 221 26.09 8.14 4.68
C ASP D 221 26.60 8.06 3.24
N GLU D 222 26.28 9.07 2.43
CA GLU D 222 26.65 8.97 1.00
C GLU D 222 28.18 8.90 0.82
N GLN D 223 28.94 9.17 1.89
CA GLN D 223 30.39 9.11 1.82
C GLN D 223 30.92 7.76 2.31
N GLY D 224 30.03 6.92 2.84
CA GLY D 224 30.42 5.62 3.39
C GLY D 224 30.88 5.72 4.84
N VAL D 225 30.39 6.74 5.54
CA VAL D 225 30.73 6.94 6.94
C VAL D 225 29.49 6.87 7.82
N GLY D 226 29.55 6.04 8.86
CA GLY D 226 28.47 5.95 9.85
C GLY D 226 28.70 6.95 10.97
N PRO D 227 27.71 7.10 11.86
CA PRO D 227 27.84 7.98 13.02
C PRO D 227 29.11 7.70 13.84
N LEU D 228 29.84 8.76 14.13
CA LEU D 228 31.06 8.66 14.93
C LEU D 228 30.76 9.05 16.37
N CYS D 229 31.07 8.15 17.29
CA CYS D 229 30.64 8.29 18.68
C CYS D 229 31.57 9.18 19.49
N LYS D 230 31.13 10.41 19.73
CA LYS D 230 31.90 11.39 20.49
C LYS D 230 31.92 11.05 21.98
N ALA D 231 33.07 11.24 22.62
CA ALA D 231 33.21 10.95 24.03
C ALA D 231 32.88 9.49 24.34
N ASP D 232 33.09 8.62 23.36
CA ASP D 232 32.83 7.18 23.50
C ASP D 232 31.40 6.90 23.95
N SER D 233 30.45 7.64 23.37
CA SER D 233 29.04 7.50 23.72
C SER D 233 28.18 7.25 22.49
N LEU D 234 27.27 6.28 22.61
CA LEU D 234 26.31 5.99 21.56
C LEU D 234 24.90 6.35 22.02
N TYR D 235 24.16 7.08 21.19
CA TYR D 235 22.82 7.51 21.56
C TYR D 235 21.72 6.79 20.75
N VAL D 236 20.72 6.28 21.45
CA VAL D 236 19.54 5.72 20.81
C VAL D 236 18.28 6.43 21.32
N SER D 237 17.43 6.82 20.38
CA SER D 237 16.20 7.55 20.68
C SER D 237 15.00 6.87 20.03
N ALA D 238 13.81 7.05 20.60
CA ALA D 238 12.63 6.36 20.09
C ALA D 238 11.30 6.96 20.57
N VAL D 239 10.30 6.84 19.71
CA VAL D 239 8.91 7.05 20.07
C VAL D 239 8.09 5.97 19.40
N ASP D 240 7.17 5.35 20.14
CA ASP D 240 6.30 4.31 19.58
C ASP D 240 4.87 4.41 20.13
N ILE D 241 4.20 5.48 19.76
CA ILE D 241 2.78 5.65 20.05
C ILE D 241 1.96 4.78 19.11
N CYS D 242 1.37 3.73 19.65
CA CYS D 242 0.65 2.74 18.86
C CYS D 242 -0.76 3.18 18.50
N GLY D 243 -1.32 4.06 19.33
CA GLY D 243 -2.69 4.53 19.15
C GLY D 243 -3.35 4.85 20.48
N LEU D 244 -4.68 4.80 20.51
CA LEU D 244 -5.45 5.10 21.70
C LEU D 244 -6.11 3.86 22.30
N PHE D 245 -5.99 3.73 23.62
CA PHE D 245 -6.75 2.71 24.34
C PHE D 245 -8.05 3.31 24.83
N THR D 246 -9.17 2.63 24.56
CA THR D 246 -10.48 3.10 24.97
C THR D 246 -10.96 2.32 26.19
N ASN D 247 -11.10 3.03 27.30
CA ASN D 247 -11.67 2.48 28.52
C ASN D 247 -13.16 2.20 28.36
N THR D 248 -13.72 1.38 29.24
CA THR D 248 -15.14 1.10 29.23
C THR D 248 -15.94 2.40 29.25
N SER D 249 -15.46 3.40 29.99
CA SER D 249 -16.16 4.66 30.17
C SER D 249 -16.13 5.54 28.92
N GLY D 250 -15.26 5.18 27.97
CA GLY D 250 -15.09 5.97 26.77
C GLY D 250 -13.87 6.87 26.80
N THR D 251 -13.30 7.05 27.99
CA THR D 251 -12.08 7.85 28.16
C THR D 251 -10.90 7.12 27.54
N GLN D 252 -9.98 7.88 26.97
CA GLN D 252 -8.90 7.32 26.16
C GLN D 252 -7.54 7.77 26.64
N GLN D 253 -6.53 6.96 26.37
CA GLN D 253 -5.17 7.26 26.75
C GLN D 253 -4.18 6.57 25.81
N TRP D 254 -3.15 7.31 25.40
CA TRP D 254 -2.15 6.79 24.47
C TRP D 254 -1.55 5.46 24.94
N LYS D 255 -1.27 4.58 23.99
CA LYS D 255 -0.53 3.34 24.26
C LYS D 255 0.84 3.39 23.60
N GLY D 256 1.85 2.91 24.33
CA GLY D 256 3.19 2.80 23.79
C GLY D 256 3.75 1.42 24.04
N LEU D 257 4.79 1.06 23.30
CA LEU D 257 5.49 -0.20 23.48
C LEU D 257 6.99 0.02 23.49
N PRO D 258 7.75 -0.86 24.17
CA PRO D 258 9.21 -0.76 24.21
C PRO D 258 9.83 -0.98 22.83
N ARG D 259 11.09 -0.59 22.70
CA ARG D 259 11.81 -0.76 21.44
C ARG D 259 13.21 -1.33 21.69
N TYR D 260 13.60 -2.28 20.84
CA TYR D 260 14.90 -2.94 20.95
C TYR D 260 15.88 -2.43 19.91
N PHE D 261 17.15 -2.33 20.30
CA PHE D 261 18.23 -1.92 19.39
C PHE D 261 19.36 -2.92 19.42
N LYS D 262 19.96 -3.16 18.26
CA LYS D 262 21.17 -3.95 18.17
C LYS D 262 22.10 -3.33 17.14
N ILE D 263 23.14 -2.67 17.63
CA ILE D 263 24.03 -1.89 16.76
C ILE D 263 25.42 -2.53 16.64
N THR D 264 25.93 -2.56 15.41
CA THR D 264 27.25 -3.06 15.11
C THR D 264 28.17 -1.89 14.78
N LEU D 265 29.34 -1.87 15.41
CA LEU D 265 30.29 -0.76 15.24
C LEU D 265 31.67 -1.25 14.84
N ARG D 266 32.42 -0.40 14.17
CA ARG D 266 33.80 -0.69 13.80
C ARG D 266 34.70 0.46 14.25
N LYS D 267 35.99 0.18 14.39
CA LYS D 267 36.96 1.21 14.74
C LYS D 267 37.40 1.96 13.49
N ARG D 268 37.30 3.27 13.54
CA ARG D 268 37.77 4.10 12.45
C ARG D 268 38.85 5.04 12.95
N SER D 269 39.93 5.15 12.19
CA SER D 269 40.96 6.13 12.48
C SER D 269 40.49 7.50 12.03
N VAL D 270 40.72 8.49 12.87
CA VAL D 270 40.24 9.83 12.64
C VAL D 270 41.36 10.84 12.83
N LYS D 271 41.33 11.91 12.03
CA LYS D 271 42.34 12.96 12.17
C LYS D 271 42.12 13.79 13.44
N ASN D 272 43.20 14.07 14.16
CA ASN D 272 43.10 14.77 15.43
C ASN D 272 44.16 15.88 15.58
N ILE E 7 28.25 -22.05 17.28
CA ILE E 7 28.79 -23.09 16.37
C ILE E 7 29.61 -22.48 15.23
N GLU E 8 30.86 -22.92 15.11
CA GLU E 8 31.73 -22.52 14.00
C GLU E 8 31.46 -23.36 12.77
N VAL E 9 31.18 -22.70 11.65
CA VAL E 9 30.83 -23.37 10.41
C VAL E 9 32.02 -23.48 9.44
N LEU E 10 31.92 -24.39 8.49
CA LEU E 10 32.87 -24.48 7.39
C LEU E 10 32.20 -24.10 6.07
N GLY E 11 32.99 -23.91 5.02
CA GLY E 11 32.47 -23.60 3.69
C GLY E 11 31.48 -24.65 3.19
N VAL E 12 30.73 -24.33 2.14
CA VAL E 12 29.61 -25.17 1.69
C VAL E 12 30.06 -26.41 0.90
N LYS E 13 29.33 -27.51 1.09
CA LYS E 13 29.59 -28.79 0.45
C LYS E 13 28.67 -29.06 -0.75
N THR E 14 29.07 -30.02 -1.59
CA THR E 14 28.31 -30.36 -2.78
C THR E 14 27.78 -31.78 -2.74
N GLY E 15 27.03 -32.17 -3.76
CA GLY E 15 26.48 -33.52 -3.85
C GLY E 15 25.05 -33.54 -4.33
N ASP E 17 22.86 -36.07 -3.13
CA ASP E 17 22.95 -36.78 -1.86
C ASP E 17 23.24 -35.83 -0.72
N SER E 18 23.33 -34.54 -1.04
CA SER E 18 23.67 -33.51 -0.06
C SER E 18 22.45 -32.71 0.41
N PHE E 19 21.31 -32.93 -0.25
CA PHE E 19 20.10 -32.15 0.00
C PHE E 19 18.99 -32.99 0.64
N THR E 20 17.86 -32.35 0.91
CA THR E 20 16.64 -33.03 1.36
C THR E 20 15.52 -32.02 1.57
N GLU E 21 14.28 -32.47 1.44
CA GLU E 21 13.11 -31.63 1.69
C GLU E 21 12.19 -32.24 2.73
N VAL E 22 11.60 -31.39 3.57
CA VAL E 22 10.57 -31.82 4.51
C VAL E 22 9.38 -30.87 4.42
N GLU E 23 8.18 -31.39 4.65
CA GLU E 23 6.97 -30.58 4.60
C GLU E 23 6.11 -30.83 5.83
N CYS E 24 5.14 -29.94 6.07
CA CYS E 24 4.37 -29.96 7.30
C CYS E 24 3.11 -29.08 7.20
N PHE E 25 1.98 -29.65 7.62
CA PHE E 25 0.77 -28.88 7.83
C PHE E 25 0.56 -28.66 9.32
N LEU E 26 0.53 -27.40 9.74
CA LEU E 26 0.29 -27.05 11.14
C LEU E 26 -1.11 -26.49 11.38
N ASN E 27 -1.89 -27.20 12.21
CA ASN E 27 -3.21 -26.72 12.60
C ASN E 27 -3.13 -25.47 13.47
N PRO E 28 -4.15 -24.60 13.37
CA PRO E 28 -4.21 -23.43 14.24
C PRO E 28 -4.67 -23.83 15.64
N GLN E 29 -4.35 -22.99 16.63
CA GLN E 29 -4.74 -23.25 18.01
C GLN E 29 -5.46 -22.04 18.59
N MET E 30 -6.69 -21.82 18.15
CA MET E 30 -7.45 -20.63 18.54
C MET E 30 -8.15 -20.80 19.89
N GLY E 31 -8.40 -22.04 20.27
CA GLY E 31 -9.05 -22.34 21.54
C GLY E 31 -9.89 -23.61 21.49
N ASN E 32 -10.66 -23.74 20.41
CA ASN E 32 -11.47 -24.93 20.15
C ASN E 32 -12.46 -25.24 21.27
N PRO E 33 -13.50 -24.41 21.42
CA PRO E 33 -14.44 -24.47 22.55
C PRO E 33 -15.17 -25.82 22.67
N ASP E 34 -15.38 -26.50 21.55
CA ASP E 34 -15.90 -27.86 21.57
C ASP E 34 -15.53 -28.58 20.28
N GLU E 35 -16.00 -29.81 20.14
CA GLU E 35 -15.63 -30.66 19.01
C GLU E 35 -16.08 -30.10 17.67
N HIS E 36 -17.11 -29.27 17.69
CA HIS E 36 -17.72 -28.75 16.46
C HIS E 36 -17.11 -27.41 16.04
N GLN E 37 -16.24 -26.86 16.89
CA GLN E 37 -15.75 -25.49 16.68
C GLN E 37 -14.22 -25.42 16.64
N LYS E 38 -13.60 -26.29 15.85
CA LYS E 38 -12.17 -26.24 15.62
C LYS E 38 -11.84 -25.12 14.65
N GLY E 39 -10.76 -24.40 14.92
CA GLY E 39 -10.39 -23.24 14.13
C GLY E 39 -10.94 -21.94 14.69
N LEU E 40 -11.72 -22.06 15.76
CA LEU E 40 -12.31 -20.91 16.42
C LEU E 40 -11.91 -20.85 17.90
N SER E 41 -12.01 -19.66 18.50
CA SER E 41 -11.88 -19.51 19.94
C SER E 41 -13.25 -19.56 20.59
N LYS E 42 -13.26 -19.62 21.92
CA LYS E 42 -14.50 -19.46 22.67
C LYS E 42 -15.03 -18.04 22.49
N SER E 43 -16.32 -17.85 22.71
CA SER E 43 -16.91 -16.52 22.66
C SER E 43 -16.11 -15.59 23.56
N LEU E 44 -15.84 -14.39 23.06
CA LEU E 44 -14.93 -13.46 23.72
C LEU E 44 -15.63 -12.55 24.73
N ALA E 45 -15.04 -12.42 25.91
CA ALA E 45 -15.54 -11.48 26.92
C ALA E 45 -14.99 -10.08 26.65
N ALA E 46 -15.66 -9.08 27.23
CA ALA E 46 -15.25 -7.69 27.08
C ALA E 46 -15.56 -6.90 28.34
N GLU E 47 -14.96 -5.71 28.46
CA GLU E 47 -15.23 -4.74 29.54
C GLU E 47 -14.97 -5.30 30.95
N LYS E 48 -14.09 -6.28 31.06
CA LYS E 48 -13.78 -6.89 32.36
C LYS E 48 -12.87 -5.98 33.20
N GLN E 49 -12.99 -6.09 34.53
CA GLN E 49 -12.19 -5.26 35.42
C GLN E 49 -10.72 -5.70 35.44
N PHE E 50 -9.82 -4.71 35.44
CA PHE E 50 -8.38 -5.00 35.44
C PHE E 50 -8.02 -5.97 36.56
N THR E 51 -8.59 -5.76 37.73
CA THR E 51 -8.23 -6.52 38.93
C THR E 51 -8.99 -7.84 39.06
N ASP E 52 -9.93 -8.09 38.16
CA ASP E 52 -10.75 -9.29 38.19
C ASP E 52 -10.98 -9.85 36.79
N ASP E 53 -9.89 -10.14 36.10
CA ASP E 53 -9.94 -10.64 34.72
C ASP E 53 -9.33 -12.04 34.61
N SER E 54 -10.19 -13.05 34.48
CA SER E 54 -9.76 -14.45 34.42
C SER E 54 -10.25 -15.15 33.14
N PRO E 55 -9.49 -15.02 32.04
CA PRO E 55 -9.91 -15.64 30.77
C PRO E 55 -9.84 -17.17 30.80
N ASP E 56 -10.77 -17.82 30.09
CA ASP E 56 -10.71 -19.25 29.91
C ASP E 56 -9.65 -19.58 28.87
N LYS E 57 -9.03 -20.75 29.00
CA LYS E 57 -8.00 -21.12 28.05
C LYS E 57 -8.55 -21.13 26.61
N GLU E 58 -9.83 -21.49 26.47
CA GLU E 58 -10.44 -21.63 25.16
C GLU E 58 -10.70 -20.27 24.53
N GLN E 59 -10.53 -19.22 25.33
CA GLN E 59 -10.70 -17.85 24.85
C GLN E 59 -9.38 -17.27 24.35
N LEU E 60 -8.29 -17.98 24.60
CA LEU E 60 -6.95 -17.50 24.29
C LEU E 60 -6.23 -18.32 23.22
N PRO E 61 -6.11 -17.76 22.01
CA PRO E 61 -5.30 -18.39 20.97
C PRO E 61 -3.85 -18.55 21.41
N CYS E 62 -3.24 -19.66 21.03
CA CYS E 62 -1.84 -19.94 21.40
C CYS E 62 -0.96 -20.16 20.17
N TYR E 63 0.35 -20.02 20.35
CA TYR E 63 1.31 -20.34 19.32
C TYR E 63 1.26 -21.80 18.92
N SER E 64 1.44 -22.06 17.63
CA SER E 64 1.56 -23.42 17.11
C SER E 64 3.02 -23.77 16.91
N VAL E 65 3.38 -25.01 17.19
CA VAL E 65 4.77 -25.45 17.03
C VAL E 65 4.88 -26.96 16.75
N ALA E 66 5.71 -27.30 15.77
CA ALA E 66 6.05 -28.69 15.48
C ALA E 66 7.57 -28.88 15.42
N ARG E 67 8.03 -30.01 15.96
CA ARG E 67 9.43 -30.40 15.77
C ARG E 67 9.49 -31.49 14.72
N ILE E 68 10.37 -31.29 13.73
CA ILE E 68 10.47 -32.21 12.60
C ILE E 68 11.80 -32.95 12.60
N PRO E 69 11.75 -34.29 12.70
CA PRO E 69 12.96 -35.10 12.75
C PRO E 69 13.62 -35.23 11.38
N LEU E 70 14.95 -35.13 11.36
CA LEU E 70 15.73 -35.21 10.12
C LEU E 70 16.63 -36.44 10.12
N PRO E 71 16.92 -36.98 8.92
CA PRO E 71 17.77 -38.16 8.84
C PRO E 71 19.07 -37.98 9.59
N ASN E 72 19.45 -39.00 10.37
CA ASN E 72 20.71 -39.03 11.10
C ASN E 72 21.91 -38.99 10.17
N ILE E 73 22.95 -38.24 10.53
CA ILE E 73 24.11 -38.13 9.61
C ILE E 73 25.47 -38.46 10.27
N ASN E 74 25.54 -38.46 11.60
CA ASN E 74 26.81 -38.76 12.28
C ASN E 74 26.78 -40.02 13.13
N GLU E 75 27.76 -40.90 12.91
CA GLU E 75 27.95 -42.10 13.74
C GLU E 75 28.40 -41.77 15.16
N ASP E 76 29.24 -40.73 15.29
CA ASP E 76 29.85 -40.38 16.56
C ASP E 76 29.91 -38.87 16.76
N LEU E 77 29.18 -38.36 17.75
CA LEU E 77 29.11 -36.94 18.00
C LEU E 77 30.28 -36.40 18.83
N THR E 78 31.30 -37.24 19.05
CA THR E 78 32.50 -36.79 19.76
C THR E 78 33.63 -36.41 18.78
N CYS E 79 33.41 -36.66 17.50
CA CYS E 79 34.38 -36.30 16.47
C CYS E 79 34.51 -34.79 16.33
N GLY E 80 35.73 -34.34 16.01
CA GLY E 80 36.01 -32.92 15.89
C GLY E 80 35.33 -32.27 14.71
N ASN E 81 35.03 -33.06 13.68
CA ASN E 81 34.37 -32.54 12.49
C ASN E 81 33.11 -33.33 12.20
N ILE E 82 32.01 -32.59 12.17
CA ILE E 82 30.68 -33.17 12.15
C ILE E 82 29.86 -32.56 11.01
N LEU E 83 28.76 -33.21 10.66
CA LEU E 83 27.82 -32.62 9.73
C LEU E 83 26.49 -32.30 10.42
N MET E 84 25.90 -31.16 10.08
CA MET E 84 24.57 -30.80 10.54
C MET E 84 23.69 -30.42 9.35
N TRP E 85 22.38 -30.60 9.51
CA TRP E 85 21.45 -30.12 8.51
C TRP E 85 21.30 -28.60 8.62
N GLU E 86 21.37 -27.94 7.47
CA GLU E 86 21.29 -26.48 7.39
C GLU E 86 20.09 -26.05 6.55
N ALA E 87 19.13 -25.38 7.18
CA ALA E 87 17.92 -24.91 6.50
C ALA E 87 18.24 -23.75 5.56
N VAL E 88 17.90 -23.92 4.28
CA VAL E 88 18.33 -22.99 3.24
C VAL E 88 17.18 -22.13 2.71
N THR E 89 16.04 -22.76 2.46
CA THR E 89 14.86 -22.06 1.95
C THR E 89 13.57 -22.61 2.54
N VAL E 90 12.52 -21.79 2.49
CA VAL E 90 11.19 -22.23 2.90
C VAL E 90 10.12 -21.65 1.96
N LYS E 91 9.16 -22.50 1.59
CA LYS E 91 7.89 -22.05 1.04
C LYS E 91 6.83 -22.23 2.11
N THR E 92 6.00 -21.22 2.30
CA THR E 92 4.98 -21.30 3.34
C THR E 92 3.66 -20.71 2.83
N GLU E 93 2.55 -21.26 3.31
CA GLU E 93 1.24 -20.99 2.75
C GLU E 93 0.15 -21.09 3.81
N VAL E 94 -0.81 -20.17 3.76
CA VAL E 94 -2.01 -20.24 4.60
C VAL E 94 -3.10 -21.06 3.92
N ILE E 95 -3.63 -22.06 4.62
CA ILE E 95 -4.52 -23.07 4.02
C ILE E 95 -6.01 -22.82 4.31
N GLY E 96 -6.80 -22.66 3.26
CA GLY E 96 -8.25 -22.55 3.36
C GLY E 96 -8.83 -21.15 3.38
N VAL E 97 -8.21 -20.23 2.66
CA VAL E 97 -8.61 -18.81 2.69
C VAL E 97 -9.99 -18.60 2.06
N THR E 98 -10.33 -19.44 1.09
CA THR E 98 -11.63 -19.32 0.41
C THR E 98 -12.80 -19.78 1.30
N ALA E 99 -12.48 -20.47 2.39
CA ALA E 99 -13.51 -20.94 3.31
C ALA E 99 -14.34 -19.79 3.86
N MET E 100 -13.74 -18.60 3.87
CA MET E 100 -14.37 -17.41 4.45
C MET E 100 -15.36 -16.77 3.48
N LEU E 101 -15.49 -17.35 2.30
CA LEU E 101 -16.51 -16.96 1.33
C LEU E 101 -17.88 -17.58 1.66
N ASN E 102 -17.91 -18.40 2.72
CA ASN E 102 -19.16 -18.88 3.29
C ASN E 102 -19.75 -17.81 4.18
N LEU E 103 -20.82 -17.17 3.71
CA LEU E 103 -21.46 -16.09 4.45
C LEU E 103 -22.86 -16.47 4.91
N HIS E 104 -23.17 -17.76 4.88
CA HIS E 104 -24.52 -18.23 5.20
C HIS E 104 -24.58 -19.10 6.47
N SER E 105 -23.47 -19.73 6.84
CA SER E 105 -23.43 -20.60 8.01
C SER E 105 -23.26 -19.85 9.34
N GLY E 106 -24.35 -19.71 10.09
CA GLY E 106 -24.32 -19.12 11.44
C GLY E 106 -23.91 -17.66 11.50
N THR E 107 -24.08 -16.95 10.39
CA THR E 107 -23.62 -15.58 10.28
C THR E 107 -24.65 -14.56 10.78
N GLN E 108 -24.20 -13.31 10.93
CA GLN E 108 -25.09 -12.20 11.21
C GLN E 108 -25.24 -11.34 9.96
N LYS E 109 -26.46 -11.07 9.55
CA LYS E 109 -26.69 -10.27 8.35
C LYS E 109 -26.22 -8.84 8.55
N THR E 110 -25.69 -8.24 7.49
CA THR E 110 -25.24 -6.86 7.52
C THR E 110 -26.41 -5.87 7.53
N HIS E 111 -27.47 -6.23 6.81
CA HIS E 111 -28.67 -5.40 6.74
C HIS E 111 -29.88 -6.24 6.37
N GLU E 112 -31.06 -5.62 6.38
CA GLU E 112 -32.27 -6.28 5.92
C GLU E 112 -32.11 -6.88 4.52
N ASN E 113 -32.21 -8.20 4.42
CA ASN E 113 -32.12 -8.87 3.13
C ASN E 113 -30.69 -9.12 2.67
N GLY E 114 -29.72 -8.70 3.49
CA GLY E 114 -28.31 -8.74 3.10
C GLY E 114 -27.62 -10.07 3.34
N ALA E 115 -26.41 -10.21 2.80
CA ALA E 115 -25.59 -11.39 3.03
C ALA E 115 -24.96 -11.32 4.42
N GLY E 116 -24.35 -12.42 4.85
CA GLY E 116 -23.73 -12.50 6.17
C GLY E 116 -22.45 -11.69 6.27
N LYS E 117 -22.18 -11.16 7.45
CA LYS E 117 -20.98 -10.37 7.69
C LYS E 117 -19.73 -11.24 7.67
N PRO E 118 -18.76 -10.87 6.82
CA PRO E 118 -17.49 -11.61 6.66
C PRO E 118 -16.60 -11.51 7.90
N ILE E 119 -15.71 -12.48 8.07
CA ILE E 119 -14.72 -12.44 9.12
C ILE E 119 -13.77 -11.26 8.89
N GLN E 120 -13.53 -10.49 9.94
CA GLN E 120 -12.74 -9.27 9.85
C GLN E 120 -12.30 -8.83 11.23
N GLY E 121 -11.47 -7.79 11.29
CA GLY E 121 -10.98 -7.27 12.55
C GLY E 121 -9.50 -7.48 12.75
N SER E 122 -9.04 -7.37 13.99
CA SER E 122 -7.64 -7.56 14.33
C SER E 122 -7.15 -8.91 13.83
N ASN E 123 -5.91 -8.94 13.31
CA ASN E 123 -5.31 -10.17 12.83
C ASN E 123 -3.81 -10.23 13.13
N PHE E 124 -3.24 -11.42 13.05
CA PHE E 124 -1.82 -11.62 13.27
C PHE E 124 -1.37 -12.86 12.50
N HIS E 125 -0.49 -12.66 11.53
CA HIS E 125 0.04 -13.76 10.74
C HIS E 125 1.55 -13.83 10.90
N PHE E 126 2.05 -15.01 11.27
CA PHE E 126 3.42 -15.18 11.74
C PHE E 126 3.94 -16.59 11.49
N PHE E 127 5.21 -16.69 11.09
CA PHE E 127 5.84 -18.00 10.96
C PHE E 127 7.33 -17.90 11.29
N ALA E 128 7.91 -19.03 11.69
CA ALA E 128 9.34 -19.11 12.00
C ALA E 128 9.92 -20.46 11.62
N VAL E 129 11.19 -20.47 11.22
CA VAL E 129 11.94 -21.70 10.98
C VAL E 129 13.27 -21.64 11.72
N GLY E 130 13.59 -22.69 12.47
CA GLY E 130 14.83 -22.71 13.24
C GLY E 130 15.33 -24.11 13.57
N GLY E 131 16.61 -24.19 13.97
CA GLY E 131 17.22 -25.46 14.35
C GLY E 131 17.07 -25.76 15.83
N GLU E 132 16.15 -25.03 16.47
CA GLU E 132 15.85 -25.17 17.88
C GLU E 132 14.57 -24.39 18.17
N PRO E 133 13.98 -24.57 19.36
CA PRO E 133 12.75 -23.87 19.71
C PRO E 133 12.89 -22.35 19.63
N LEU E 134 11.82 -21.68 19.21
CA LEU E 134 11.76 -20.23 19.13
C LEU E 134 11.83 -19.60 20.52
N GLU E 135 12.71 -18.63 20.69
CA GLU E 135 12.89 -17.97 21.98
C GLU E 135 11.96 -16.76 22.11
N LEU E 136 11.31 -16.66 23.26
CA LEU E 136 10.22 -15.71 23.46
C LEU E 136 10.52 -14.69 24.57
N GLN E 137 9.88 -13.52 24.44
CA GLN E 137 9.90 -12.48 25.46
C GLN E 137 8.48 -12.13 25.84
N GLY E 138 8.21 -12.07 27.14
CA GLY E 138 6.87 -11.76 27.65
C GLY E 138 6.55 -10.29 27.74
N VAL E 139 5.37 -9.92 27.25
CA VAL E 139 4.82 -8.58 27.40
C VAL E 139 3.31 -8.67 27.61
N LEU E 140 2.80 -7.92 28.57
CA LEU E 140 1.40 -8.04 28.97
C LEU E 140 0.63 -6.71 28.79
N ALA E 141 -0.60 -6.80 28.31
CA ALA E 141 -1.47 -5.63 28.23
C ALA E 141 -1.95 -5.26 29.63
N ASN E 142 -2.29 -6.28 30.41
CA ASN E 142 -2.67 -6.10 31.81
C ASN E 142 -1.91 -7.08 32.69
N TYR E 143 -0.99 -6.57 33.49
CA TYR E 143 -0.08 -7.43 34.26
C TYR E 143 -0.82 -8.17 35.38
N ARG E 144 -2.05 -7.75 35.66
CA ARG E 144 -2.83 -8.34 36.75
C ARG E 144 -3.83 -9.39 36.26
N THR E 145 -3.75 -9.74 34.97
CA THR E 145 -4.59 -10.78 34.39
C THR E 145 -4.32 -12.12 35.07
N LYS E 146 -5.39 -12.83 35.40
CA LYS E 146 -5.27 -14.14 36.04
C LYS E 146 -5.42 -15.23 34.99
N TYR E 147 -4.29 -15.73 34.49
CA TYR E 147 -4.29 -16.71 33.41
C TYR E 147 -4.59 -18.12 33.92
N PRO E 148 -5.30 -18.91 33.10
CA PRO E 148 -5.75 -20.27 33.43
C PRO E 148 -4.58 -21.25 33.51
N ALA E 149 -4.80 -22.41 34.11
CA ALA E 149 -3.69 -23.32 34.45
C ALA E 149 -3.19 -24.18 33.27
N GLN E 150 -3.92 -24.18 32.15
CA GLN E 150 -3.48 -24.94 30.96
C GLN E 150 -2.60 -24.10 30.03
N THR E 151 -2.04 -23.01 30.55
CA THR E 151 -1.20 -22.12 29.76
C THR E 151 0.12 -21.84 30.45
N VAL E 152 1.14 -21.55 29.65
CA VAL E 152 2.41 -21.05 30.14
C VAL E 152 2.54 -19.55 29.91
N THR E 153 2.42 -18.76 30.97
CA THR E 153 2.50 -17.31 30.86
C THR E 153 3.63 -16.75 31.73
N PRO E 154 3.93 -15.45 31.57
CA PRO E 154 5.03 -14.82 32.33
C PRO E 154 4.88 -15.00 33.85
N LYS E 155 5.95 -15.49 34.48
CA LYS E 155 5.98 -15.74 35.92
C LYS E 155 6.26 -14.47 36.71
N ASN E 156 5.61 -14.32 37.85
CA ASN E 156 5.82 -13.18 38.74
C ASN E 156 5.64 -11.85 38.00
N ALA E 157 4.57 -11.75 37.23
CA ALA E 157 4.27 -10.55 36.48
C ALA E 157 4.25 -9.34 37.40
N THR E 158 4.91 -8.27 36.99
CA THR E 158 4.97 -7.06 37.81
C THR E 158 4.49 -5.85 37.03
N VAL E 159 4.67 -4.68 37.64
CA VAL E 159 4.32 -3.41 37.04
C VAL E 159 4.98 -3.22 35.68
N ASP E 160 6.20 -3.73 35.53
CA ASP E 160 6.99 -3.51 34.33
C ASP E 160 6.70 -4.52 33.21
N SER E 161 5.84 -5.49 33.49
CA SER E 161 5.48 -6.52 32.52
C SER E 161 4.65 -5.94 31.37
N GLN E 162 4.19 -4.71 31.56
CA GLN E 162 3.43 -4.01 30.51
C GLN E 162 4.39 -3.21 29.61
N GLN E 163 5.64 -3.12 30.03
CA GLN E 163 6.73 -2.64 29.19
C GLN E 163 7.85 -3.68 29.20
N MET E 164 9.07 -3.27 29.49
CA MET E 164 10.20 -4.23 29.52
C MET E 164 10.38 -4.89 30.89
N ASN E 165 10.23 -6.21 30.92
CA ASN E 165 10.62 -7.01 32.07
C ASN E 165 11.46 -8.19 31.62
N THR E 166 12.78 -8.02 31.69
CA THR E 166 13.72 -8.98 31.08
C THR E 166 13.68 -10.36 31.74
N ASP E 167 12.89 -10.51 32.79
CA ASP E 167 12.77 -11.79 33.47
C ASP E 167 11.90 -12.75 32.68
N HIS E 168 10.99 -12.22 31.89
CA HIS E 168 10.05 -13.04 31.12
C HIS E 168 10.68 -13.57 29.84
N LYS E 169 11.56 -14.57 30.01
CA LYS E 169 12.13 -15.30 28.89
C LYS E 169 11.57 -16.70 28.85
N ALA E 170 11.38 -17.23 27.64
CA ALA E 170 10.86 -18.58 27.47
C ALA E 170 11.18 -19.11 26.08
N VAL E 171 10.82 -20.37 25.84
CA VAL E 171 10.98 -20.98 24.51
C VAL E 171 9.68 -21.65 24.11
N LEU E 172 9.41 -21.65 22.81
CA LEU E 172 8.21 -22.31 22.29
C LEU E 172 8.47 -23.80 22.13
N ASP E 173 8.26 -24.54 23.22
CA ASP E 173 8.54 -25.98 23.23
C ASP E 173 7.26 -26.82 23.32
N LYS E 174 6.12 -26.15 23.48
CA LYS E 174 4.84 -26.83 23.55
C LYS E 174 3.83 -26.20 22.62
N ASP E 175 3.14 -27.05 21.86
CA ASP E 175 2.06 -26.60 21.00
C ASP E 175 0.79 -26.34 21.81
N ASN E 176 0.12 -25.22 21.54
CA ASN E 176 -1.18 -24.91 22.15
C ASN E 176 -1.10 -24.67 23.66
N ALA E 177 -0.09 -23.90 24.09
CA ALA E 177 0.11 -23.67 25.51
C ALA E 177 0.60 -22.25 25.81
N TYR E 178 1.34 -21.66 24.85
CA TYR E 178 1.80 -20.28 24.98
C TYR E 178 0.83 -19.29 24.32
N PRO E 179 0.05 -18.56 25.13
CA PRO E 179 -0.94 -17.61 24.59
C PRO E 179 -0.28 -16.53 23.75
N VAL E 180 -0.82 -16.29 22.56
CA VAL E 180 -0.25 -15.29 21.67
C VAL E 180 -0.15 -13.92 22.36
N GLU E 181 -1.18 -13.55 23.12
CA GLU E 181 -1.25 -12.22 23.74
C GLU E 181 -0.22 -12.00 24.85
N CYS E 182 0.55 -13.03 25.18
CA CYS E 182 1.52 -12.95 26.29
C CYS E 182 2.95 -12.87 25.80
N TRP E 183 3.23 -13.44 24.63
CA TRP E 183 4.61 -13.64 24.18
C TRP E 183 4.88 -13.11 22.78
N VAL E 184 6.10 -12.60 22.59
CA VAL E 184 6.61 -12.26 21.26
C VAL E 184 7.98 -12.89 21.09
N PRO E 185 8.40 -13.11 19.84
CA PRO E 185 9.77 -13.58 19.63
C PRO E 185 10.78 -12.57 20.17
N ASP E 186 11.83 -13.08 20.81
CA ASP E 186 12.86 -12.25 21.42
C ASP E 186 13.96 -11.91 20.43
N PRO E 187 14.06 -10.62 20.05
CA PRO E 187 15.06 -10.13 19.08
C PRO E 187 16.48 -10.13 19.64
N SER E 188 16.62 -10.23 20.96
CA SER E 188 17.96 -10.25 21.59
C SER E 188 18.56 -11.66 21.57
N LYS E 189 17.78 -12.62 21.10
CA LYS E 189 18.25 -13.99 20.91
C LYS E 189 17.90 -14.47 19.51
N ASN E 190 17.55 -15.74 19.36
CA ASN E 190 17.08 -16.30 18.09
C ASN E 190 18.13 -16.24 16.99
N GLU E 191 19.38 -16.43 17.38
CA GLU E 191 20.49 -16.48 16.43
C GLU E 191 20.37 -17.65 15.46
N ASN E 192 19.65 -18.70 15.86
CA ASN E 192 19.52 -19.92 15.07
C ASN E 192 18.09 -20.12 14.53
N THR E 193 17.33 -19.03 14.50
CA THR E 193 15.96 -19.03 13.98
C THR E 193 15.69 -17.80 13.12
N ARG E 194 14.85 -17.96 12.09
CA ARG E 194 14.36 -16.84 11.29
C ARG E 194 12.86 -16.69 11.47
N TYR E 195 12.39 -15.50 11.82
CA TYR E 195 10.94 -15.30 12.02
C TYR E 195 10.40 -14.06 11.30
N PHE E 196 9.10 -14.09 10.99
CA PHE E 196 8.41 -13.03 10.28
C PHE E 196 6.98 -12.91 10.75
N GLY E 197 6.56 -11.70 11.13
CA GLY E 197 5.17 -11.49 11.56
C GLY E 197 4.59 -10.12 11.29
N THR E 198 3.28 -10.05 11.13
CA THR E 198 2.59 -8.77 10.98
C THR E 198 1.32 -8.72 11.83
N TYR E 199 1.21 -7.68 12.67
CA TYR E 199 0.00 -7.42 13.44
C TYR E 199 -0.82 -6.26 12.84
N THR E 200 -2.13 -6.47 12.71
CA THR E 200 -3.04 -5.40 12.31
C THR E 200 -4.18 -5.27 13.33
N GLY E 201 -4.38 -4.06 13.85
CA GLY E 201 -5.42 -3.82 14.85
C GLY E 201 -6.58 -2.96 14.37
N GLY E 202 -7.78 -3.27 14.85
CA GLY E 202 -8.99 -2.55 14.45
C GLY E 202 -10.11 -3.52 14.11
N GLU E 203 -11.30 -3.27 14.67
CA GLU E 203 -12.38 -4.27 14.59
C GLU E 203 -12.97 -4.40 13.18
N ASN E 204 -12.69 -3.45 12.30
CA ASN E 204 -13.24 -3.49 10.93
C ASN E 204 -12.16 -3.75 9.87
N VAL E 205 -10.97 -4.15 10.32
CA VAL E 205 -9.86 -4.40 9.39
C VAL E 205 -10.14 -5.57 8.45
N PRO E 206 -10.05 -5.32 7.14
CA PRO E 206 -10.21 -6.36 6.13
C PRO E 206 -9.00 -7.26 6.01
N PRO E 207 -9.20 -8.58 6.15
CA PRO E 207 -8.13 -9.54 5.86
C PRO E 207 -7.69 -9.48 4.40
N VAL E 208 -6.37 -9.51 4.20
CA VAL E 208 -5.77 -9.58 2.87
C VAL E 208 -4.80 -10.74 2.84
N LEU E 209 -5.12 -11.78 2.08
CA LEU E 209 -4.34 -13.01 2.09
C LEU E 209 -3.99 -13.49 0.67
N HIS E 210 -2.69 -13.62 0.41
CA HIS E 210 -2.18 -14.07 -0.88
C HIS E 210 -1.77 -15.54 -0.85
N ILE E 211 -2.01 -16.24 -1.95
CA ILE E 211 -1.57 -17.63 -2.10
C ILE E 211 -0.84 -17.84 -3.42
N THR E 212 0.19 -18.68 -3.38
CA THR E 212 1.00 -19.01 -4.56
C THR E 212 1.95 -20.15 -4.22
N ASN E 213 2.43 -20.84 -5.25
CA ASN E 213 3.48 -21.86 -5.05
C ASN E 213 4.81 -21.43 -5.66
N THR E 214 4.93 -20.14 -5.95
CA THR E 214 6.12 -19.60 -6.63
C THR E 214 6.97 -18.71 -5.72
N ALA E 215 6.53 -18.51 -4.48
CA ALA E 215 7.25 -17.64 -3.54
C ALA E 215 8.15 -18.43 -2.58
N THR E 216 9.43 -18.08 -2.58
CA THR E 216 10.43 -18.71 -1.70
C THR E 216 11.11 -17.69 -0.78
N THR E 217 11.30 -18.06 0.47
CA THR E 217 12.07 -17.24 1.40
C THR E 217 13.42 -17.89 1.68
N VAL E 218 14.48 -17.12 1.59
CA VAL E 218 15.83 -17.62 1.84
C VAL E 218 16.18 -17.44 3.31
N LEU E 219 16.77 -18.46 3.92
CA LEU E 219 16.95 -18.49 5.38
C LEU E 219 18.41 -18.25 5.80
N LEU E 220 19.28 -18.00 4.83
CA LEU E 220 20.68 -17.70 5.13
C LEU E 220 20.82 -16.30 5.74
N ASP E 221 21.74 -16.16 6.70
CA ASP E 221 21.97 -14.88 7.37
C ASP E 221 23.03 -14.06 6.64
N GLU E 222 23.44 -12.93 7.21
CA GLU E 222 24.36 -12.05 6.47
C GLU E 222 25.72 -12.76 6.23
N GLN E 223 25.94 -13.89 6.88
CA GLN E 223 27.18 -14.65 6.71
C GLN E 223 27.01 -15.76 5.68
N GLY E 224 25.79 -15.98 5.23
CA GLY E 224 25.50 -17.05 4.28
C GLY E 224 25.25 -18.38 4.98
N VAL E 225 24.83 -18.32 6.23
CA VAL E 225 24.52 -19.51 7.00
C VAL E 225 23.05 -19.54 7.40
N GLY E 226 22.37 -20.65 7.09
CA GLY E 226 21.00 -20.88 7.54
C GLY E 226 20.96 -21.56 8.89
N PRO E 227 19.76 -21.67 9.50
CA PRO E 227 19.61 -22.35 10.78
C PRO E 227 20.20 -23.75 10.77
N LEU E 228 20.95 -24.08 11.82
CA LEU E 228 21.62 -25.36 11.91
C LEU E 228 20.89 -26.29 12.90
N CYS E 229 20.33 -27.37 12.38
CA CYS E 229 19.42 -28.23 13.15
C CYS E 229 20.13 -29.08 14.19
N LYS E 230 20.08 -28.61 15.44
CA LYS E 230 20.69 -29.31 16.56
C LYS E 230 19.98 -30.63 16.83
N ALA E 231 20.76 -31.68 17.07
CA ALA E 231 20.19 -33.00 17.33
C ALA E 231 19.32 -33.46 16.16
N ASP E 232 19.68 -33.06 14.95
CA ASP E 232 18.98 -33.47 13.74
C ASP E 232 17.48 -33.19 13.82
N SER E 233 17.12 -32.01 14.31
CA SER E 233 15.72 -31.61 14.44
C SER E 233 15.46 -30.19 13.92
N LEU E 234 14.32 -30.01 13.28
CA LEU E 234 13.89 -28.72 12.74
C LEU E 234 12.63 -28.26 13.45
N TYR E 235 12.55 -26.97 13.78
CA TYR E 235 11.36 -26.42 14.43
C TYR E 235 10.60 -25.45 13.53
N VAL E 236 9.28 -25.63 13.45
CA VAL E 236 8.43 -24.69 12.75
C VAL E 236 7.35 -24.16 13.69
N SER E 237 7.15 -22.85 13.68
CA SER E 237 6.20 -22.18 14.55
C SER E 237 5.28 -21.27 13.74
N ALA E 238 4.07 -21.00 14.23
CA ALA E 238 3.10 -20.22 13.48
C ALA E 238 1.95 -19.67 14.31
N VAL E 239 1.45 -18.51 13.89
CA VAL E 239 0.18 -17.98 14.33
C VAL E 239 -0.53 -17.39 13.11
N ASP E 240 -1.81 -17.69 12.95
CA ASP E 240 -2.58 -17.14 11.83
C ASP E 240 -4.01 -16.77 12.24
N ILE E 241 -4.10 -15.76 13.10
CA ILE E 241 -5.37 -15.18 13.49
C ILE E 241 -5.89 -14.30 12.34
N CYS E 242 -6.97 -14.75 11.69
CA CYS E 242 -7.47 -14.09 10.49
C CYS E 242 -8.38 -12.91 10.81
N GLY E 243 -8.97 -12.95 12.01
CA GLY E 243 -9.91 -11.92 12.43
C GLY E 243 -10.98 -12.47 13.35
N LEU E 244 -12.12 -11.81 13.40
CA LEU E 244 -13.22 -12.23 14.26
C LEU E 244 -14.40 -12.76 13.45
N PHE E 245 -14.95 -13.89 13.90
CA PHE E 245 -16.21 -14.39 13.36
C PHE E 245 -17.35 -13.85 14.20
N THR E 246 -18.37 -13.28 13.54
CA THR E 246 -19.52 -12.74 14.24
C THR E 246 -20.73 -13.66 14.09
N ASN E 247 -21.26 -14.10 15.23
CA ASN E 247 -22.45 -14.92 15.24
C ASN E 247 -23.69 -14.08 15.00
N THR E 248 -24.82 -14.74 14.75
CA THR E 248 -26.10 -14.07 14.60
C THR E 248 -26.38 -13.25 15.86
N SER E 249 -26.11 -13.84 17.01
CA SER E 249 -26.38 -13.20 18.30
C SER E 249 -25.52 -11.96 18.54
N GLY E 250 -24.44 -11.81 17.78
CA GLY E 250 -23.53 -10.69 17.96
C GLY E 250 -22.26 -11.05 18.71
N THR E 251 -22.22 -12.27 19.26
CA THR E 251 -21.02 -12.75 19.95
C THR E 251 -19.92 -12.99 18.93
N GLN E 252 -18.67 -12.93 19.39
CA GLN E 252 -17.54 -13.04 18.47
C GLN E 252 -16.46 -13.98 18.98
N GLN E 253 -15.79 -14.65 18.06
CA GLN E 253 -14.68 -15.53 18.39
C GLN E 253 -13.61 -15.47 17.30
N TRP E 254 -12.34 -15.60 17.70
CA TRP E 254 -11.23 -15.57 16.76
C TRP E 254 -11.31 -16.70 15.75
N LYS E 255 -10.89 -16.42 14.51
CA LYS E 255 -10.76 -17.45 13.49
C LYS E 255 -9.30 -17.65 13.13
N GLY E 256 -8.89 -18.91 12.98
CA GLY E 256 -7.55 -19.26 12.54
C GLY E 256 -7.59 -20.22 11.36
N LEU E 257 -6.47 -20.32 10.64
CA LEU E 257 -6.34 -21.27 9.56
C LEU E 257 -5.00 -22.00 9.66
N PRO E 258 -4.93 -23.22 9.11
CA PRO E 258 -3.68 -24.00 9.12
C PRO E 258 -2.60 -23.35 8.28
N ARG E 259 -1.36 -23.78 8.49
CA ARG E 259 -0.23 -23.25 7.72
C ARG E 259 0.65 -24.39 7.22
N TYR E 260 1.10 -24.27 5.98
CA TYR E 260 1.95 -25.27 5.35
C TYR E 260 3.41 -24.81 5.29
N PHE E 261 4.32 -25.76 5.47
CA PHE E 261 5.75 -25.49 5.36
C PHE E 261 6.43 -26.46 4.40
N LYS E 262 7.42 -25.97 3.68
CA LYS E 262 8.24 -26.81 2.82
C LYS E 262 9.66 -26.29 2.86
N ILE E 263 10.51 -26.98 3.61
CA ILE E 263 11.87 -26.53 3.84
C ILE E 263 12.90 -27.39 3.12
N THR E 264 13.87 -26.72 2.51
CA THR E 264 14.99 -27.39 1.86
C THR E 264 16.25 -27.23 2.70
N LEU E 265 16.96 -28.33 2.93
CA LEU E 265 18.16 -28.31 3.77
C LEU E 265 19.37 -28.91 3.06
N ARG E 266 20.56 -28.47 3.47
CA ARG E 266 21.80 -29.04 2.96
C ARG E 266 22.69 -29.49 4.11
N LYS E 267 23.63 -30.37 3.83
CA LYS E 267 24.59 -30.82 4.84
C LYS E 267 25.73 -29.84 4.95
N ARG E 268 25.97 -29.36 6.17
CA ARG E 268 27.03 -28.40 6.42
C ARG E 268 28.08 -28.99 7.35
N SER E 269 29.35 -28.80 7.00
CA SER E 269 30.43 -29.15 7.91
C SER E 269 30.46 -28.14 9.04
N VAL E 270 30.64 -28.62 10.27
CA VAL E 270 30.77 -27.72 11.41
C VAL E 270 31.84 -28.25 12.35
N LYS E 271 32.31 -27.39 13.25
CA LYS E 271 33.35 -27.77 14.19
C LYS E 271 32.78 -28.15 15.56
N ASN E 272 33.42 -29.11 16.23
CA ASN E 272 33.09 -29.43 17.61
C ASN E 272 34.14 -30.33 18.27
#